data_7ZRD
#
_entry.id   7ZRD
#
_cell.length_a   1.00
_cell.length_b   1.00
_cell.length_c   1.00
_cell.angle_alpha   90.00
_cell.angle_beta   90.00
_cell.angle_gamma   90.00
#
_symmetry.space_group_name_H-M   'P 1'
#
loop_
_entity.id
_entity.type
_entity.pdbx_description
1 polymer 'Potassium-transporting ATPase potassium-binding subunit'
2 polymer 'Potassium-transporting ATPase KdpC subunit'
3 polymer 'Potassium-transporting ATPase KdpF subunit'
4 polymer 'Potassium-transporting ATPase ATP-binding subunit'
5 non-polymer 'POTASSIUM ION'
6 non-polymer CARDIOLIPIN
7 non-polymer 'VANADATE ION'
#
loop_
_entity_poly.entity_id
_entity_poly.type
_entity_poly.pdbx_seq_one_letter_code
_entity_poly.pdbx_strand_id
1 'polypeptide(L)'
;MAAQGFLLIATFLLVLMVLARPLGSGLARLINDIPLPGTTGVERVLFRALGVSDREMNWKQYLCAILGLNMLGLAVLFFM
LLGQHYLPLNPQQLPGLSWDLALNTAVSFVTNTNWQSYSGETTLSYFSQMAGLTVQNFLSAASGIAVIFALIRAFTRQSM
STLGNAWVDLLRITLWVLVPVALLIALFFIQQGALQNFLPYQAVNTVEGAQQLLPMGPVASQEAIKMLGTNGGGFFNANS
SHPFENPTALTNFVQMLAIFLIPTALCFAFGEVMGDRRQGRMLLWAMSVIFVICVGVVMWAEVQGNPHLLALGTDSSINM
EGKESRFGVLVSSLFAVVTTAASCGAVIAMHDSFTALGGMVPMWLMQIGEVVFGGVGSGLYGMMLFVLLAVFIAGLMIGR
TPEYLGKKIDVREMKLTALAILVTPTLVLMGAALAMMTDAGRSAMLNPGPHGFSEVLYAVSSAANNNGSAFAGLSANSPF
WNCLLAFCMFVGRFGVIIPVMAIAGSLVSKKSQAASSGTLPTHGPLFVGLLIGTVLLVGALTFIPALALGPVAEYLS
;
A
2 'polypeptide(L)'
;MSGLRPALSTFIFLLLITGGVYPLLTTVLGQWWFPWQANGSLIREGDTVRGSALIGQNFTGNGYFHGRPSATAEMPYNPQ
ASGGSNLAVSNPELDKLIAARVAALRAANPDASASVPVELVTASASGLDNNITPQAAAWQIPRVAKARNLSVEQLTQLIA
KYSQQPLVKYIGQPVVNIVELNLALDKLDE
;
C
3 'polypeptide(L)' MSAGVITGVLLVFLLLGYLVYALINAEAF D
4 'polypeptide(L)'
;MSRKQLALFEPTLVVQALKEAVKKLNPQAQWRNPVMFIVWIGSLLTTCISIAMASGAMPGNALFSAAISGWLWITVLFAN
FAEALAEGRSKAQANSLKGVKKTAFARKLREPKYGAAADKVPADQLRKGDIVLVEAGDIIPCDGEVIEGGASVDESAITG
E(SEP)APVIRESGGDFASVTGGTRILSDWLVIECSVNPGETFLDRMIAMVEGAQRRKTPNEIALTILLIALTIVFLLAT
ATLWPFSAWGGNAVSVTVLVALLVCLIPTTIGGLLSAIGVAGMSRMLGANVIATSGRAVEAAGDVDVLLLDKTGTITLGN
RQASEFIPAQGVDEKTLADAAQLASLADETPEGRSIVILAKQRFNLRERDVQSLHATFVPFTAQSRMSGINIDNRMIRKG
SVDAIRRHVEANGGHFPTDVDQKVDQVARQGATPLVVVEGSRVLGVIALKDIVKGGIKERFAQLRKMGIKTVMITGDNRL
TAAAIAAEAGVDDFLAEATPEAKLALIRQYQAEGRLVAMTGDGTNDAPALAQADVAVAMNSGTQAAKEAGNMVDLDSNPT
KLIEVVHIGKQMLMTRGSLTTFSIANDVAKYFAIIPAAFAATYPQLNALNIMCLHSPDSAILSAVIFNALIIVFLIPLAL
KGVSYKPLTASAMLRRNLWIYGLGGLLVPFIGIKVIDLLLTVCGLV
;
B
#
loop_
_chem_comp.id
_chem_comp.type
_chem_comp.name
_chem_comp.formula
CDL non-polymer CARDIOLIPIN 'C81 H156 O17 P2 -2'
K non-polymer 'POTASSIUM ION' 'K 1'
VO4 non-polymer 'VANADATE ION' 'O4 V -3'
#
# COMPACT_ATOMS: atom_id res chain seq x y z
N MET A 1 26.23 -27.74 5.19
CA MET A 1 26.10 -26.50 4.43
C MET A 1 24.85 -25.74 4.83
N ALA A 2 23.70 -26.44 4.81
CA ALA A 2 22.44 -25.82 5.22
C ALA A 2 22.45 -25.49 6.70
N ALA A 3 23.01 -26.38 7.53
CA ALA A 3 23.10 -26.10 8.96
C ALA A 3 24.04 -24.93 9.25
N GLN A 4 25.16 -24.86 8.53
CA GLN A 4 26.08 -23.74 8.68
C GLN A 4 25.44 -22.42 8.24
N GLY A 5 24.68 -22.45 7.15
CA GLY A 5 23.97 -21.25 6.72
C GLY A 5 22.90 -20.81 7.70
N PHE A 6 22.14 -21.77 8.25
CA PHE A 6 21.11 -21.44 9.24
C PHE A 6 21.75 -20.88 10.52
N LEU A 7 22.87 -21.46 10.95
CA LEU A 7 23.58 -20.94 12.11
C LEU A 7 24.10 -19.54 11.85
N LEU A 8 24.58 -19.27 10.64
CA LEU A 8 25.08 -17.94 10.28
C LEU A 8 23.96 -16.91 10.31
N ILE A 9 22.80 -17.24 9.73
CA ILE A 9 21.66 -16.32 9.74
C ILE A 9 21.18 -16.07 11.16
N ALA A 10 21.09 -17.15 11.96
CA ALA A 10 20.58 -17.02 13.32
C ALA A 10 21.51 -16.18 14.19
N THR A 11 22.82 -16.40 14.11
CA THR A 11 23.72 -15.61 14.93
C THR A 11 23.83 -14.18 14.43
N PHE A 12 23.66 -13.95 13.11
CA PHE A 12 23.68 -12.59 12.58
C PHE A 12 22.48 -11.81 13.08
N LEU A 13 21.30 -12.43 13.03
CA LEU A 13 20.09 -11.76 13.51
C LEU A 13 20.12 -11.55 15.02
N LEU A 14 20.67 -12.52 15.76
CA LEU A 14 20.74 -12.39 17.22
C LEU A 14 21.68 -11.26 17.64
N VAL A 15 22.89 -11.21 17.07
CA VAL A 15 23.83 -10.15 17.40
C VAL A 15 23.32 -8.81 16.91
N LEU A 16 22.61 -8.78 15.78
CA LEU A 16 22.02 -7.55 15.29
C LEU A 16 20.94 -7.00 16.23
N MET A 17 20.07 -7.88 16.74
CA MET A 17 19.03 -7.42 17.66
C MET A 17 19.62 -6.93 18.98
N VAL A 18 20.56 -7.69 19.56
CA VAL A 18 21.15 -7.28 20.82
C VAL A 18 22.12 -6.12 20.69
N LEU A 19 22.53 -5.77 19.47
CA LEU A 19 23.30 -4.55 19.28
C LEU A 19 22.43 -3.35 18.97
N ALA A 20 21.30 -3.55 18.28
CA ALA A 20 20.47 -2.44 17.86
C ALA A 20 19.37 -2.07 18.86
N ARG A 21 19.16 -2.86 19.90
CA ARG A 21 18.27 -2.41 20.97
C ARG A 21 18.76 -1.14 21.71
N PRO A 22 20.01 -1.05 22.21
CA PRO A 22 20.39 0.20 22.89
C PRO A 22 20.59 1.36 21.95
N LEU A 23 21.07 1.12 20.72
CA LEU A 23 21.10 2.17 19.72
C LEU A 23 19.68 2.59 19.33
N GLY A 24 18.73 1.66 19.38
CA GLY A 24 17.34 2.03 19.18
C GLY A 24 16.82 2.95 20.28
N SER A 25 17.20 2.68 21.53
CA SER A 25 16.82 3.56 22.63
C SER A 25 17.47 4.94 22.49
N GLY A 26 18.74 4.98 22.07
CA GLY A 26 19.41 6.26 21.86
C GLY A 26 18.82 7.07 20.73
N LEU A 27 18.45 6.39 19.63
CA LEU A 27 17.80 7.08 18.52
C LEU A 27 16.39 7.53 18.89
N ALA A 28 15.70 6.78 19.75
CA ALA A 28 14.41 7.23 20.26
C ALA A 28 14.55 8.47 21.12
N ARG A 29 15.62 8.52 21.93
CA ARG A 29 15.92 9.74 22.69
C ARG A 29 16.23 10.91 21.76
N LEU A 30 16.93 10.65 20.66
CA LEU A 30 17.21 11.71 19.69
C LEU A 30 15.94 12.20 19.00
N ILE A 31 15.00 11.28 18.70
CA ILE A 31 13.73 11.66 18.10
C ILE A 31 12.91 12.50 19.07
N ASN A 32 12.86 12.08 20.34
CA ASN A 32 11.99 12.71 21.34
C ASN A 32 12.51 14.06 21.82
N ASP A 33 13.62 14.57 21.27
CA ASP A 33 14.22 15.90 21.41
C ASP A 33 14.95 16.03 22.76
N ILE A 34 14.87 15.03 23.64
CA ILE A 34 15.71 15.01 24.84
C ILE A 34 17.16 14.79 24.39
N PRO A 35 18.09 15.67 24.78
CA PRO A 35 19.49 15.47 24.39
C PRO A 35 20.10 14.27 25.10
N LEU A 36 21.12 13.70 24.46
CA LEU A 36 21.80 12.54 25.01
C LEU A 36 22.54 12.91 26.28
N PRO A 37 22.66 11.98 27.23
CA PRO A 37 23.33 12.30 28.51
C PRO A 37 24.82 12.56 28.31
N GLY A 38 25.30 13.62 28.95
CA GLY A 38 26.68 14.03 28.81
C GLY A 38 26.96 14.92 27.61
N THR A 39 25.97 15.19 26.77
CA THR A 39 26.16 15.97 25.57
C THR A 39 25.62 17.40 25.67
N THR A 40 24.63 17.63 26.53
CA THR A 40 24.06 18.97 26.67
C THR A 40 25.06 19.90 27.36
N GLY A 41 24.85 21.20 27.15
CA GLY A 41 25.82 22.19 27.56
C GLY A 41 26.83 22.43 26.46
N VAL A 42 27.60 21.38 26.12
CA VAL A 42 28.48 21.42 24.95
C VAL A 42 27.65 21.57 23.68
N GLU A 43 26.54 20.83 23.60
CA GLU A 43 25.62 20.96 22.48
C GLU A 43 24.99 22.35 22.43
N ARG A 44 24.68 22.92 23.60
CA ARG A 44 24.07 24.25 23.66
C ARG A 44 25.04 25.33 23.18
N VAL A 45 26.30 25.29 23.66
CA VAL A 45 27.26 26.30 23.23
C VAL A 45 27.67 26.08 21.77
N LEU A 46 27.66 24.83 21.29
CA LEU A 46 27.93 24.57 19.89
C LEU A 46 26.81 25.12 19.00
N PHE A 47 25.56 24.96 19.42
CA PHE A 47 24.44 25.49 18.65
C PHE A 47 24.43 27.01 18.68
N ARG A 48 24.79 27.61 19.81
CA ARG A 48 24.90 29.06 19.89
C ARG A 48 26.04 29.60 19.02
N ALA A 49 27.15 28.85 18.94
CA ALA A 49 28.25 29.26 18.08
C ALA A 49 27.90 29.12 16.60
N LEU A 50 27.23 28.03 16.23
CA LEU A 50 26.83 27.83 14.85
C LEU A 50 25.62 28.66 14.44
N GLY A 51 24.91 29.26 15.40
CA GLY A 51 23.82 30.15 15.08
C GLY A 51 22.52 29.47 14.69
N VAL A 52 22.42 28.15 14.87
CA VAL A 52 21.18 27.46 14.53
C VAL A 52 20.09 27.80 15.54
N SER A 53 20.45 27.88 16.82
CA SER A 53 19.62 28.32 17.96
C SER A 53 18.38 27.41 18.05
N ASP A 54 17.22 27.95 18.40
CA ASP A 54 15.98 27.19 18.48
C ASP A 54 15.07 27.68 17.35
N ARG A 55 14.98 26.88 16.28
CA ARG A 55 14.15 27.21 15.12
C ARG A 55 13.23 26.00 14.89
N GLU A 56 12.11 25.98 15.60
CA GLU A 56 11.12 24.91 15.47
C GLU A 56 10.27 25.20 14.23
N MET A 57 10.61 24.56 13.12
CA MET A 57 10.04 24.90 11.83
C MET A 57 9.26 23.74 11.23
N ASN A 58 8.48 24.07 10.20
CA ASN A 58 7.50 23.18 9.61
C ASN A 58 8.11 22.31 8.52
N TRP A 59 7.26 21.60 7.78
CA TRP A 59 7.73 20.63 6.80
C TRP A 59 8.34 21.30 5.58
N LYS A 60 7.83 22.48 5.18
CA LYS A 60 8.38 23.18 4.03
C LYS A 60 9.80 23.66 4.32
N GLN A 61 10.02 24.24 5.50
CA GLN A 61 11.37 24.68 5.86
C GLN A 61 12.28 23.51 6.16
N TYR A 62 11.75 22.41 6.69
CA TYR A 62 12.55 21.20 6.90
C TYR A 62 13.04 20.62 5.57
N LEU A 63 12.13 20.51 4.59
CA LEU A 63 12.48 20.00 3.27
C LEU A 63 13.44 20.94 2.55
N CYS A 64 13.22 22.25 2.68
CA CYS A 64 14.15 23.22 2.11
C CYS A 64 15.52 23.15 2.75
N ALA A 65 15.57 22.86 4.06
CA ALA A 65 16.84 22.68 4.76
C ALA A 65 17.59 21.47 4.22
N ILE A 66 16.89 20.34 4.07
CA ILE A 66 17.53 19.11 3.59
C ILE A 66 18.01 19.28 2.16
N LEU A 67 17.17 19.85 1.28
CA LEU A 67 17.58 20.03 -0.11
C LEU A 67 18.66 21.10 -0.25
N GLY A 68 18.64 22.13 0.59
CA GLY A 68 19.71 23.12 0.53
C GLY A 68 21.06 22.56 0.95
N LEU A 69 21.07 21.74 2.01
CA LEU A 69 22.31 21.08 2.41
C LEU A 69 22.80 20.11 1.34
N ASN A 70 21.86 19.40 0.70
CA ASN A 70 22.26 18.44 -0.34
C ASN A 70 22.80 19.14 -1.58
N MET A 71 22.17 20.25 -2.02
CA MET A 71 22.72 21.01 -3.15
C MET A 71 24.06 21.66 -2.81
N LEU A 72 24.23 22.15 -1.58
CA LEU A 72 25.52 22.72 -1.18
C LEU A 72 26.62 21.66 -1.21
N GLY A 73 26.32 20.46 -0.68
CA GLY A 73 27.28 19.38 -0.74
C GLY A 73 27.57 18.92 -2.16
N LEU A 74 26.54 18.92 -3.02
CA LEU A 74 26.72 18.52 -4.42
C LEU A 74 27.61 19.50 -5.16
N ALA A 75 27.40 20.81 -4.95
CA ALA A 75 28.24 21.81 -5.59
C ALA A 75 29.68 21.72 -5.11
N VAL A 76 29.87 21.56 -3.79
CA VAL A 76 31.21 21.47 -3.23
C VAL A 76 31.94 20.24 -3.74
N LEU A 77 31.27 19.08 -3.76
CA LEU A 77 31.90 17.86 -4.24
C LEU A 77 32.17 17.89 -5.74
N PHE A 78 31.26 18.48 -6.52
CA PHE A 78 31.46 18.56 -7.97
C PHE A 78 32.65 19.45 -8.31
N PHE A 79 32.77 20.60 -7.63
CA PHE A 79 33.91 21.46 -7.92
C PHE A 79 35.21 20.90 -7.35
N MET A 80 35.14 20.13 -6.25
CA MET A 80 36.32 19.46 -5.73
C MET A 80 36.81 18.37 -6.68
N LEU A 81 35.87 17.61 -7.27
CA LEU A 81 36.27 16.55 -8.20
C LEU A 81 36.78 17.13 -9.52
N LEU A 82 36.22 18.26 -9.96
CA LEU A 82 36.77 18.92 -11.14
C LEU A 82 38.15 19.52 -10.86
N GLY A 83 38.38 20.00 -9.64
CA GLY A 83 39.66 20.60 -9.33
C GLY A 83 40.50 19.81 -8.35
N GLN A 84 40.53 18.48 -8.50
CA GLN A 84 41.28 17.65 -7.57
C GLN A 84 42.78 17.68 -7.81
N HIS A 85 43.24 18.17 -8.96
CA HIS A 85 44.65 18.32 -9.21
C HIS A 85 45.19 19.68 -8.79
N TYR A 86 44.32 20.55 -8.26
CA TYR A 86 44.72 21.81 -7.66
C TYR A 86 44.71 21.74 -6.13
N LEU A 87 44.64 20.53 -5.57
CA LEU A 87 44.48 20.29 -4.14
C LEU A 87 45.60 19.40 -3.63
N PRO A 88 45.95 19.48 -2.32
CA PRO A 88 47.04 18.65 -1.80
C PRO A 88 46.67 17.18 -1.65
N LEU A 89 47.57 16.41 -1.02
CA LEU A 89 47.40 14.98 -0.77
C LEU A 89 47.18 14.20 -2.07
N ASN A 90 47.99 14.52 -3.07
CA ASN A 90 47.92 13.88 -4.39
C ASN A 90 49.32 13.39 -4.75
N PRO A 91 49.76 12.26 -4.20
CA PRO A 91 51.13 11.79 -4.48
C PRO A 91 51.29 11.17 -5.85
N GLN A 92 50.23 10.64 -6.44
CA GLN A 92 50.29 10.03 -7.77
C GLN A 92 50.11 11.05 -8.89
N GLN A 93 49.89 12.32 -8.54
CA GLN A 93 49.65 13.42 -9.50
C GLN A 93 48.48 13.09 -10.43
N LEU A 94 47.39 12.61 -9.84
CA LEU A 94 46.22 12.23 -10.62
C LEU A 94 45.53 13.49 -11.17
N PRO A 95 45.11 13.47 -12.42
CA PRO A 95 44.48 14.65 -13.00
C PRO A 95 43.06 14.84 -12.48
N GLY A 96 42.50 16.00 -12.78
CA GLY A 96 41.14 16.29 -12.40
C GLY A 96 40.15 15.45 -13.19
N LEU A 97 39.01 15.17 -12.57
CA LEU A 97 38.01 14.32 -13.18
C LEU A 97 37.30 15.06 -14.30
N SER A 98 36.75 14.28 -15.24
CA SER A 98 35.97 14.86 -16.32
C SER A 98 34.62 15.33 -15.79
N TRP A 99 33.90 16.07 -16.64
CA TRP A 99 32.63 16.67 -16.22
C TRP A 99 31.57 15.60 -15.93
N ASP A 100 31.47 14.58 -16.79
CA ASP A 100 30.45 13.56 -16.61
C ASP A 100 30.76 12.67 -15.41
N LEU A 101 32.02 12.27 -15.26
CA LEU A 101 32.42 11.44 -14.13
C LEU A 101 32.28 12.20 -12.81
N ALA A 102 32.66 13.48 -12.80
CA ALA A 102 32.53 14.29 -11.60
C ALA A 102 31.07 14.51 -11.23
N LEU A 103 30.21 14.77 -12.22
CA LEU A 103 28.79 14.95 -11.96
C LEU A 103 28.15 13.66 -11.46
N ASN A 104 28.49 12.53 -12.07
CA ASN A 104 27.92 11.25 -11.64
C ASN A 104 28.40 10.87 -10.25
N THR A 105 29.68 11.10 -9.94
CA THR A 105 30.19 10.80 -8.60
C THR A 105 29.58 11.71 -7.55
N ALA A 106 29.42 13.01 -7.88
CA ALA A 106 28.81 13.95 -6.94
C ALA A 106 27.36 13.58 -6.66
N VAL A 107 26.59 13.24 -7.70
CA VAL A 107 25.19 12.86 -7.51
C VAL A 107 25.10 11.54 -6.75
N SER A 108 25.96 10.57 -7.07
CA SER A 108 25.90 9.27 -6.42
C SER A 108 26.34 9.33 -4.97
N PHE A 109 27.16 10.32 -4.60
CA PHE A 109 27.59 10.42 -3.21
C PHE A 109 26.73 11.38 -2.39
N VAL A 110 26.01 12.29 -3.03
CA VAL A 110 25.06 13.12 -2.29
C VAL A 110 23.73 12.41 -2.11
N THR A 111 23.27 11.70 -3.13
CA THR A 111 22.00 10.97 -3.07
C THR A 111 22.12 9.61 -2.40
N ASN A 112 23.22 9.36 -1.66
CA ASN A 112 23.44 8.13 -0.90
C ASN A 112 23.35 6.89 -1.78
N THR A 113 23.89 6.98 -3.00
CA THR A 113 23.88 5.87 -3.94
C THR A 113 25.25 5.20 -4.05
N ASN A 114 26.31 6.00 -4.17
CA ASN A 114 27.70 5.55 -4.11
C ASN A 114 28.04 4.58 -5.23
N TRP A 115 27.85 5.06 -6.46
CA TRP A 115 28.15 4.28 -7.66
C TRP A 115 29.57 4.57 -8.11
N GLN A 116 30.41 3.54 -8.15
CA GLN A 116 31.80 3.67 -8.56
C GLN A 116 31.92 3.14 -9.99
N SER A 117 31.63 4.01 -10.96
CA SER A 117 31.83 3.66 -12.36
C SER A 117 33.30 3.65 -12.74
N TYR A 118 34.14 4.34 -11.98
CA TYR A 118 35.56 4.45 -12.20
C TYR A 118 36.31 3.41 -11.37
N SER A 119 37.63 3.55 -11.31
CA SER A 119 38.46 2.86 -10.33
C SER A 119 39.02 3.95 -9.41
N GLY A 120 38.64 3.88 -8.13
CA GLY A 120 38.99 4.96 -7.20
C GLY A 120 40.48 5.08 -6.96
N GLU A 121 41.17 3.94 -6.89
CA GLU A 121 42.60 3.88 -6.60
C GLU A 121 43.46 4.52 -7.69
N THR A 122 42.97 4.61 -8.92
CA THR A 122 43.66 5.31 -9.98
C THR A 122 42.90 6.52 -10.49
N THR A 123 41.82 6.91 -9.82
CA THR A 123 41.06 8.09 -10.19
C THR A 123 41.14 9.22 -9.18
N LEU A 124 41.09 8.92 -7.88
CA LEU A 124 40.90 9.93 -6.86
C LEU A 124 42.13 10.09 -5.99
N SER A 125 42.38 11.33 -5.57
CA SER A 125 43.44 11.64 -4.63
C SER A 125 42.95 11.46 -3.19
N TYR A 126 43.90 11.52 -2.26
CA TYR A 126 43.58 11.33 -0.85
C TYR A 126 42.70 12.45 -0.31
N PHE A 127 42.98 13.70 -0.70
CA PHE A 127 42.18 14.82 -0.24
C PHE A 127 40.76 14.75 -0.78
N SER A 128 40.60 14.36 -2.04
CA SER A 128 39.27 14.17 -2.60
C SER A 128 38.52 13.05 -1.88
N GLN A 129 39.17 11.89 -1.75
CA GLN A 129 38.56 10.71 -1.14
C GLN A 129 38.24 10.92 0.34
N MET A 130 38.97 11.81 1.00
CA MET A 130 38.78 12.07 2.43
C MET A 130 37.85 13.24 2.72
N ALA A 131 37.86 14.28 1.89
CA ALA A 131 37.15 15.51 2.21
C ALA A 131 35.90 15.74 1.39
N GLY A 132 35.74 15.07 0.25
CA GLY A 132 34.46 15.17 -0.42
C GLY A 132 33.62 13.93 -0.19
N LEU A 133 34.23 12.76 -0.42
CA LEU A 133 33.47 11.52 -0.46
C LEU A 133 33.09 11.04 0.94
N THR A 134 34.02 11.12 1.90
CA THR A 134 33.69 10.73 3.27
C THR A 134 32.72 11.72 3.91
N VAL A 135 32.88 13.01 3.61
CA VAL A 135 31.97 14.03 4.12
C VAL A 135 30.56 13.83 3.56
N GLN A 136 30.47 13.48 2.28
CA GLN A 136 29.14 13.20 1.72
C GLN A 136 28.59 11.87 2.22
N ASN A 137 29.46 10.91 2.55
CA ASN A 137 29.01 9.66 3.17
C ASN A 137 28.38 9.93 4.53
N PHE A 138 28.97 10.86 5.29
CA PHE A 138 28.35 11.29 6.55
C PHE A 138 27.05 12.07 6.29
N LEU A 139 27.07 12.99 5.32
CA LEU A 139 26.00 13.96 5.18
C LEU A 139 24.74 13.35 4.58
N SER A 140 24.88 12.45 3.60
CA SER A 140 23.71 11.80 3.02
C SER A 140 23.03 10.88 4.03
N ALA A 141 23.84 10.17 4.83
CA ALA A 141 23.30 9.33 5.89
C ALA A 141 22.57 10.18 6.93
N ALA A 142 23.16 11.30 7.32
CA ALA A 142 22.52 12.19 8.28
C ALA A 142 21.23 12.78 7.72
N SER A 143 21.21 13.09 6.42
CA SER A 143 19.99 13.61 5.79
C SER A 143 18.88 12.57 5.76
N GLY A 144 19.22 11.32 5.46
CA GLY A 144 18.21 10.26 5.46
C GLY A 144 17.65 9.99 6.85
N ILE A 145 18.54 9.95 7.86
CA ILE A 145 18.08 9.74 9.23
C ILE A 145 17.29 10.96 9.73
N ALA A 146 17.63 12.17 9.26
CA ALA A 146 16.84 13.34 9.62
C ALA A 146 15.45 13.31 9.00
N VAL A 147 15.34 12.84 7.76
CA VAL A 147 14.03 12.72 7.11
C VAL A 147 13.16 11.69 7.82
N ILE A 148 13.75 10.54 8.19
CA ILE A 148 12.94 9.56 8.91
C ILE A 148 12.65 10.02 10.34
N PHE A 149 13.51 10.86 10.92
CA PHE A 149 13.21 11.49 12.21
C PHE A 149 12.00 12.40 12.09
N ALA A 150 11.93 13.16 10.99
CA ALA A 150 10.78 14.03 10.75
C ALA A 150 9.51 13.21 10.54
N LEU A 151 9.60 12.08 9.84
CA LEU A 151 8.42 11.25 9.64
C LEU A 151 7.92 10.64 10.95
N ILE A 152 8.84 10.17 11.80
CA ILE A 152 8.46 9.59 13.08
C ILE A 152 7.88 10.67 13.99
N ARG A 153 8.47 11.87 13.99
CA ARG A 153 7.93 12.99 14.75
C ARG A 153 6.55 13.40 14.26
N ALA A 154 6.31 13.33 12.95
CA ALA A 154 4.99 13.63 12.41
C ALA A 154 3.96 12.60 12.84
N PHE A 155 4.35 11.32 12.87
CA PHE A 155 3.43 10.30 13.36
C PHE A 155 3.19 10.43 14.85
N THR A 156 4.14 10.97 15.61
CA THR A 156 4.00 11.03 17.06
C THR A 156 3.24 12.26 17.53
N ARG A 157 3.53 13.43 16.95
CA ARG A 157 2.98 14.68 17.47
C ARG A 157 1.49 14.81 17.18
N GLN A 158 0.81 15.55 18.06
CA GLN A 158 -0.65 15.69 18.03
C GLN A 158 -1.00 17.13 17.69
N SER A 159 -1.59 17.33 16.50
CA SER A 159 -2.19 18.59 16.06
C SER A 159 -1.20 19.75 16.05
N MET A 160 0.07 19.46 15.77
CA MET A 160 1.07 20.51 15.67
C MET A 160 1.25 20.93 14.22
N SER A 161 2.02 21.99 14.02
CA SER A 161 2.34 22.48 12.68
C SER A 161 3.82 22.44 12.36
N THR A 162 4.68 22.14 13.32
CA THR A 162 6.12 22.12 13.13
C THR A 162 6.63 20.68 13.16
N LEU A 163 7.92 20.54 12.87
CA LEU A 163 8.51 19.21 12.74
C LEU A 163 9.90 19.08 13.35
N GLY A 164 10.33 20.04 14.16
CA GLY A 164 11.66 20.01 14.73
C GLY A 164 12.67 20.71 13.85
N ASN A 165 13.83 20.99 14.44
CA ASN A 165 14.89 21.71 13.73
C ASN A 165 15.74 20.72 12.95
N ALA A 166 15.77 20.90 11.63
CA ALA A 166 16.50 19.99 10.76
C ALA A 166 18.01 20.10 10.98
N TRP A 167 18.52 21.31 11.21
CA TRP A 167 19.94 21.48 11.47
C TRP A 167 20.35 20.85 12.79
N VAL A 168 19.49 21.00 13.82
CA VAL A 168 19.74 20.36 15.11
C VAL A 168 19.72 18.85 14.97
N ASP A 169 18.78 18.34 14.17
CA ASP A 169 18.70 16.90 13.91
C ASP A 169 19.97 16.40 13.21
N LEU A 170 20.41 17.10 12.17
CA LEU A 170 21.60 16.69 11.42
C LEU A 170 22.85 16.74 12.28
N LEU A 171 23.00 17.82 13.07
CA LEU A 171 24.16 17.96 13.94
C LEU A 171 24.18 16.90 15.03
N ARG A 172 23.02 16.62 15.65
CA ARG A 172 22.95 15.60 16.69
C ARG A 172 23.23 14.21 16.14
N ILE A 173 22.65 13.89 14.97
CA ILE A 173 22.87 12.58 14.35
C ILE A 173 24.35 12.39 14.00
N THR A 174 24.94 13.37 13.30
CA THR A 174 26.32 13.23 12.86
C THR A 174 27.29 13.23 14.03
N LEU A 175 27.04 14.04 15.06
CA LEU A 175 27.99 14.12 16.16
C LEU A 175 27.88 12.94 17.11
N TRP A 176 26.68 12.43 17.38
CA TRP A 176 26.53 11.43 18.43
C TRP A 176 26.14 10.04 17.93
N VAL A 177 26.01 9.81 16.63
CA VAL A 177 25.72 8.47 16.14
C VAL A 177 26.74 8.11 15.07
N LEU A 178 26.88 8.97 14.07
CA LEU A 178 27.67 8.61 12.90
C LEU A 178 29.17 8.70 13.15
N VAL A 179 29.62 9.63 13.98
CA VAL A 179 31.06 9.78 14.24
C VAL A 179 31.61 8.75 15.23
N PRO A 180 31.07 8.55 16.46
CA PRO A 180 31.80 7.66 17.38
C PRO A 180 31.66 6.19 17.05
N VAL A 181 30.50 5.76 16.55
CA VAL A 181 30.32 4.37 16.16
C VAL A 181 31.23 4.02 15.00
N ALA A 182 31.34 4.90 14.00
CA ALA A 182 32.26 4.66 12.91
C ALA A 182 33.71 4.80 13.35
N LEU A 183 33.99 5.60 14.38
CA LEU A 183 35.35 5.64 14.91
C LEU A 183 35.73 4.31 15.55
N LEU A 184 34.83 3.71 16.33
CA LEU A 184 35.09 2.40 16.92
C LEU A 184 35.22 1.32 15.84
N ILE A 185 34.37 1.38 14.82
CA ILE A 185 34.41 0.42 13.72
C ILE A 185 35.70 0.56 12.93
N ALA A 186 36.14 1.81 12.69
CA ALA A 186 37.37 2.05 11.95
C ALA A 186 38.59 1.60 12.73
N LEU A 187 38.62 1.83 14.06
CA LEU A 187 39.75 1.34 14.85
C LEU A 187 39.77 -0.18 14.95
N PHE A 188 38.60 -0.83 14.95
CA PHE A 188 38.59 -2.29 14.82
C PHE A 188 39.15 -2.73 13.48
N PHE A 189 38.82 -1.99 12.41
CA PHE A 189 39.32 -2.34 11.09
C PHE A 189 40.83 -2.12 10.98
N ILE A 190 41.36 -1.14 11.72
CA ILE A 190 42.80 -0.90 11.73
C ILE A 190 43.50 -1.94 12.60
N GLN A 191 42.80 -2.46 13.63
CA GLN A 191 43.29 -3.62 14.34
C GLN A 191 43.38 -4.83 13.42
N GLN A 192 42.42 -4.96 12.52
CA GLN A 192 42.54 -5.91 11.41
C GLN A 192 43.39 -5.28 10.31
N GLY A 193 43.39 -5.88 9.12
CA GLY A 193 44.35 -5.46 8.12
C GLY A 193 44.01 -4.23 7.29
N ALA A 194 43.01 -3.44 7.63
CA ALA A 194 42.65 -2.30 6.80
C ALA A 194 43.65 -1.16 6.96
N LEU A 195 43.54 -0.17 6.07
CA LEU A 195 44.53 0.89 5.94
C LEU A 195 44.04 2.20 6.55
N GLN A 196 44.94 2.90 7.24
CA GLN A 196 44.67 4.25 7.70
C GLN A 196 45.93 5.10 7.61
N ASN A 197 46.62 5.03 6.47
CA ASN A 197 47.83 5.80 6.26
C ASN A 197 47.60 6.89 5.21
N PHE A 198 48.66 7.66 4.94
CA PHE A 198 48.62 8.69 3.91
C PHE A 198 49.85 8.65 3.02
N LEU A 199 50.57 7.53 3.02
CA LEU A 199 51.81 7.39 2.29
C LEU A 199 51.55 7.30 0.79
N PRO A 200 52.56 7.59 -0.04
CA PRO A 200 52.43 7.32 -1.47
C PRO A 200 52.40 5.83 -1.76
N TYR A 201 52.15 5.50 -3.03
CA TYR A 201 51.94 4.12 -3.43
C TYR A 201 53.26 3.35 -3.36
N GLN A 202 53.21 2.17 -2.75
CA GLN A 202 54.43 1.42 -2.42
C GLN A 202 54.81 0.51 -3.58
N ALA A 203 56.02 0.70 -4.11
CA ALA A 203 56.56 -0.21 -5.11
C ALA A 203 57.01 -1.49 -4.43
N VAL A 204 56.65 -2.64 -5.01
CA VAL A 204 56.84 -3.95 -4.40
C VAL A 204 57.71 -4.79 -5.32
N ASN A 205 58.78 -5.37 -4.76
CA ASN A 205 59.60 -6.34 -5.46
C ASN A 205 59.00 -7.71 -5.26
N THR A 206 58.29 -8.20 -6.29
CA THR A 206 57.66 -9.51 -6.25
C THR A 206 58.74 -10.60 -6.24
N VAL A 207 58.40 -11.74 -5.65
CA VAL A 207 59.35 -12.86 -5.48
C VAL A 207 59.86 -13.35 -6.84
N GLU A 208 58.98 -13.37 -7.84
CA GLU A 208 59.41 -13.72 -9.19
C GLU A 208 60.14 -12.58 -9.89
N GLY A 209 60.19 -11.39 -9.31
CA GLY A 209 60.84 -10.25 -9.92
C GLY A 209 59.91 -9.26 -10.58
N ALA A 210 58.60 -9.42 -10.43
CA ALA A 210 57.65 -8.48 -11.00
C ALA A 210 57.52 -7.25 -10.11
N GLN A 211 56.64 -6.33 -10.49
CA GLN A 211 56.45 -5.09 -9.76
C GLN A 211 54.98 -4.91 -9.42
N GLN A 212 54.71 -4.50 -8.18
CA GLN A 212 53.37 -4.21 -7.72
C GLN A 212 53.36 -2.83 -7.09
N LEU A 213 52.30 -2.07 -7.34
CA LEU A 213 52.12 -0.74 -6.80
C LEU A 213 50.86 -0.76 -5.94
N LEU A 214 51.04 -1.01 -4.64
CA LEU A 214 49.90 -1.14 -3.74
C LEU A 214 49.29 0.22 -3.44
N PRO A 215 47.99 0.41 -3.69
CA PRO A 215 47.34 1.68 -3.35
C PRO A 215 47.09 1.77 -1.86
N MET A 216 47.86 2.62 -1.18
CA MET A 216 47.77 2.77 0.27
C MET A 216 47.26 4.18 0.58
N GLY A 217 46.18 4.26 1.33
CA GLY A 217 45.57 5.52 1.68
C GLY A 217 44.61 5.41 2.85
N PRO A 218 43.87 6.49 3.13
CA PRO A 218 42.94 6.48 4.27
C PRO A 218 41.72 5.62 4.01
N VAL A 219 41.87 4.31 4.15
CA VAL A 219 40.82 3.39 3.72
C VAL A 219 39.78 3.19 4.81
N ALA A 220 40.22 2.96 6.05
CA ALA A 220 39.32 2.54 7.12
C ALA A 220 38.35 3.64 7.54
N SER A 221 38.78 4.90 7.48
CA SER A 221 37.90 6.01 7.84
C SER A 221 36.73 6.12 6.89
N GLN A 222 36.97 5.94 5.59
CA GLN A 222 35.87 5.94 4.63
C GLN A 222 35.07 4.65 4.70
N GLU A 223 35.74 3.52 4.97
CA GLU A 223 35.07 2.22 5.02
C GLU A 223 34.06 2.14 6.16
N ALA A 224 34.41 2.70 7.32
CA ALA A 224 33.52 2.62 8.47
C ALA A 224 32.22 3.37 8.26
N ILE A 225 32.29 4.59 7.70
CA ILE A 225 31.07 5.33 7.46
C ILE A 225 30.35 4.82 6.21
N LYS A 226 31.09 4.19 5.29
CA LYS A 226 30.47 3.48 4.17
C LYS A 226 29.58 2.37 4.67
N MET A 227 30.04 1.61 5.67
CA MET A 227 29.25 0.52 6.19
C MET A 227 28.14 1.01 7.11
N LEU A 228 28.43 2.04 7.93
CA LEU A 228 27.46 2.51 8.91
C LEU A 228 26.30 3.25 8.25
N GLY A 229 26.60 4.12 7.28
CA GLY A 229 25.58 4.90 6.63
C GLY A 229 24.91 4.21 5.46
N THR A 230 25.21 2.93 5.23
CA THR A 230 24.76 2.14 4.07
C THR A 230 25.09 2.86 2.77
N ASN A 231 26.33 3.32 2.66
CA ASN A 231 26.76 4.04 1.46
C ASN A 231 27.15 3.07 0.35
N GLY A 232 28.21 2.31 0.56
CA GLY A 232 28.71 1.40 -0.46
C GLY A 232 29.75 1.97 -1.40
N GLY A 233 30.35 3.11 -1.07
CA GLY A 233 31.35 3.70 -1.92
C GLY A 233 32.76 3.28 -1.57
N GLY A 234 33.30 2.31 -2.31
CA GLY A 234 34.58 1.74 -1.96
C GLY A 234 35.76 2.65 -2.31
N PHE A 235 36.85 2.45 -1.57
CA PHE A 235 38.10 3.12 -1.90
C PHE A 235 38.65 2.65 -3.24
N PHE A 236 38.60 1.34 -3.50
CA PHE A 236 39.18 0.75 -4.69
C PHE A 236 38.07 0.30 -5.63
N ASN A 237 38.48 -0.30 -6.75
CA ASN A 237 37.50 -0.80 -7.72
C ASN A 237 36.71 -1.97 -7.15
N ALA A 238 37.37 -2.89 -6.45
CA ALA A 238 36.66 -3.87 -5.65
C ALA A 238 36.06 -3.16 -4.45
N ASN A 239 34.75 -3.34 -4.25
CA ASN A 239 34.05 -2.55 -3.24
C ASN A 239 34.38 -3.02 -1.83
N SER A 240 34.17 -4.31 -1.57
CA SER A 240 34.57 -4.89 -0.29
C SER A 240 35.21 -6.25 -0.48
N SER A 241 35.60 -6.62 -1.70
CA SER A 241 36.38 -7.81 -1.92
C SER A 241 37.87 -7.57 -1.72
N HIS A 242 38.29 -6.31 -1.69
CA HIS A 242 39.70 -6.00 -1.65
C HIS A 242 40.22 -6.22 -0.22
N PRO A 243 41.38 -6.87 -0.07
CA PRO A 243 41.85 -7.25 1.27
C PRO A 243 42.27 -6.08 2.14
N PHE A 244 42.48 -4.89 1.59
CA PHE A 244 42.74 -3.72 2.41
C PHE A 244 41.45 -3.08 2.91
N GLU A 245 40.29 -3.61 2.55
CA GLU A 245 39.00 -3.16 3.04
C GLU A 245 38.30 -4.20 3.91
N ASN A 246 38.30 -5.46 3.48
CA ASN A 246 37.68 -6.57 4.21
C ASN A 246 38.70 -7.69 4.35
N PRO A 247 39.63 -7.58 5.29
CA PRO A 247 40.68 -8.60 5.41
C PRO A 247 40.27 -9.84 6.18
N THR A 248 39.23 -9.78 7.00
CA THR A 248 38.92 -10.84 7.94
C THR A 248 37.42 -11.11 7.94
N ALA A 249 37.05 -12.36 8.25
CA ALA A 249 35.65 -12.70 8.45
C ALA A 249 35.03 -11.93 9.61
N LEU A 250 35.81 -11.62 10.65
CA LEU A 250 35.33 -10.75 11.72
C LEU A 250 35.05 -9.35 11.20
N THR A 251 35.91 -8.85 10.32
CA THR A 251 35.69 -7.56 9.68
C THR A 251 34.41 -7.57 8.85
N ASN A 252 34.16 -8.67 8.13
CA ASN A 252 32.94 -8.76 7.33
C ASN A 252 31.70 -8.86 8.21
N PHE A 253 31.78 -9.58 9.33
CA PHE A 253 30.64 -9.66 10.25
C PHE A 253 30.33 -8.30 10.86
N VAL A 254 31.37 -7.56 11.25
CA VAL A 254 31.19 -6.20 11.78
C VAL A 254 30.63 -5.28 10.70
N GLN A 255 31.05 -5.49 9.44
CA GLN A 255 30.51 -4.74 8.30
C GLN A 255 29.01 -4.99 8.12
N MET A 256 28.59 -6.26 8.17
CA MET A 256 27.17 -6.58 8.02
C MET A 256 26.34 -6.04 9.18
N LEU A 257 26.88 -6.13 10.40
CA LEU A 257 26.20 -5.59 11.56
C LEU A 257 26.07 -4.07 11.47
N ALA A 258 27.11 -3.39 10.97
CA ALA A 258 27.03 -1.95 10.78
C ALA A 258 26.06 -1.57 9.67
N ILE A 259 25.91 -2.44 8.67
CA ILE A 259 24.96 -2.19 7.58
C ILE A 259 23.53 -2.25 8.10
N PHE A 260 23.19 -3.30 8.84
CA PHE A 260 21.83 -3.39 9.41
C PHE A 260 21.65 -2.68 10.75
N LEU A 261 22.68 -2.02 11.29
CA LEU A 261 22.56 -1.41 12.62
C LEU A 261 21.56 -0.26 12.63
N ILE A 262 21.73 0.71 11.74
CA ILE A 262 20.85 1.88 11.65
C ILE A 262 19.41 1.54 11.27
N PRO A 263 19.08 0.67 10.30
CA PRO A 263 17.65 0.37 10.06
C PRO A 263 16.95 -0.32 11.22
N THR A 264 17.61 -1.31 11.84
CA THR A 264 17.02 -2.01 12.97
C THR A 264 16.86 -1.09 14.18
N ALA A 265 17.86 -0.27 14.45
CA ALA A 265 17.76 0.69 15.55
C ALA A 265 16.72 1.76 15.26
N LEU A 266 16.52 2.11 13.98
CA LEU A 266 15.49 3.09 13.65
C LEU A 266 14.10 2.50 13.81
N CYS A 267 13.91 1.22 13.47
CA CYS A 267 12.64 0.55 13.73
C CYS A 267 12.37 0.44 15.23
N PHE A 268 13.40 0.10 16.02
CA PHE A 268 13.25 0.04 17.47
C PHE A 268 12.95 1.41 18.05
N ALA A 269 13.57 2.46 17.50
CA ALA A 269 13.31 3.82 17.95
C ALA A 269 11.89 4.25 17.61
N PHE A 270 11.39 3.86 16.44
CA PHE A 270 10.01 4.14 16.07
C PHE A 270 9.04 3.48 17.03
N GLY A 271 9.28 2.20 17.33
CA GLY A 271 8.44 1.50 18.30
C GLY A 271 8.52 2.07 19.71
N GLU A 272 9.68 2.61 20.09
CA GLU A 272 9.82 3.23 21.40
C GLU A 272 9.15 4.61 21.47
N VAL A 273 9.26 5.41 20.40
CA VAL A 273 8.69 6.76 20.41
C VAL A 273 7.17 6.71 20.38
N MET A 274 6.58 5.83 19.55
CA MET A 274 5.13 5.77 19.57
C MET A 274 4.55 5.06 20.79
N GLY A 275 5.38 4.47 21.64
CA GLY A 275 4.93 3.90 22.89
C GLY A 275 4.44 2.47 22.81
N ASP A 276 4.30 1.92 21.60
CA ASP A 276 3.92 0.53 21.41
C ASP A 276 5.07 -0.15 20.68
N ARG A 277 5.81 -1.01 21.39
CA ARG A 277 6.94 -1.71 20.79
C ARG A 277 6.51 -2.76 19.78
N ARG A 278 5.25 -3.18 19.82
CA ARG A 278 4.74 -4.13 18.83
C ARG A 278 4.66 -3.51 17.44
N GLN A 279 4.51 -2.17 17.36
CA GLN A 279 4.50 -1.51 16.06
C GLN A 279 5.86 -1.58 15.38
N GLY A 280 6.94 -1.35 16.13
CA GLY A 280 8.27 -1.56 15.57
C GLY A 280 8.58 -3.02 15.33
N ARG A 281 8.08 -3.90 16.21
CA ARG A 281 8.29 -5.33 16.05
C ARG A 281 7.58 -5.89 14.82
N MET A 282 6.47 -5.26 14.41
CA MET A 282 5.79 -5.62 13.17
C MET A 282 6.71 -5.41 11.96
N LEU A 283 7.31 -4.22 11.86
CA LEU A 283 8.23 -3.93 10.77
C LEU A 283 9.46 -4.84 10.82
N LEU A 284 9.98 -5.06 12.03
CA LEU A 284 11.14 -5.93 12.19
C LEU A 284 10.84 -7.37 11.77
N TRP A 285 9.65 -7.87 12.13
CA TRP A 285 9.26 -9.22 11.75
C TRP A 285 9.06 -9.36 10.26
N ALA A 286 8.44 -8.35 9.63
CA ALA A 286 8.22 -8.39 8.18
C ALA A 286 9.55 -8.37 7.42
N MET A 287 10.44 -7.43 7.78
CA MET A 287 11.75 -7.35 7.14
C MET A 287 12.57 -8.62 7.41
N SER A 288 12.48 -9.17 8.61
CA SER A 288 13.25 -10.36 8.95
C SER A 288 12.77 -11.58 8.19
N VAL A 289 11.44 -11.73 8.03
CA VAL A 289 10.92 -12.89 7.30
C VAL A 289 11.31 -12.81 5.83
N ILE A 290 11.14 -11.63 5.20
CA ILE A 290 11.52 -11.49 3.80
C ILE A 290 13.02 -11.66 3.61
N PHE A 291 13.81 -11.11 4.55
CA PHE A 291 15.26 -11.21 4.49
C PHE A 291 15.75 -12.64 4.64
N VAL A 292 15.16 -13.40 5.57
CA VAL A 292 15.57 -14.78 5.78
C VAL A 292 15.21 -15.65 4.58
N ILE A 293 14.01 -15.43 4.01
CA ILE A 293 13.61 -16.18 2.81
C ILE A 293 14.54 -15.88 1.64
N CYS A 294 14.88 -14.60 1.44
CA CYS A 294 15.75 -14.21 0.35
C CYS A 294 17.17 -14.76 0.52
N VAL A 295 17.68 -14.73 1.77
CA VAL A 295 19.01 -15.27 2.04
C VAL A 295 19.05 -16.78 1.79
N GLY A 296 18.01 -17.49 2.22
CA GLY A 296 17.96 -18.92 1.97
C GLY A 296 17.89 -19.27 0.49
N VAL A 297 17.10 -18.51 -0.27
CA VAL A 297 16.95 -18.76 -1.70
C VAL A 297 18.27 -18.48 -2.43
N VAL A 298 18.92 -17.35 -2.12
CA VAL A 298 20.19 -17.01 -2.76
C VAL A 298 21.29 -17.98 -2.34
N MET A 299 21.27 -18.43 -1.08
CA MET A 299 22.26 -19.39 -0.58
C MET A 299 22.12 -20.72 -1.29
N TRP A 300 20.90 -21.21 -1.48
CA TRP A 300 20.68 -22.44 -2.22
C TRP A 300 21.08 -22.29 -3.68
N ALA A 301 20.74 -21.16 -4.31
CA ALA A 301 21.05 -20.96 -5.72
C ALA A 301 22.55 -20.80 -5.95
N GLU A 302 23.28 -20.33 -4.95
CA GLU A 302 24.73 -20.20 -5.07
C GLU A 302 25.46 -21.48 -4.69
N VAL A 303 24.90 -22.29 -3.80
CA VAL A 303 25.47 -23.60 -3.52
C VAL A 303 25.30 -24.52 -4.73
N GLN A 304 24.10 -24.55 -5.30
CA GLN A 304 23.90 -25.21 -6.59
C GLN A 304 24.22 -24.23 -7.71
N GLY A 305 25.51 -23.99 -7.88
CA GLY A 305 25.99 -22.90 -8.71
C GLY A 305 26.14 -23.26 -10.17
N ASN A 306 27.34 -23.13 -10.70
CA ASN A 306 27.60 -23.41 -12.09
C ASN A 306 27.49 -24.90 -12.37
N PRO A 307 26.58 -25.35 -13.23
CA PRO A 307 26.48 -26.79 -13.52
C PRO A 307 27.50 -27.28 -14.53
N HIS A 308 28.18 -26.38 -15.23
CA HIS A 308 29.22 -26.76 -16.19
C HIS A 308 30.55 -27.08 -15.53
N LEU A 309 30.71 -26.73 -14.25
CA LEU A 309 31.97 -27.00 -13.57
C LEU A 309 32.19 -28.50 -13.37
N LEU A 310 31.13 -29.24 -13.06
CA LEU A 310 31.24 -30.70 -12.92
C LEU A 310 31.58 -31.34 -14.26
N ALA A 311 31.04 -30.82 -15.35
CA ALA A 311 31.35 -31.36 -16.67
C ALA A 311 32.74 -30.97 -17.13
N LEU A 312 33.26 -29.85 -16.64
CA LEU A 312 34.57 -29.36 -17.06
C LEU A 312 35.72 -29.97 -16.24
N GLY A 313 35.41 -30.80 -15.24
CA GLY A 313 36.46 -31.50 -14.52
C GLY A 313 36.79 -30.91 -13.16
N THR A 314 35.76 -30.56 -12.38
CA THR A 314 35.92 -30.00 -11.06
C THR A 314 35.23 -30.90 -10.04
N ASP A 315 35.81 -31.01 -8.85
CA ASP A 315 35.22 -31.84 -7.81
C ASP A 315 33.94 -31.23 -7.24
N SER A 316 33.82 -29.92 -7.24
CA SER A 316 32.68 -29.23 -6.69
C SER A 316 32.01 -28.38 -7.77
N SER A 317 30.71 -28.12 -7.56
CA SER A 317 29.92 -27.32 -8.49
C SER A 317 29.47 -26.00 -7.90
N ILE A 318 30.07 -25.57 -6.79
CA ILE A 318 29.71 -24.30 -6.19
C ILE A 318 30.23 -23.16 -7.05
N ASN A 319 29.45 -22.07 -7.10
CA ASN A 319 29.79 -20.93 -7.94
C ASN A 319 30.79 -20.05 -7.19
N MET A 320 32.05 -20.46 -7.25
CA MET A 320 33.14 -19.71 -6.64
C MET A 320 33.72 -18.66 -7.58
N GLU A 321 33.19 -18.54 -8.79
CA GLU A 321 33.65 -17.50 -9.71
C GLU A 321 33.16 -16.14 -9.23
N GLY A 322 34.08 -15.18 -9.16
CA GLY A 322 33.75 -13.87 -8.63
C GLY A 322 33.42 -13.88 -7.15
N LYS A 323 34.07 -14.72 -6.36
CA LYS A 323 33.89 -14.77 -4.92
C LYS A 323 35.24 -14.86 -4.25
N GLU A 324 35.41 -14.14 -3.15
CA GLU A 324 36.65 -14.19 -2.39
C GLU A 324 36.76 -15.53 -1.66
N SER A 325 37.99 -16.01 -1.54
CA SER A 325 38.25 -17.29 -0.88
C SER A 325 38.38 -17.16 0.63
N ARG A 326 38.46 -15.93 1.15
CA ARG A 326 38.42 -15.75 2.60
C ARG A 326 37.03 -15.99 3.15
N PHE A 327 36.01 -15.91 2.30
CA PHE A 327 34.63 -16.02 2.72
C PHE A 327 34.00 -17.19 1.99
N GLY A 328 33.05 -17.84 2.63
CA GLY A 328 32.35 -18.94 1.98
C GLY A 328 31.41 -18.44 0.92
N VAL A 329 30.87 -19.40 0.15
CA VAL A 329 29.81 -19.08 -0.78
C VAL A 329 28.54 -18.68 -0.02
N LEU A 330 28.33 -19.26 1.16
CA LEU A 330 27.22 -18.87 2.03
C LEU A 330 27.41 -17.44 2.54
N VAL A 331 28.64 -17.09 2.94
CA VAL A 331 28.90 -15.75 3.46
C VAL A 331 28.79 -14.72 2.34
N SER A 332 29.24 -15.07 1.13
CA SER A 332 29.11 -14.17 0.00
C SER A 332 27.64 -13.96 -0.38
N SER A 333 26.83 -15.01 -0.34
CA SER A 333 25.40 -14.88 -0.61
C SER A 333 24.70 -14.04 0.46
N LEU A 334 25.07 -14.24 1.73
CA LEU A 334 24.49 -13.47 2.82
C LEU A 334 24.85 -11.99 2.69
N PHE A 335 26.11 -11.69 2.40
CA PHE A 335 26.51 -10.29 2.22
C PHE A 335 25.83 -9.66 1.01
N ALA A 336 25.66 -10.45 -0.06
CA ALA A 336 24.97 -9.97 -1.25
C ALA A 336 23.54 -9.55 -0.91
N VAL A 337 22.81 -10.40 -0.20
CA VAL A 337 21.43 -10.06 0.16
C VAL A 337 21.39 -8.91 1.16
N VAL A 338 22.33 -8.88 2.11
CA VAL A 338 22.33 -7.86 3.17
C VAL A 338 22.52 -6.47 2.56
N THR A 339 23.55 -6.29 1.74
CA THR A 339 23.77 -4.96 1.17
C THR A 339 22.79 -4.67 0.05
N THR A 340 22.31 -5.68 -0.65
CA THR A 340 21.45 -5.41 -1.79
C THR A 340 20.04 -5.05 -1.33
N ALA A 341 19.58 -5.62 -0.22
CA ALA A 341 18.31 -5.22 0.38
C ALA A 341 18.44 -4.00 1.28
N ALA A 342 19.64 -3.69 1.77
CA ALA A 342 19.83 -2.59 2.70
C ALA A 342 20.21 -1.28 2.03
N SER A 343 20.09 -1.19 0.70
CA SER A 343 20.48 -0.02 -0.09
C SER A 343 21.94 0.36 0.15
N CYS A 344 22.82 -0.64 0.11
CA CYS A 344 24.26 -0.45 0.29
C CYS A 344 24.97 -1.03 -0.92
N GLY A 345 25.88 -0.27 -1.50
CA GLY A 345 26.57 -0.71 -2.69
C GLY A 345 27.75 -1.63 -2.49
N ALA A 346 28.05 -1.99 -1.24
CA ALA A 346 29.21 -2.80 -0.95
C ALA A 346 28.98 -4.24 -1.38
N VAL A 347 29.99 -4.83 -2.03
CA VAL A 347 29.95 -6.22 -2.44
C VAL A 347 31.27 -6.90 -2.07
N ILE A 348 31.19 -8.08 -1.46
CA ILE A 348 32.36 -8.93 -1.31
C ILE A 348 32.45 -9.99 -2.41
N ALA A 349 31.41 -10.13 -3.21
CA ALA A 349 31.41 -11.03 -4.35
C ALA A 349 30.89 -10.29 -5.57
N MET A 350 31.43 -10.65 -6.73
CA MET A 350 30.98 -10.04 -7.98
C MET A 350 29.59 -10.55 -8.31
N HIS A 351 28.61 -9.65 -8.30
CA HIS A 351 27.22 -10.05 -8.54
C HIS A 351 26.97 -10.43 -9.99
N ASP A 352 27.83 -10.00 -10.91
CA ASP A 352 27.68 -10.38 -12.30
C ASP A 352 28.07 -11.83 -12.53
N SER A 353 28.93 -12.39 -11.69
CA SER A 353 29.34 -13.78 -11.78
C SER A 353 28.42 -14.71 -11.01
N PHE A 354 27.34 -14.19 -10.44
CA PHE A 354 26.39 -15.01 -9.70
C PHE A 354 25.56 -15.87 -10.65
N THR A 355 24.87 -16.84 -10.08
CA THR A 355 23.90 -17.63 -10.80
C THR A 355 22.71 -16.74 -11.16
N ALA A 356 21.95 -17.13 -12.20
CA ALA A 356 20.79 -16.34 -12.62
C ALA A 356 19.73 -16.29 -11.53
N LEU A 357 19.45 -17.42 -10.88
CA LEU A 357 18.48 -17.43 -9.79
C LEU A 357 19.04 -16.70 -8.57
N GLY A 358 20.34 -16.81 -8.32
CA GLY A 358 20.97 -16.12 -7.21
C GLY A 358 21.23 -14.65 -7.44
N GLY A 359 20.99 -14.15 -8.65
CA GLY A 359 21.07 -12.74 -8.92
C GLY A 359 19.71 -12.12 -9.21
N MET A 360 18.70 -12.95 -9.45
CA MET A 360 17.33 -12.46 -9.58
C MET A 360 16.82 -11.87 -8.27
N VAL A 361 16.99 -12.61 -7.17
CA VAL A 361 16.50 -12.15 -5.87
C VAL A 361 17.18 -10.88 -5.38
N PRO A 362 18.50 -10.67 -5.56
CA PRO A 362 19.06 -9.33 -5.29
C PRO A 362 18.42 -8.18 -6.05
N MET A 363 18.31 -8.27 -7.38
CA MET A 363 17.70 -7.16 -8.11
C MET A 363 16.19 -7.05 -7.85
N TRP A 364 15.54 -8.14 -7.44
CA TRP A 364 14.16 -8.03 -7.00
C TRP A 364 14.04 -7.27 -5.69
N LEU A 365 14.93 -7.54 -4.73
CA LEU A 365 14.96 -6.78 -3.48
C LEU A 365 15.31 -5.33 -3.72
N MET A 366 16.08 -5.05 -4.77
CA MET A 366 16.31 -3.68 -5.19
C MET A 366 15.03 -3.05 -5.74
N GLN A 367 14.35 -3.76 -6.63
CA GLN A 367 13.25 -3.19 -7.39
C GLN A 367 11.97 -3.07 -6.59
N ILE A 368 11.83 -3.78 -5.47
CA ILE A 368 10.62 -3.63 -4.66
C ILE A 368 10.57 -2.30 -3.91
N GLY A 369 11.67 -1.56 -3.85
CA GLY A 369 11.65 -0.25 -3.22
C GLY A 369 12.72 -0.09 -2.16
N GLU A 370 13.56 -1.11 -2.01
CA GLU A 370 14.63 -1.19 -1.00
C GLU A 370 14.07 -0.97 0.40
N VAL A 371 13.05 -1.75 0.74
CA VAL A 371 12.34 -1.58 2.00
C VAL A 371 12.70 -2.64 3.04
N VAL A 372 13.30 -3.76 2.63
CA VAL A 372 13.67 -4.83 3.54
C VAL A 372 14.98 -4.42 4.22
N PHE A 373 14.87 -3.82 5.41
CA PHE A 373 15.99 -3.26 6.17
C PHE A 373 16.78 -2.24 5.36
N GLY A 374 16.10 -1.51 4.47
CA GLY A 374 16.78 -0.70 3.49
C GLY A 374 17.16 0.68 4.01
N GLY A 375 18.36 1.11 3.66
CA GLY A 375 18.82 2.48 3.86
C GLY A 375 18.95 2.95 5.29
N VAL A 376 19.50 4.13 5.49
CA VAL A 376 19.47 4.79 6.80
C VAL A 376 18.22 5.66 6.84
N GLY A 377 17.09 5.00 7.10
CA GLY A 377 15.79 5.64 7.00
C GLY A 377 15.23 5.73 5.60
N SER A 378 16.08 5.71 4.57
CA SER A 378 15.65 5.87 3.18
C SER A 378 14.79 4.72 2.70
N GLY A 379 14.90 3.55 3.31
CA GLY A 379 13.98 2.47 3.02
C GLY A 379 12.99 2.30 4.14
N LEU A 380 13.25 2.93 5.29
CA LEU A 380 12.26 2.91 6.36
C LEU A 380 11.03 3.73 5.99
N TYR A 381 11.21 4.89 5.36
CA TYR A 381 10.01 5.60 4.93
C TYR A 381 9.36 4.94 3.71
N GLY A 382 10.11 4.18 2.92
CA GLY A 382 9.49 3.37 1.88
C GLY A 382 8.63 2.26 2.45
N MET A 383 9.12 1.60 3.50
CA MET A 383 8.29 0.64 4.24
C MET A 383 7.10 1.34 4.88
N MET A 384 7.26 2.59 5.33
CA MET A 384 6.12 3.34 5.87
C MET A 384 5.08 3.62 4.79
N LEU A 385 5.51 3.90 3.57
CA LEU A 385 4.58 4.05 2.45
C LEU A 385 3.85 2.75 2.17
N PHE A 386 4.57 1.63 2.24
CA PHE A 386 3.92 0.33 2.05
C PHE A 386 2.96 0.01 3.19
N VAL A 387 3.27 0.44 4.41
CA VAL A 387 2.35 0.29 5.54
C VAL A 387 1.10 1.15 5.34
N LEU A 388 1.26 2.36 4.80
CA LEU A 388 0.10 3.20 4.50
C LEU A 388 -0.79 2.55 3.44
N LEU A 389 -0.17 1.96 2.41
CA LEU A 389 -0.93 1.22 1.40
C LEU A 389 -1.63 0.01 2.02
N ALA A 390 -0.94 -0.70 2.91
CA ALA A 390 -1.50 -1.90 3.52
C ALA A 390 -2.65 -1.57 4.46
N VAL A 391 -2.53 -0.48 5.24
CA VAL A 391 -3.63 -0.11 6.12
C VAL A 391 -4.79 0.47 5.32
N PHE A 392 -4.52 1.07 4.16
CA PHE A 392 -5.62 1.46 3.28
C PHE A 392 -6.39 0.24 2.78
N ILE A 393 -5.66 -0.77 2.30
CA ILE A 393 -6.29 -1.98 1.77
C ILE A 393 -7.05 -2.72 2.89
N ALA A 394 -6.43 -2.84 4.06
CA ALA A 394 -7.06 -3.57 5.15
C ALA A 394 -8.22 -2.80 5.78
N GLY A 395 -8.13 -1.47 5.85
CA GLY A 395 -9.26 -0.70 6.34
C GLY A 395 -10.45 -0.76 5.40
N LEU A 396 -10.20 -0.76 4.09
CA LEU A 396 -11.30 -0.98 3.16
C LEU A 396 -11.82 -2.41 3.25
N MET A 397 -10.94 -3.36 3.54
CA MET A 397 -11.35 -4.76 3.59
C MET A 397 -12.15 -5.07 4.84
N ILE A 398 -11.98 -4.29 5.91
CA ILE A 398 -12.79 -4.46 7.11
C ILE A 398 -13.97 -3.49 7.17
N GLY A 399 -13.97 -2.42 6.38
CA GLY A 399 -15.09 -1.51 6.35
C GLY A 399 -14.96 -0.30 7.25
N ARG A 400 -13.77 0.30 7.27
CA ARG A 400 -13.54 1.53 8.02
C ARG A 400 -12.61 2.42 7.22
N THR A 401 -12.68 3.72 7.48
CA THR A 401 -11.72 4.63 6.88
C THR A 401 -10.34 4.38 7.49
N PRO A 402 -9.30 4.31 6.67
CA PRO A 402 -8.01 3.82 7.16
C PRO A 402 -7.32 4.78 8.10
N GLU A 403 -6.57 4.21 9.05
CA GLU A 403 -5.80 4.99 9.99
C GLU A 403 -4.62 4.15 10.45
N TYR A 404 -3.47 4.80 10.60
CA TYR A 404 -2.28 4.17 11.17
C TYR A 404 -1.86 4.95 12.40
N LEU A 405 -1.71 4.23 13.51
CA LEU A 405 -1.39 4.79 14.83
C LEU A 405 -2.40 5.87 15.26
N GLY A 406 -3.67 5.64 14.92
CA GLY A 406 -4.74 6.53 15.32
C GLY A 406 -4.94 7.73 14.44
N LYS A 407 -4.07 7.98 13.47
CA LYS A 407 -4.15 9.15 12.61
C LYS A 407 -4.81 8.75 11.29
N LYS A 408 -5.91 9.41 10.96
CA LYS A 408 -6.62 9.10 9.72
C LYS A 408 -5.80 9.53 8.50
N ILE A 409 -6.01 8.82 7.40
CA ILE A 409 -5.30 9.07 6.15
C ILE A 409 -6.32 9.48 5.10
N ASP A 410 -5.99 10.54 4.35
CA ASP A 410 -6.96 11.19 3.47
C ASP A 410 -6.44 11.23 2.04
N VAL A 411 -7.13 12.03 1.22
CA VAL A 411 -6.89 12.09 -0.22
C VAL A 411 -5.48 12.62 -0.52
N ARG A 412 -5.05 13.67 0.18
CA ARG A 412 -3.74 14.26 -0.07
C ARG A 412 -2.62 13.29 0.32
N GLU A 413 -2.74 12.64 1.47
CA GLU A 413 -1.72 11.69 1.91
C GLU A 413 -1.67 10.47 1.01
N MET A 414 -2.84 10.01 0.51
CA MET A 414 -2.83 8.91 -0.42
C MET A 414 -2.25 9.30 -1.78
N LYS A 415 -2.48 10.55 -2.21
CA LYS A 415 -1.86 11.06 -3.43
C LYS A 415 -0.34 11.05 -3.33
N LEU A 416 0.18 11.57 -2.21
CA LEU A 416 1.63 11.63 -2.04
C LEU A 416 2.24 10.26 -1.83
N THR A 417 1.52 9.35 -1.14
CA THR A 417 1.98 7.98 -0.99
C THR A 417 2.04 7.27 -2.35
N ALA A 418 1.03 7.47 -3.19
CA ALA A 418 1.02 6.89 -4.52
C ALA A 418 2.14 7.44 -5.38
N LEU A 419 2.39 8.75 -5.30
CA LEU A 419 3.48 9.35 -6.07
C LEU A 419 4.84 8.84 -5.61
N ALA A 420 5.05 8.73 -4.31
CA ALA A 420 6.32 8.21 -3.79
C ALA A 420 6.52 6.74 -4.13
N ILE A 421 5.44 5.97 -4.20
CA ILE A 421 5.52 4.60 -4.69
C ILE A 421 5.86 4.60 -6.18
N LEU A 422 5.28 5.53 -6.94
CA LEU A 422 5.43 5.55 -8.39
C LEU A 422 6.81 6.00 -8.87
N VAL A 423 7.53 6.80 -8.08
CA VAL A 423 8.74 7.48 -8.59
C VAL A 423 9.81 6.48 -9.01
N THR A 424 10.16 5.53 -8.15
CA THR A 424 11.32 4.69 -8.48
C THR A 424 11.11 3.59 -9.52
N PRO A 425 9.99 2.85 -9.60
CA PRO A 425 9.83 1.94 -10.75
C PRO A 425 9.70 2.65 -12.08
N THR A 426 9.15 3.87 -12.09
CA THR A 426 9.14 4.69 -13.30
C THR A 426 10.56 4.97 -13.76
N LEU A 427 11.43 5.35 -12.83
CA LEU A 427 12.83 5.63 -13.18
C LEU A 427 13.53 4.37 -13.65
N VAL A 428 13.28 3.23 -12.99
CA VAL A 428 13.90 1.96 -13.42
C VAL A 428 13.48 1.60 -14.83
N LEU A 429 12.18 1.67 -15.11
CA LEU A 429 11.67 1.18 -16.39
C LEU A 429 12.04 2.11 -17.54
N MET A 430 11.87 3.43 -17.38
CA MET A 430 12.26 4.32 -18.48
C MET A 430 13.78 4.45 -18.62
N GLY A 431 14.55 4.35 -17.52
CA GLY A 431 15.99 4.36 -17.66
C GLY A 431 16.52 3.14 -18.37
N ALA A 432 15.97 1.95 -18.06
CA ALA A 432 16.37 0.75 -18.76
C ALA A 432 15.90 0.76 -20.21
N ALA A 433 14.72 1.32 -20.46
CA ALA A 433 14.24 1.44 -21.84
C ALA A 433 15.09 2.38 -22.67
N LEU A 434 15.51 3.51 -22.09
CA LEU A 434 16.40 4.42 -22.78
C LEU A 434 17.79 3.81 -22.97
N ALA A 435 18.23 2.99 -22.02
CA ALA A 435 19.52 2.33 -22.16
C ALA A 435 19.50 1.26 -23.25
N MET A 436 18.38 0.56 -23.42
CA MET A 436 18.34 -0.55 -24.37
C MET A 436 17.81 -0.15 -25.75
N MET A 437 17.46 1.11 -25.97
CA MET A 437 17.17 1.60 -27.31
C MET A 437 18.32 2.36 -27.93
N THR A 438 19.47 2.45 -27.25
CA THR A 438 20.60 3.22 -27.73
C THR A 438 21.84 2.34 -27.81
N ASP A 439 22.64 2.54 -28.86
CA ASP A 439 23.90 1.85 -28.97
C ASP A 439 24.90 2.31 -27.91
N ALA A 440 24.77 3.54 -27.41
CA ALA A 440 25.61 3.99 -26.32
C ALA A 440 25.28 3.30 -25.00
N GLY A 441 24.07 2.75 -24.87
CA GLY A 441 23.69 2.02 -23.68
C GLY A 441 23.85 0.52 -23.83
N ARG A 442 23.75 0.04 -25.07
CA ARG A 442 23.94 -1.38 -25.36
C ARG A 442 25.38 -1.73 -25.72
N SER A 443 26.26 -0.73 -25.85
CA SER A 443 27.67 -0.97 -26.13
C SER A 443 28.51 -1.10 -24.87
N ALA A 444 27.92 -0.85 -23.71
CA ALA A 444 28.58 -1.08 -22.42
C ALA A 444 28.45 -2.52 -21.96
N MET A 445 27.81 -3.36 -22.76
CA MET A 445 27.45 -4.71 -22.37
C MET A 445 28.69 -5.60 -22.39
N LEU A 446 28.73 -6.57 -21.47
CA LEU A 446 29.82 -7.52 -21.48
C LEU A 446 29.35 -8.96 -21.64
N ASN A 447 28.25 -9.34 -21.00
CA ASN A 447 27.79 -10.70 -21.17
C ASN A 447 26.69 -10.78 -22.22
N PRO A 448 26.74 -11.75 -23.12
CA PRO A 448 25.71 -11.88 -24.15
C PRO A 448 24.45 -12.53 -23.60
N GLY A 449 23.40 -12.49 -24.40
CA GLY A 449 22.14 -13.08 -24.04
C GLY A 449 21.35 -12.22 -23.06
N PRO A 450 20.49 -12.85 -22.27
CA PRO A 450 19.67 -12.10 -21.31
C PRO A 450 20.45 -11.56 -20.11
N HIS A 451 21.68 -12.03 -19.88
CA HIS A 451 22.45 -11.51 -18.76
C HIS A 451 22.91 -10.08 -19.00
N GLY A 452 23.05 -9.67 -20.26
CA GLY A 452 23.33 -8.27 -20.54
C GLY A 452 22.18 -7.35 -20.18
N PHE A 453 20.95 -7.77 -20.52
CA PHE A 453 19.78 -7.03 -20.08
C PHE A 453 19.64 -7.06 -18.57
N SER A 454 20.06 -8.15 -17.93
CA SER A 454 20.13 -8.21 -16.48
C SER A 454 21.11 -7.18 -15.93
N GLU A 455 22.26 -7.00 -16.60
CA GLU A 455 23.23 -5.97 -16.20
C GLU A 455 22.64 -4.58 -16.31
N VAL A 456 21.94 -4.30 -17.42
CA VAL A 456 21.34 -2.99 -17.63
C VAL A 456 20.27 -2.72 -16.59
N LEU A 457 19.42 -3.72 -16.32
CA LEU A 457 18.36 -3.57 -15.32
C LEU A 457 18.92 -3.39 -13.91
N TYR A 458 20.00 -4.12 -13.58
CA TYR A 458 20.64 -3.98 -12.28
C TYR A 458 21.27 -2.61 -12.12
N ALA A 459 21.90 -2.07 -13.17
CA ALA A 459 22.51 -0.76 -13.08
C ALA A 459 21.47 0.35 -12.92
N VAL A 460 20.38 0.27 -13.69
CA VAL A 460 19.35 1.31 -13.58
C VAL A 460 18.60 1.19 -12.24
N SER A 461 18.44 -0.04 -11.73
CA SER A 461 17.86 -0.21 -10.39
C SER A 461 18.78 0.33 -9.30
N SER A 462 20.10 0.18 -9.50
CA SER A 462 21.06 0.76 -8.55
C SER A 462 21.01 2.26 -8.54
N ALA A 463 20.87 2.88 -9.71
CA ALA A 463 20.77 4.32 -9.77
C ALA A 463 19.45 4.80 -9.16
N ALA A 464 18.34 4.19 -9.55
CA ALA A 464 17.03 4.71 -9.17
C ALA A 464 16.71 4.42 -7.70
N ASN A 465 17.11 3.26 -7.19
CA ASN A 465 16.79 2.86 -5.83
C ASN A 465 17.86 3.24 -4.83
N ASN A 466 18.87 3.99 -5.26
CA ASN A 466 19.98 4.48 -4.43
C ASN A 466 20.72 3.34 -3.73
N ASN A 467 20.97 2.26 -4.46
CA ASN A 467 21.74 1.14 -3.94
C ASN A 467 23.22 1.26 -4.31
N GLY A 468 23.52 1.33 -5.61
CA GLY A 468 24.89 1.47 -6.06
C GLY A 468 25.65 0.18 -6.24
N SER A 469 25.06 -0.96 -5.89
CA SER A 469 25.66 -2.24 -6.24
C SER A 469 25.62 -2.41 -7.75
N ALA A 470 26.69 -2.93 -8.31
CA ALA A 470 26.84 -2.93 -9.76
C ALA A 470 27.06 -4.35 -10.27
N PHE A 471 26.33 -4.70 -11.33
CA PHE A 471 26.77 -5.78 -12.19
C PHE A 471 27.97 -5.22 -12.94
N ALA A 472 29.18 -5.49 -12.42
CA ALA A 472 30.37 -4.74 -12.76
C ALA A 472 30.87 -4.98 -14.19
N GLY A 473 30.28 -5.93 -14.92
CA GLY A 473 30.62 -6.10 -16.32
C GLY A 473 30.21 -4.93 -17.19
N LEU A 474 29.23 -4.15 -16.77
CA LEU A 474 28.81 -2.98 -17.52
C LEU A 474 29.88 -1.89 -17.46
N SER A 475 30.16 -1.30 -18.61
CA SER A 475 31.13 -0.19 -18.71
C SER A 475 30.35 1.11 -18.67
N ALA A 476 30.01 1.54 -17.46
CA ALA A 476 29.14 2.70 -17.23
C ALA A 476 29.93 4.00 -17.14
N ASN A 477 31.08 4.09 -17.77
CA ASN A 477 31.88 5.30 -17.78
C ASN A 477 31.59 6.20 -18.98
N SER A 478 30.60 5.85 -19.79
CA SER A 478 30.20 6.68 -20.91
C SER A 478 29.54 7.97 -20.39
N PRO A 479 29.63 9.07 -21.16
CA PRO A 479 28.88 10.28 -20.79
C PRO A 479 27.38 10.08 -20.75
N PHE A 480 26.84 9.28 -21.68
CA PHE A 480 25.40 8.99 -21.68
C PHE A 480 25.00 8.20 -20.45
N TRP A 481 25.79 7.17 -20.11
CA TRP A 481 25.51 6.36 -18.94
C TRP A 481 25.63 7.17 -17.66
N ASN A 482 26.65 8.03 -17.57
CA ASN A 482 26.84 8.87 -16.39
C ASN A 482 25.68 9.85 -16.22
N CYS A 483 25.25 10.49 -17.31
CA CYS A 483 24.14 11.45 -17.22
C CYS A 483 22.83 10.75 -16.89
N LEU A 484 22.56 9.60 -17.51
CA LEU A 484 21.33 8.85 -17.24
C LEU A 484 21.28 8.37 -15.80
N LEU A 485 22.39 7.82 -15.31
CA LEU A 485 22.42 7.31 -13.94
C LEU A 485 22.33 8.46 -12.94
N ALA A 486 22.99 9.60 -13.22
CA ALA A 486 22.91 10.75 -12.32
C ALA A 486 21.49 11.30 -12.24
N PHE A 487 20.79 11.37 -13.39
CA PHE A 487 19.39 11.78 -13.38
C PHE A 487 18.54 10.81 -12.57
N CYS A 488 18.80 9.50 -12.72
CA CYS A 488 18.03 8.49 -11.99
C CYS A 488 18.24 8.60 -10.48
N MET A 489 19.48 8.81 -10.02
CA MET A 489 19.74 8.96 -8.59
C MET A 489 19.15 10.24 -8.04
N PHE A 490 19.25 11.35 -8.79
CA PHE A 490 18.72 12.62 -8.31
C PHE A 490 17.21 12.56 -8.15
N VAL A 491 16.51 12.01 -9.15
CA VAL A 491 15.05 11.91 -9.03
C VAL A 491 14.67 10.86 -7.99
N GLY A 492 15.36 9.72 -7.95
CA GLY A 492 15.03 8.67 -7.01
C GLY A 492 15.34 8.99 -5.56
N ARG A 493 16.16 10.02 -5.31
CA ARG A 493 16.29 10.50 -3.94
C ARG A 493 15.32 11.62 -3.65
N PHE A 494 15.33 12.68 -4.46
CA PHE A 494 14.61 13.90 -4.13
C PHE A 494 13.24 13.98 -4.81
N GLY A 495 12.68 12.86 -5.22
CA GLY A 495 11.29 12.80 -5.61
C GLY A 495 10.60 11.76 -4.76
N VAL A 496 11.37 11.20 -3.83
CA VAL A 496 10.83 10.36 -2.77
C VAL A 496 10.94 11.06 -1.41
N ILE A 497 12.01 11.83 -1.20
CA ILE A 497 12.15 12.60 0.04
C ILE A 497 11.07 13.69 0.12
N ILE A 498 10.79 14.35 -1.00
CA ILE A 498 9.79 15.44 -1.00
C ILE A 498 8.38 14.98 -0.66
N PRO A 499 7.80 13.92 -1.30
CA PRO A 499 6.46 13.52 -0.88
C PRO A 499 6.39 12.87 0.50
N VAL A 500 7.47 12.25 0.99
CA VAL A 500 7.48 11.76 2.36
C VAL A 500 7.39 12.92 3.36
N MET A 501 8.13 13.99 3.12
CA MET A 501 8.01 15.16 3.97
C MET A 501 6.67 15.86 3.80
N ALA A 502 6.06 15.75 2.62
CA ALA A 502 4.71 16.29 2.44
C ALA A 502 3.68 15.48 3.22
N ILE A 503 3.84 14.15 3.27
CA ILE A 503 3.00 13.31 4.14
C ILE A 503 3.23 13.68 5.61
N ALA A 504 4.47 13.97 5.96
CA ALA A 504 4.78 14.40 7.33
C ALA A 504 4.09 15.71 7.68
N GLY A 505 4.11 16.68 6.76
CA GLY A 505 3.42 17.94 6.98
C GLY A 505 1.91 17.83 6.92
N SER A 506 1.38 16.82 6.25
CA SER A 506 -0.06 16.57 6.29
C SER A 506 -0.47 15.76 7.51
N LEU A 507 0.45 15.06 8.15
CA LEU A 507 0.13 14.22 9.30
C LEU A 507 0.43 14.87 10.63
N VAL A 508 1.20 15.97 10.67
CA VAL A 508 1.40 16.68 11.93
C VAL A 508 0.10 17.31 12.42
N SER A 509 -0.81 17.67 11.51
CA SER A 509 -2.00 18.44 11.85
C SER A 509 -3.22 17.57 12.08
N LYS A 510 -3.04 16.36 12.62
CA LYS A 510 -4.15 15.44 12.84
C LYS A 510 -4.10 14.88 14.26
N LYS A 511 -5.27 14.78 14.87
CA LYS A 511 -5.39 14.11 16.16
C LYS A 511 -5.30 12.60 15.97
N SER A 512 -4.71 11.92 16.96
CA SER A 512 -4.60 10.46 16.95
C SER A 512 -5.64 9.90 17.90
N GLN A 513 -6.63 9.20 17.35
CA GLN A 513 -7.70 8.65 18.16
C GLN A 513 -7.23 7.44 18.95
N ALA A 514 -7.89 7.20 20.08
CA ALA A 514 -7.57 6.04 20.90
C ALA A 514 -8.03 4.76 20.23
N ALA A 515 -7.26 3.69 20.42
CA ALA A 515 -7.58 2.41 19.79
C ALA A 515 -8.76 1.76 20.51
N SER A 516 -9.71 1.26 19.72
CA SER A 516 -10.89 0.58 20.23
C SER A 516 -10.90 -0.86 19.75
N SER A 517 -12.00 -1.56 20.00
CA SER A 517 -12.14 -2.94 19.54
C SER A 517 -12.27 -3.02 18.02
N GLY A 518 -12.93 -2.04 17.41
CA GLY A 518 -13.03 -1.98 15.97
C GLY A 518 -11.84 -1.39 15.27
N THR A 519 -10.91 -0.81 16.01
CA THR A 519 -9.67 -0.30 15.43
C THR A 519 -8.81 -1.48 14.99
N LEU A 520 -8.30 -1.41 13.77
CA LEU A 520 -7.47 -2.47 13.21
C LEU A 520 -6.16 -2.60 13.98
N PRO A 521 -5.83 -3.78 14.51
CA PRO A 521 -4.51 -3.97 15.12
C PRO A 521 -3.43 -4.06 14.04
N THR A 522 -2.52 -3.09 14.05
CA THR A 522 -1.46 -3.00 13.06
C THR A 522 -0.22 -3.78 13.46
N HIS A 523 -0.37 -4.77 14.34
CA HIS A 523 0.71 -5.67 14.70
C HIS A 523 0.22 -7.10 14.57
N GLY A 524 1.01 -8.06 15.03
CA GLY A 524 0.58 -9.45 15.03
C GLY A 524 0.88 -10.14 13.72
N PRO A 525 0.72 -11.48 13.72
CA PRO A 525 1.06 -12.26 12.52
C PRO A 525 0.20 -11.95 11.31
N LEU A 526 -1.07 -11.58 11.50
CA LEU A 526 -1.93 -11.26 10.37
C LEU A 526 -1.46 -10.02 9.64
N PHE A 527 -1.15 -8.95 10.38
CA PHE A 527 -0.68 -7.74 9.71
C PHE A 527 0.75 -7.87 9.21
N VAL A 528 1.59 -8.68 9.88
CA VAL A 528 2.93 -8.94 9.37
C VAL A 528 2.87 -9.66 8.03
N GLY A 529 2.01 -10.70 7.96
CA GLY A 529 1.83 -11.40 6.71
C GLY A 529 1.17 -10.55 5.63
N LEU A 530 0.26 -9.67 6.02
CA LEU A 530 -0.38 -8.77 5.07
C LEU A 530 0.62 -7.76 4.49
N LEU A 531 1.51 -7.21 5.34
CA LEU A 531 2.53 -6.29 4.87
C LEU A 531 3.54 -6.99 3.95
N ILE A 532 3.95 -8.21 4.32
CA ILE A 532 4.84 -9.00 3.48
C ILE A 532 4.18 -9.30 2.14
N GLY A 533 2.89 -9.67 2.17
CA GLY A 533 2.17 -9.98 0.95
C GLY A 533 1.99 -8.79 0.05
N THR A 534 1.69 -7.61 0.61
CA THR A 534 1.50 -6.45 -0.26
C THR A 534 2.83 -5.92 -0.81
N VAL A 535 3.93 -6.01 -0.04
CA VAL A 535 5.24 -5.61 -0.58
C VAL A 535 5.66 -6.56 -1.69
N LEU A 536 5.57 -7.87 -1.44
CA LEU A 536 5.95 -8.87 -2.43
C LEU A 536 5.06 -8.80 -3.66
N LEU A 537 3.76 -8.54 -3.47
CA LEU A 537 2.84 -8.53 -4.60
C LEU A 537 2.99 -7.27 -5.43
N VAL A 538 3.22 -6.11 -4.79
CA VAL A 538 3.48 -4.88 -5.55
C VAL A 538 4.76 -5.02 -6.36
N GLY A 539 5.81 -5.57 -5.74
CA GLY A 539 7.06 -5.79 -6.46
C GLY A 539 6.93 -6.79 -7.60
N ALA A 540 6.17 -7.86 -7.38
CA ALA A 540 5.96 -8.87 -8.41
C ALA A 540 5.17 -8.30 -9.59
N LEU A 541 4.00 -7.73 -9.33
CA LEU A 541 3.20 -7.17 -10.42
C LEU A 541 3.87 -5.97 -11.10
N THR A 542 4.86 -5.34 -10.46
CA THR A 542 5.61 -4.33 -11.18
C THR A 542 6.74 -4.93 -12.03
N PHE A 543 7.39 -6.01 -11.57
CA PHE A 543 8.67 -6.40 -12.16
C PHE A 543 8.77 -7.86 -12.62
N ILE A 544 7.66 -8.60 -12.74
CA ILE A 544 7.73 -9.92 -13.38
C ILE A 544 8.18 -9.91 -14.84
N PRO A 545 7.68 -9.01 -15.73
CA PRO A 545 8.19 -9.04 -17.12
C PRO A 545 9.68 -8.80 -17.28
N ALA A 546 10.26 -7.88 -16.50
CA ALA A 546 11.69 -7.59 -16.61
C ALA A 546 12.53 -8.76 -16.12
N LEU A 547 12.14 -9.36 -14.99
CA LEU A 547 12.84 -10.54 -14.48
C LEU A 547 12.66 -11.74 -15.40
N ALA A 548 11.50 -11.84 -16.06
CA ALA A 548 11.27 -12.92 -17.01
C ALA A 548 12.13 -12.79 -18.24
N LEU A 549 12.31 -11.55 -18.74
CA LEU A 549 13.19 -11.35 -19.88
C LEU A 549 14.66 -11.38 -19.52
N GLY A 550 15.00 -11.20 -18.24
CA GLY A 550 16.37 -11.24 -17.82
C GLY A 550 16.77 -12.53 -17.12
N PRO A 551 16.80 -12.49 -15.78
CA PRO A 551 17.31 -13.63 -15.00
C PRO A 551 16.53 -14.93 -15.15
N VAL A 552 15.21 -14.89 -15.35
CA VAL A 552 14.46 -16.13 -15.55
C VAL A 552 14.84 -16.78 -16.88
N ALA A 553 14.99 -15.96 -17.92
CA ALA A 553 15.43 -16.48 -19.22
C ALA A 553 16.85 -17.01 -19.15
N GLU A 554 17.72 -16.36 -18.37
CA GLU A 554 19.08 -16.85 -18.19
C GLU A 554 19.09 -18.16 -17.39
N TYR A 555 18.20 -18.29 -16.41
CA TYR A 555 18.09 -19.51 -15.62
C TYR A 555 17.63 -20.67 -16.50
N LEU A 556 16.60 -20.44 -17.30
CA LEU A 556 16.05 -21.52 -18.11
C LEU A 556 16.99 -21.89 -19.26
N SER A 557 17.26 -20.93 -20.15
CA SER A 557 18.27 -21.04 -21.23
C SER A 557 18.14 -22.24 -22.17
N MET B 1 18.23 34.24 1.70
CA MET B 1 19.19 34.86 2.58
C MET B 1 18.73 34.80 4.03
N SER B 2 17.62 34.09 4.27
CA SER B 2 17.08 33.98 5.62
C SER B 2 17.81 32.92 6.44
N GLY B 3 17.75 31.67 5.98
CA GLY B 3 18.42 30.59 6.68
C GLY B 3 19.76 30.23 6.06
N LEU B 4 20.33 31.17 5.31
CA LEU B 4 21.60 30.91 4.63
C LEU B 4 22.76 30.82 5.61
N ARG B 5 22.77 31.67 6.64
CA ARG B 5 23.86 31.62 7.62
C ARG B 5 23.88 30.33 8.45
N PRO B 6 22.78 29.83 9.03
CA PRO B 6 22.88 28.53 9.72
C PRO B 6 23.17 27.36 8.81
N ALA B 7 22.69 27.38 7.56
CA ALA B 7 22.97 26.30 6.62
C ALA B 7 24.45 26.23 6.27
N LEU B 8 25.03 27.38 5.90
CA LEU B 8 26.47 27.43 5.61
C LEU B 8 27.30 27.12 6.85
N SER B 9 26.84 27.58 8.02
CA SER B 9 27.58 27.34 9.26
C SER B 9 27.62 25.86 9.60
N THR B 10 26.47 25.17 9.56
CA THR B 10 26.47 23.75 9.88
C THR B 10 27.13 22.91 8.78
N PHE B 11 27.07 23.36 7.53
CA PHE B 11 27.74 22.61 6.47
C PHE B 11 29.26 22.73 6.59
N ILE B 12 29.76 23.94 6.89
CA ILE B 12 31.20 24.14 7.08
C ILE B 12 31.67 23.38 8.31
N PHE B 13 30.90 23.41 9.40
CA PHE B 13 31.29 22.70 10.62
C PHE B 13 31.34 21.19 10.39
N LEU B 14 30.32 20.63 9.75
CA LEU B 14 30.29 19.19 9.49
C LEU B 14 31.34 18.79 8.47
N LEU B 15 31.63 19.65 7.49
CA LEU B 15 32.66 19.35 6.51
C LEU B 15 34.04 19.29 7.15
N LEU B 16 34.40 20.32 7.93
CA LEU B 16 35.70 20.30 8.59
C LEU B 16 35.81 19.20 9.63
N ILE B 17 34.73 18.90 10.37
CA ILE B 17 34.78 17.79 11.33
C ILE B 17 34.98 16.46 10.61
N THR B 18 34.04 16.08 9.73
CA THR B 18 34.07 14.77 9.08
C THR B 18 35.15 14.65 8.02
N GLY B 19 35.88 15.72 7.67
CA GLY B 19 36.96 15.58 6.73
C GLY B 19 38.34 15.93 7.25
N GLY B 20 38.44 16.46 8.48
CA GLY B 20 39.75 16.78 9.00
C GLY B 20 39.91 16.58 10.49
N VAL B 21 38.93 15.96 11.15
CA VAL B 21 39.02 15.60 12.56
C VAL B 21 38.83 14.10 12.75
N TYR B 22 37.73 13.57 12.24
CA TYR B 22 37.51 12.11 12.27
C TYR B 22 38.55 11.33 11.48
N PRO B 23 38.92 11.68 10.22
CA PRO B 23 40.05 10.96 9.61
C PRO B 23 41.38 11.26 10.27
N LEU B 24 41.57 12.48 10.79
CA LEU B 24 42.82 12.82 11.47
C LEU B 24 42.97 12.03 12.77
N LEU B 25 41.90 11.97 13.58
CA LEU B 25 41.94 11.19 14.81
C LEU B 25 42.06 9.70 14.52
N THR B 26 41.39 9.23 13.47
CA THR B 26 41.50 7.82 13.09
C THR B 26 42.92 7.47 12.64
N THR B 27 43.56 8.36 11.88
CA THR B 27 44.93 8.13 11.45
C THR B 27 45.90 8.19 12.63
N VAL B 28 45.71 9.13 13.54
CA VAL B 28 46.60 9.26 14.70
C VAL B 28 46.48 8.04 15.60
N LEU B 29 45.24 7.62 15.89
CA LEU B 29 45.02 6.44 16.71
C LEU B 29 45.51 5.16 16.04
N GLY B 30 45.33 5.05 14.72
CA GLY B 30 45.82 3.88 14.01
C GLY B 30 47.33 3.78 14.00
N GLN B 31 48.02 4.90 13.71
CA GLN B 31 49.47 4.88 13.70
C GLN B 31 50.05 4.76 15.10
N TRP B 32 49.32 5.18 16.13
CA TRP B 32 49.76 4.98 17.50
C TRP B 32 49.63 3.52 17.90
N TRP B 33 48.47 2.91 17.59
CA TRP B 33 48.15 1.61 18.16
C TRP B 33 48.63 0.44 17.30
N PHE B 34 48.38 0.47 15.99
CA PHE B 34 48.66 -0.66 15.12
C PHE B 34 49.55 -0.27 13.95
N PRO B 35 50.85 -0.11 14.17
CA PRO B 35 51.79 -0.14 13.05
C PRO B 35 51.93 -1.57 12.55
N TRP B 36 52.33 -1.68 11.28
CA TRP B 36 52.37 -2.88 10.43
C TRP B 36 50.97 -3.36 10.06
N GLN B 37 49.91 -2.77 10.60
CA GLN B 37 48.57 -3.02 10.14
C GLN B 37 47.92 -1.80 9.51
N ALA B 38 48.24 -0.59 10.00
CA ALA B 38 47.77 0.61 9.34
C ALA B 38 48.65 1.04 8.18
N ASN B 39 49.79 0.36 7.96
CA ASN B 39 50.75 0.79 6.96
C ASN B 39 50.87 -0.16 5.77
N GLY B 40 50.01 -1.17 5.67
CA GLY B 40 49.96 -2.01 4.49
C GLY B 40 50.31 -3.47 4.67
N SER B 41 50.63 -3.91 5.90
CA SER B 41 51.05 -5.29 6.19
C SER B 41 52.23 -5.74 5.35
N LEU B 42 53.18 -4.82 5.15
CA LEU B 42 54.32 -5.09 4.28
C LEU B 42 55.29 -6.05 4.95
N ILE B 43 55.86 -6.95 4.16
CA ILE B 43 56.86 -7.90 4.62
C ILE B 43 58.23 -7.31 4.30
N ARG B 44 58.99 -6.95 5.34
CA ARG B 44 60.26 -6.25 5.17
C ARG B 44 61.39 -7.07 5.77
N GLU B 45 62.43 -7.28 4.98
CA GLU B 45 63.74 -7.68 5.50
C GLU B 45 64.80 -7.07 4.59
N GLY B 46 65.87 -6.57 5.19
CA GLY B 46 66.86 -5.83 4.44
C GLY B 46 66.37 -4.48 3.95
N ASP B 47 65.34 -3.92 4.61
CA ASP B 47 64.68 -2.67 4.24
C ASP B 47 64.19 -2.70 2.78
N THR B 48 63.60 -3.82 2.38
CA THR B 48 63.05 -3.99 1.04
C THR B 48 61.78 -4.83 1.15
N VAL B 49 60.67 -4.29 0.67
CA VAL B 49 59.39 -5.00 0.75
C VAL B 49 59.34 -6.09 -0.32
N ARG B 50 58.72 -7.21 0.03
CA ARG B 50 58.48 -8.30 -0.92
C ARG B 50 57.00 -8.58 -1.11
N GLY B 51 56.13 -7.72 -0.59
CA GLY B 51 54.70 -7.91 -0.75
C GLY B 51 53.95 -7.72 0.54
N SER B 52 52.69 -7.30 0.42
CA SER B 52 51.83 -7.21 1.58
C SER B 52 51.41 -8.60 2.04
N ALA B 53 51.05 -8.70 3.32
CA ALA B 53 50.58 -9.96 3.87
C ALA B 53 49.14 -10.29 3.46
N LEU B 54 48.44 -9.35 2.82
CA LEU B 54 47.05 -9.54 2.45
C LEU B 54 46.80 -9.54 0.95
N ILE B 55 47.73 -9.04 0.14
CA ILE B 55 47.42 -8.76 -1.26
C ILE B 55 47.58 -10.02 -2.12
N GLY B 56 48.75 -10.63 -2.09
CA GLY B 56 48.95 -11.78 -2.93
C GLY B 56 49.58 -11.41 -4.27
N GLN B 57 50.39 -12.32 -4.79
CA GLN B 57 51.13 -12.08 -6.02
C GLN B 57 50.90 -13.23 -7.00
N ASN B 58 51.31 -13.01 -8.23
CA ASN B 58 51.19 -14.04 -9.27
C ASN B 58 52.36 -15.00 -9.16
N PHE B 59 52.09 -16.20 -8.68
CA PHE B 59 53.12 -17.22 -8.51
C PHE B 59 52.99 -18.22 -9.66
N THR B 60 54.02 -18.28 -10.51
CA THR B 60 54.04 -19.19 -11.65
C THR B 60 55.13 -20.23 -11.56
N GLY B 61 55.97 -20.20 -10.52
CA GLY B 61 57.04 -21.16 -10.41
C GLY B 61 56.56 -22.55 -10.03
N ASN B 62 57.41 -23.54 -10.29
CA ASN B 62 57.06 -24.92 -9.98
C ASN B 62 57.16 -25.20 -8.49
N GLY B 63 58.01 -24.48 -7.77
CA GLY B 63 58.20 -24.70 -6.35
C GLY B 63 57.30 -23.89 -5.45
N TYR B 64 56.33 -23.17 -5.99
CA TYR B 64 55.46 -22.29 -5.23
C TYR B 64 54.03 -22.80 -5.25
N PHE B 65 53.24 -22.32 -4.28
CA PHE B 65 51.84 -22.67 -4.19
C PHE B 65 51.03 -21.70 -5.03
N HIS B 66 50.35 -22.21 -6.06
CA HIS B 66 49.61 -21.35 -6.97
C HIS B 66 48.31 -20.89 -6.32
N GLY B 67 48.00 -19.61 -6.52
CA GLY B 67 46.77 -19.03 -6.02
C GLY B 67 45.64 -19.15 -7.01
N ARG B 68 44.56 -18.45 -6.72
CA ARG B 68 43.42 -18.40 -7.61
C ARG B 68 43.73 -17.54 -8.83
N PRO B 69 43.05 -17.79 -9.95
CA PRO B 69 43.16 -16.86 -11.09
C PRO B 69 42.58 -15.50 -10.74
N SER B 70 43.09 -14.48 -11.43
CA SER B 70 42.76 -13.10 -11.09
C SER B 70 41.99 -12.39 -12.19
N ALA B 71 42.52 -12.35 -13.41
CA ALA B 71 41.95 -11.67 -14.57
C ALA B 71 41.70 -10.18 -14.30
N THR B 72 42.79 -9.48 -13.98
CA THR B 72 42.78 -8.03 -13.84
C THR B 72 43.27 -7.39 -15.13
N ALA B 73 43.50 -6.08 -15.08
CA ALA B 73 43.90 -5.32 -16.25
C ALA B 73 45.41 -5.14 -16.30
N GLU B 74 45.99 -5.36 -17.49
CA GLU B 74 47.38 -5.04 -17.86
C GLU B 74 48.43 -5.91 -17.16
N MET B 75 48.00 -6.78 -16.24
CA MET B 75 48.84 -7.62 -15.40
C MET B 75 47.89 -8.58 -14.70
N PRO B 76 48.29 -9.86 -14.47
CA PRO B 76 47.41 -10.76 -13.71
C PRO B 76 47.13 -10.30 -12.29
N TYR B 77 48.16 -10.16 -11.46
CA TYR B 77 47.97 -9.68 -10.09
C TYR B 77 48.37 -8.22 -10.04
N ASN B 78 47.47 -7.38 -10.54
CA ASN B 78 47.72 -5.94 -10.62
C ASN B 78 47.00 -5.24 -9.48
N PRO B 79 47.71 -4.68 -8.50
CA PRO B 79 47.02 -3.96 -7.42
C PRO B 79 46.44 -2.63 -7.85
N GLN B 80 46.87 -2.08 -8.99
CA GLN B 80 46.32 -0.83 -9.49
C GLN B 80 44.97 -1.01 -10.17
N ALA B 81 44.58 -2.25 -10.48
CA ALA B 81 43.30 -2.52 -11.14
C ALA B 81 42.67 -3.72 -10.44
N SER B 82 41.80 -3.45 -9.47
CA SER B 82 41.13 -4.49 -8.73
C SER B 82 39.89 -4.94 -9.49
N GLY B 83 39.13 -5.86 -8.89
CA GLY B 83 37.93 -6.36 -9.51
C GLY B 83 38.18 -7.57 -10.39
N GLY B 84 37.45 -8.66 -10.14
CA GLY B 84 37.64 -9.87 -10.89
C GLY B 84 36.93 -9.86 -12.23
N SER B 85 36.99 -11.00 -12.90
CA SER B 85 36.33 -11.16 -14.20
C SER B 85 34.83 -11.30 -13.98
N ASN B 86 34.05 -10.36 -14.52
CA ASN B 86 32.60 -10.38 -14.38
C ASN B 86 31.99 -11.20 -15.50
N LEU B 87 32.29 -12.49 -15.49
CA LEU B 87 31.76 -13.41 -16.48
C LEU B 87 30.65 -14.25 -15.84
N ALA B 88 29.48 -14.24 -16.48
CA ALA B 88 28.33 -14.94 -15.96
C ALA B 88 28.44 -16.43 -16.22
N VAL B 89 27.47 -17.18 -15.69
CA VAL B 89 27.42 -18.63 -15.90
C VAL B 89 27.15 -18.94 -17.36
N SER B 90 26.24 -18.21 -17.99
CA SER B 90 25.86 -18.45 -19.37
C SER B 90 26.89 -17.98 -20.39
N ASN B 91 27.92 -17.28 -19.96
CA ASN B 91 28.95 -16.79 -20.89
C ASN B 91 29.84 -17.94 -21.33
N PRO B 92 29.98 -18.21 -22.63
CA PRO B 92 30.92 -19.26 -23.07
C PRO B 92 32.38 -18.90 -22.87
N GLU B 93 32.70 -17.62 -22.72
CA GLU B 93 34.08 -17.22 -22.44
C GLU B 93 34.55 -17.73 -21.08
N LEU B 94 33.65 -17.74 -20.09
CA LEU B 94 33.99 -18.30 -18.78
C LEU B 94 34.24 -19.80 -18.88
N ASP B 95 33.45 -20.51 -19.68
CA ASP B 95 33.66 -21.94 -19.85
C ASP B 95 34.98 -22.22 -20.57
N LYS B 96 35.32 -21.39 -21.56
CA LYS B 96 36.62 -21.54 -22.24
C LYS B 96 37.79 -21.28 -21.29
N LEU B 97 37.67 -20.23 -20.46
CA LEU B 97 38.74 -19.90 -19.51
C LEU B 97 38.88 -20.99 -18.46
N ILE B 98 37.76 -21.53 -17.96
CA ILE B 98 37.82 -22.57 -16.94
C ILE B 98 38.38 -23.87 -17.53
N ALA B 99 38.03 -24.18 -18.79
CA ALA B 99 38.60 -25.36 -19.44
C ALA B 99 40.10 -25.21 -19.65
N ALA B 100 40.55 -24.02 -20.04
CA ALA B 100 41.99 -23.78 -20.19
C ALA B 100 42.72 -23.88 -18.85
N ARG B 101 42.10 -23.36 -17.78
CA ARG B 101 42.72 -23.44 -16.46
C ARG B 101 42.77 -24.87 -15.95
N VAL B 102 41.72 -25.67 -16.22
CA VAL B 102 41.70 -27.07 -15.83
C VAL B 102 42.78 -27.85 -16.58
N ALA B 103 42.92 -27.59 -17.88
CA ALA B 103 43.97 -28.25 -18.67
C ALA B 103 45.36 -27.87 -18.19
N ALA B 104 45.57 -26.58 -17.88
CA ALA B 104 46.87 -26.14 -17.38
C ALA B 104 47.18 -26.72 -16.01
N LEU B 105 46.18 -26.82 -15.13
CA LEU B 105 46.40 -27.39 -13.81
C LEU B 105 46.67 -28.89 -13.89
N ARG B 106 45.98 -29.59 -14.79
CA ARG B 106 46.24 -31.01 -14.96
C ARG B 106 47.59 -31.27 -15.60
N ALA B 107 48.06 -30.36 -16.45
CA ALA B 107 49.41 -30.49 -16.99
C ALA B 107 50.46 -30.18 -15.92
N ALA B 108 50.18 -29.22 -15.04
CA ALA B 108 51.14 -28.84 -14.01
C ALA B 108 51.19 -29.83 -12.86
N ASN B 109 50.09 -30.54 -12.60
CA ASN B 109 50.00 -31.50 -11.49
C ASN B 109 49.62 -32.85 -12.06
N PRO B 110 50.60 -33.63 -12.53
CA PRO B 110 50.28 -34.94 -13.12
C PRO B 110 50.02 -36.02 -12.09
N ASP B 111 50.65 -35.91 -10.92
CA ASP B 111 50.53 -36.92 -9.88
C ASP B 111 49.46 -36.60 -8.85
N ALA B 112 48.71 -35.52 -9.03
CA ALA B 112 47.65 -35.15 -8.11
C ALA B 112 46.33 -35.75 -8.59
N SER B 113 45.23 -35.39 -7.94
CA SER B 113 43.93 -35.89 -8.34
C SER B 113 43.47 -35.23 -9.63
N ALA B 114 42.64 -35.95 -10.39
CA ALA B 114 42.16 -35.45 -11.67
C ALA B 114 41.05 -34.42 -11.52
N SER B 115 40.45 -34.29 -10.35
CA SER B 115 39.40 -33.31 -10.09
C SER B 115 40.03 -32.13 -9.36
N VAL B 116 40.25 -31.04 -10.10
CA VAL B 116 40.87 -29.84 -9.56
C VAL B 116 39.89 -29.14 -8.61
N PRO B 117 40.37 -28.42 -7.59
CA PRO B 117 39.45 -27.63 -6.77
C PRO B 117 38.86 -26.46 -7.54
N VAL B 118 37.69 -26.01 -7.10
CA VAL B 118 36.97 -24.96 -7.80
C VAL B 118 37.65 -23.61 -7.61
N GLU B 119 38.31 -23.40 -6.47
CA GLU B 119 38.95 -22.12 -6.19
C GLU B 119 40.18 -21.89 -7.06
N LEU B 120 40.83 -22.96 -7.51
CA LEU B 120 42.02 -22.83 -8.34
C LEU B 120 41.69 -22.63 -9.81
N VAL B 121 40.44 -22.81 -10.22
CA VAL B 121 40.03 -22.61 -11.61
C VAL B 121 39.04 -21.48 -11.79
N THR B 122 38.43 -20.97 -10.73
CA THR B 122 37.48 -19.87 -10.82
C THR B 122 38.11 -18.62 -10.22
N ALA B 123 38.03 -17.52 -10.96
CA ALA B 123 38.63 -16.26 -10.52
C ALA B 123 37.84 -15.65 -9.38
N SER B 124 38.57 -14.97 -8.49
CA SER B 124 37.98 -14.41 -7.29
C SER B 124 37.23 -13.11 -7.60
N ALA B 125 36.58 -12.56 -6.57
CA ALA B 125 35.82 -11.33 -6.74
C ALA B 125 36.75 -10.14 -6.99
N SER B 126 37.83 -10.05 -6.25
CA SER B 126 38.94 -9.17 -6.58
C SER B 126 40.11 -10.04 -7.02
N GLY B 127 40.90 -9.53 -7.95
CA GLY B 127 42.03 -10.31 -8.44
C GLY B 127 43.19 -10.40 -7.46
N LEU B 128 43.11 -9.67 -6.36
CA LEU B 128 44.20 -9.61 -5.38
C LEU B 128 43.88 -10.57 -4.22
N ASP B 129 43.80 -11.86 -4.55
CA ASP B 129 43.39 -12.87 -3.58
C ASP B 129 44.61 -13.65 -3.10
N ASN B 130 44.94 -13.50 -1.82
CA ASN B 130 46.08 -14.14 -1.20
C ASN B 130 45.73 -15.45 -0.51
N ASN B 131 44.49 -15.90 -0.59
CA ASN B 131 44.00 -16.99 0.24
C ASN B 131 43.45 -18.13 -0.61
N ILE B 132 43.76 -19.36 -0.21
CA ILE B 132 43.12 -20.56 -0.73
C ILE B 132 42.79 -21.45 0.45
N THR B 133 41.83 -22.36 0.23
CA THR B 133 41.43 -23.30 1.25
C THR B 133 42.56 -24.31 1.51
N PRO B 134 42.62 -24.89 2.70
CA PRO B 134 43.61 -25.95 2.96
C PRO B 134 43.44 -27.17 2.06
N GLN B 135 42.22 -27.49 1.62
CA GLN B 135 42.05 -28.58 0.67
C GLN B 135 42.66 -28.24 -0.69
N ALA B 136 42.46 -27.02 -1.17
CA ALA B 136 43.05 -26.62 -2.44
C ALA B 136 44.55 -26.46 -2.35
N ALA B 137 45.06 -26.09 -1.17
CA ALA B 137 46.50 -26.02 -0.98
C ALA B 137 47.12 -27.41 -0.82
N ALA B 138 46.39 -28.35 -0.23
CA ALA B 138 46.89 -29.71 -0.07
C ALA B 138 46.72 -30.55 -1.32
N TRP B 139 45.91 -30.09 -2.28
CA TRP B 139 45.81 -30.78 -3.57
C TRP B 139 47.11 -30.73 -4.33
N GLN B 140 47.87 -29.63 -4.21
CA GLN B 140 49.11 -29.44 -4.95
C GLN B 140 50.34 -29.72 -4.12
N ILE B 141 50.23 -30.61 -3.12
CA ILE B 141 51.41 -31.03 -2.35
C ILE B 141 52.47 -31.77 -3.19
N PRO B 142 52.13 -32.81 -4.00
CA PRO B 142 53.21 -33.55 -4.68
C PRO B 142 54.05 -32.75 -5.67
N ARG B 143 53.46 -31.76 -6.36
CA ARG B 143 54.25 -30.96 -7.29
C ARG B 143 55.27 -30.09 -6.56
N VAL B 144 54.84 -29.43 -5.48
CA VAL B 144 55.74 -28.61 -4.68
C VAL B 144 56.79 -29.47 -3.98
N ALA B 145 56.38 -30.66 -3.53
CA ALA B 145 57.32 -31.58 -2.89
C ALA B 145 58.38 -32.08 -3.87
N LYS B 146 57.98 -32.39 -5.10
CA LYS B 146 58.93 -32.81 -6.11
C LYS B 146 59.85 -31.66 -6.53
N ALA B 147 59.32 -30.44 -6.55
CA ALA B 147 60.15 -29.30 -6.95
C ALA B 147 61.12 -28.88 -5.86
N ARG B 148 60.74 -29.04 -4.58
CA ARG B 148 61.54 -28.55 -3.48
C ARG B 148 62.30 -29.64 -2.72
N ASN B 149 62.12 -30.92 -3.12
CA ASN B 149 62.80 -32.08 -2.53
C ASN B 149 62.51 -32.22 -1.03
N LEU B 150 61.33 -31.79 -0.59
CA LEU B 150 60.89 -31.94 0.78
C LEU B 150 59.87 -33.07 0.87
N SER B 151 59.25 -33.22 2.05
CA SER B 151 58.35 -34.34 2.31
C SER B 151 56.92 -33.85 2.50
N VAL B 152 55.99 -34.79 2.31
CA VAL B 152 54.56 -34.51 2.37
C VAL B 152 54.16 -34.06 3.77
N GLU B 153 54.71 -34.71 4.80
CA GLU B 153 54.41 -34.32 6.17
C GLU B 153 54.96 -32.93 6.49
N GLN B 154 56.14 -32.59 5.95
CA GLN B 154 56.71 -31.26 6.18
C GLN B 154 55.87 -30.18 5.52
N LEU B 155 55.44 -30.40 4.27
CA LEU B 155 54.55 -29.43 3.63
C LEU B 155 53.20 -29.34 4.32
N THR B 156 52.67 -30.47 4.80
CA THR B 156 51.39 -30.46 5.51
C THR B 156 51.47 -29.67 6.81
N GLN B 157 52.55 -29.88 7.58
CA GLN B 157 52.68 -29.13 8.83
C GLN B 157 53.03 -27.67 8.58
N LEU B 158 53.71 -27.36 7.46
CA LEU B 158 53.93 -25.95 7.11
C LEU B 158 52.63 -25.25 6.72
N ILE B 159 51.76 -25.95 5.98
CA ILE B 159 50.46 -25.41 5.62
C ILE B 159 49.60 -25.21 6.87
N ALA B 160 49.62 -26.19 7.78
CA ALA B 160 48.88 -26.06 9.03
C ALA B 160 49.44 -24.95 9.92
N LYS B 161 50.75 -24.70 9.83
CA LYS B 161 51.32 -23.55 10.52
C LYS B 161 50.82 -22.24 9.92
N TYR B 162 50.75 -22.16 8.59
CA TYR B 162 50.35 -20.94 7.90
C TYR B 162 48.89 -20.96 7.50
N SER B 163 48.04 -21.63 8.27
CA SER B 163 46.60 -21.63 8.07
C SER B 163 45.93 -20.91 9.22
N GLN B 164 45.10 -19.92 8.90
CA GLN B 164 44.33 -19.18 9.90
C GLN B 164 42.85 -19.50 9.73
N GLN B 165 42.15 -19.53 10.86
CA GLN B 165 40.74 -19.89 10.89
C GLN B 165 39.93 -18.80 11.58
N PRO B 166 38.65 -18.63 11.21
CA PRO B 166 37.81 -17.66 11.93
C PRO B 166 37.43 -18.13 13.32
N LEU B 167 36.72 -17.28 14.07
CA LEU B 167 36.29 -17.64 15.42
C LEU B 167 35.28 -18.79 15.40
N VAL B 168 34.35 -18.77 14.45
CA VAL B 168 33.42 -19.87 14.23
C VAL B 168 33.46 -20.26 12.77
N LYS B 169 33.14 -21.53 12.50
CA LYS B 169 33.39 -22.11 11.18
C LYS B 169 32.41 -21.64 10.11
N TYR B 170 31.36 -20.92 10.47
CA TYR B 170 30.32 -20.56 9.51
C TYR B 170 30.35 -19.10 9.08
N ILE B 171 31.14 -18.24 9.73
CA ILE B 171 31.27 -16.86 9.27
C ILE B 171 32.37 -16.71 8.23
N GLY B 172 33.05 -17.79 7.88
CA GLY B 172 34.10 -17.71 6.90
C GLY B 172 34.62 -19.08 6.55
N GLN B 173 35.84 -19.11 6.02
CA GLN B 173 36.49 -20.36 5.67
C GLN B 173 37.90 -20.37 6.24
N PRO B 174 38.43 -21.54 6.58
CA PRO B 174 39.88 -21.63 6.83
C PRO B 174 40.64 -21.34 5.55
N VAL B 175 41.70 -20.54 5.67
CA VAL B 175 42.46 -20.08 4.51
C VAL B 175 43.94 -20.22 4.80
N VAL B 176 44.71 -20.25 3.71
CA VAL B 176 46.17 -20.33 3.76
C VAL B 176 46.72 -19.07 3.12
N ASN B 177 47.58 -18.35 3.86
CA ASN B 177 48.23 -17.17 3.33
C ASN B 177 49.34 -17.62 2.38
N ILE B 178 49.14 -17.37 1.09
CA ILE B 178 50.02 -17.93 0.05
C ILE B 178 51.39 -17.27 0.08
N VAL B 179 51.44 -15.95 0.27
CA VAL B 179 52.68 -15.19 0.11
C VAL B 179 53.68 -15.56 1.20
N GLU B 180 53.26 -15.54 2.47
CA GLU B 180 54.20 -15.86 3.54
C GLU B 180 54.54 -17.34 3.54
N LEU B 181 53.65 -18.18 3.02
CA LEU B 181 53.97 -19.59 2.81
C LEU B 181 55.09 -19.76 1.78
N ASN B 182 55.04 -18.98 0.69
CA ASN B 182 56.06 -19.09 -0.33
C ASN B 182 57.40 -18.48 0.11
N LEU B 183 57.37 -17.39 0.89
CA LEU B 183 58.61 -16.92 1.51
C LEU B 183 59.14 -17.91 2.55
N ALA B 184 58.26 -18.64 3.25
CA ALA B 184 58.74 -19.71 4.12
C ALA B 184 59.36 -20.85 3.33
N LEU B 185 58.80 -21.15 2.15
CA LEU B 185 59.39 -22.15 1.27
C LEU B 185 60.76 -21.71 0.76
N ASP B 186 60.91 -20.42 0.47
CA ASP B 186 62.23 -19.89 0.09
C ASP B 186 63.20 -19.94 1.26
N LYS B 187 62.73 -19.65 2.48
CA LYS B 187 63.61 -19.67 3.64
C LYS B 187 64.00 -21.08 4.04
N LEU B 188 63.17 -22.08 3.71
CA LEU B 188 63.47 -23.46 4.01
C LEU B 188 64.50 -24.08 3.07
N ASP B 189 64.87 -23.37 2.00
CA ASP B 189 65.89 -23.86 1.09
C ASP B 189 67.30 -23.70 1.62
N GLU B 190 67.49 -22.95 2.71
CA GLU B 190 68.82 -22.77 3.30
C GLU B 190 69.06 -23.77 4.42
N MET C 1 14.18 6.48 -33.75
CA MET C 1 14.70 5.31 -34.45
C MET C 1 13.84 4.98 -35.66
N SER C 2 12.52 5.03 -35.47
CA SER C 2 11.58 4.74 -36.54
C SER C 2 10.29 5.49 -36.27
N ALA C 3 9.45 5.60 -37.32
CA ALA C 3 8.21 6.35 -37.22
C ALA C 3 7.22 5.67 -36.28
N GLY C 4 7.06 4.35 -36.40
CA GLY C 4 6.18 3.63 -35.51
C GLY C 4 6.67 3.65 -34.07
N VAL C 5 7.99 3.55 -33.89
CA VAL C 5 8.58 3.59 -32.55
C VAL C 5 8.36 4.94 -31.90
N ILE C 6 8.57 6.03 -32.66
CA ILE C 6 8.41 7.36 -32.06
C ILE C 6 6.94 7.68 -31.83
N THR C 7 6.02 7.18 -32.67
CA THR C 7 4.60 7.39 -32.40
C THR C 7 4.16 6.61 -31.17
N GLY C 8 4.70 5.40 -30.98
CA GLY C 8 4.42 4.65 -29.77
C GLY C 8 4.98 5.33 -28.53
N VAL C 9 6.18 5.90 -28.63
CA VAL C 9 6.79 6.59 -27.50
C VAL C 9 5.99 7.83 -27.11
N LEU C 10 5.58 8.64 -28.10
CA LEU C 10 4.75 9.80 -27.78
C LEU C 10 3.36 9.41 -27.28
N LEU C 11 2.79 8.31 -27.79
CA LEU C 11 1.49 7.86 -27.28
C LEU C 11 1.59 7.40 -25.83
N VAL C 12 2.68 6.70 -25.48
CA VAL C 12 2.90 6.29 -24.10
C VAL C 12 3.15 7.51 -23.21
N PHE C 13 3.85 8.52 -23.73
CA PHE C 13 4.08 9.76 -22.99
C PHE C 13 2.77 10.50 -22.71
N LEU C 14 1.89 10.60 -23.71
CA LEU C 14 0.59 11.23 -23.49
C LEU C 14 -0.28 10.43 -22.54
N LEU C 15 -0.24 9.10 -22.61
CA LEU C 15 -1.03 8.29 -21.68
C LEU C 15 -0.52 8.43 -20.25
N LEU C 16 0.80 8.45 -20.05
CA LEU C 16 1.37 8.65 -18.72
C LEU C 16 1.08 10.06 -18.20
N GLY C 17 1.12 11.06 -19.08
CA GLY C 17 0.78 12.41 -18.66
C GLY C 17 -0.68 12.56 -18.28
N TYR C 18 -1.57 11.90 -19.04
CA TYR C 18 -2.99 11.92 -18.71
C TYR C 18 -3.25 11.22 -17.37
N LEU C 19 -2.58 10.09 -17.12
CA LEU C 19 -2.79 9.39 -15.86
C LEU C 19 -2.19 10.15 -14.69
N VAL C 20 -1.05 10.82 -14.90
CA VAL C 20 -0.47 11.65 -13.83
C VAL C 20 -1.37 12.84 -13.53
N TYR C 21 -1.94 13.46 -14.58
CA TYR C 21 -2.89 14.56 -14.38
C TYR C 21 -4.15 14.08 -13.67
N ALA C 22 -4.60 12.86 -13.96
CA ALA C 22 -5.74 12.29 -13.26
C ALA C 22 -5.42 11.97 -11.81
N LEU C 23 -4.17 11.60 -11.51
CA LEU C 23 -3.81 11.33 -10.12
C LEU C 23 -3.70 12.63 -9.33
N ILE C 24 -3.17 13.69 -9.94
CA ILE C 24 -3.09 14.98 -9.27
C ILE C 24 -4.48 15.56 -9.05
N ASN C 25 -5.30 15.57 -10.11
CA ASN C 25 -6.69 16.02 -10.00
C ASN C 25 -7.59 14.78 -9.98
N ALA C 26 -7.73 14.20 -8.79
CA ALA C 26 -8.51 12.98 -8.63
C ALA C 26 -9.94 13.25 -8.20
N GLU C 27 -10.22 14.41 -7.62
CA GLU C 27 -11.59 14.75 -7.25
C GLU C 27 -12.45 15.03 -8.48
N ALA C 28 -11.86 15.58 -9.53
CA ALA C 28 -12.58 15.90 -10.76
C ALA C 28 -12.66 14.70 -11.71
N PHE C 29 -12.08 13.57 -11.36
CA PHE C 29 -12.11 12.39 -12.21
C PHE C 29 -12.92 11.27 -11.59
N ALA D 7 -36.22 -4.28 -7.49
CA ALA D 7 -36.85 -4.79 -8.71
C ALA D 7 -36.13 -6.02 -9.23
N LEU D 8 -36.14 -7.08 -8.41
CA LEU D 8 -35.51 -8.38 -8.68
C LEU D 8 -34.02 -8.23 -8.98
N PHE D 9 -33.44 -9.20 -9.68
CA PHE D 9 -32.07 -9.13 -10.14
C PHE D 9 -32.04 -9.45 -11.63
N GLU D 10 -31.53 -8.51 -12.43
CA GLU D 10 -31.45 -8.53 -13.89
C GLU D 10 -32.76 -8.92 -14.58
N PRO D 11 -33.81 -8.10 -14.55
CA PRO D 11 -35.02 -8.44 -15.30
C PRO D 11 -35.03 -7.87 -16.71
N THR D 12 -35.58 -8.65 -17.64
CA THR D 12 -35.50 -8.35 -19.07
C THR D 12 -36.28 -7.11 -19.46
N LEU D 13 -37.18 -6.62 -18.60
CA LEU D 13 -37.90 -5.39 -18.89
C LEU D 13 -37.01 -4.15 -18.75
N VAL D 14 -35.84 -4.27 -18.12
CA VAL D 14 -34.95 -3.13 -17.94
C VAL D 14 -33.52 -3.43 -18.37
N VAL D 15 -33.12 -4.70 -18.50
CA VAL D 15 -31.77 -5.04 -18.94
C VAL D 15 -31.56 -4.60 -20.39
N GLN D 16 -32.53 -4.85 -21.27
CA GLN D 16 -32.39 -4.39 -22.66
C GLN D 16 -32.47 -2.87 -22.75
N ALA D 17 -33.32 -2.25 -21.93
CA ALA D 17 -33.45 -0.80 -21.91
C ALA D 17 -32.18 -0.12 -21.44
N LEU D 18 -31.35 -0.79 -20.65
CA LEU D 18 -30.04 -0.26 -20.31
C LEU D 18 -28.90 -0.80 -21.16
N LYS D 19 -29.10 -1.88 -21.91
CA LYS D 19 -28.15 -2.19 -22.97
C LYS D 19 -28.26 -1.21 -24.12
N GLU D 20 -29.42 -0.55 -24.26
CA GLU D 20 -29.48 0.61 -25.14
C GLU D 20 -28.64 1.77 -24.60
N ALA D 21 -28.44 1.84 -23.29
CA ALA D 21 -27.70 2.94 -22.66
C ALA D 21 -26.26 2.58 -22.30
N VAL D 22 -25.84 1.34 -22.57
CA VAL D 22 -24.41 0.98 -22.47
C VAL D 22 -23.56 1.83 -23.40
N LYS D 23 -24.11 2.26 -24.54
CA LYS D 23 -23.32 2.97 -25.54
C LYS D 23 -22.95 4.38 -25.09
N LYS D 24 -22.12 4.45 -24.05
CA LYS D 24 -21.40 5.64 -23.64
C LYS D 24 -19.94 5.57 -24.10
N LEU D 25 -19.72 4.96 -25.26
CA LEU D 25 -18.38 4.66 -25.76
C LEU D 25 -17.66 5.86 -26.33
N ASN D 26 -18.31 7.02 -26.41
CA ASN D 26 -17.62 8.22 -26.84
C ASN D 26 -16.57 8.64 -25.81
N PRO D 27 -15.45 9.25 -26.24
CA PRO D 27 -14.41 9.62 -25.28
C PRO D 27 -14.80 10.75 -24.32
N GLN D 28 -15.86 11.51 -24.63
CA GLN D 28 -16.25 12.60 -23.74
C GLN D 28 -16.88 12.08 -22.45
N ALA D 29 -17.46 10.88 -22.47
CA ALA D 29 -18.03 10.27 -21.28
C ALA D 29 -17.16 9.15 -20.72
N GLN D 30 -15.99 8.89 -21.32
CA GLN D 30 -15.12 7.83 -20.87
C GLN D 30 -13.83 8.32 -20.20
N TRP D 31 -13.40 9.55 -20.49
CA TRP D 31 -12.16 10.06 -19.93
C TRP D 31 -12.29 10.46 -18.46
N ARG D 32 -13.50 10.49 -17.92
CA ARG D 32 -13.67 10.71 -16.48
C ARG D 32 -13.19 9.51 -15.68
N ASN D 33 -13.24 8.31 -16.27
CA ASN D 33 -12.67 7.12 -15.67
C ASN D 33 -11.32 6.85 -16.30
N PRO D 34 -10.21 6.99 -15.57
CA PRO D 34 -8.89 6.88 -16.23
C PRO D 34 -8.54 5.46 -16.66
N VAL D 35 -8.88 4.46 -15.85
CA VAL D 35 -8.54 3.07 -16.17
C VAL D 35 -9.27 2.63 -17.43
N MET D 36 -10.56 2.91 -17.52
CA MET D 36 -11.27 2.50 -18.73
C MET D 36 -11.11 3.47 -19.88
N PHE D 37 -10.61 4.68 -19.65
CA PHE D 37 -10.13 5.45 -20.80
C PHE D 37 -8.85 4.83 -21.35
N ILE D 38 -8.00 4.27 -20.50
CA ILE D 38 -6.83 3.53 -20.97
C ILE D 38 -7.25 2.29 -21.75
N VAL D 39 -8.27 1.58 -21.25
CA VAL D 39 -8.78 0.40 -21.96
C VAL D 39 -9.42 0.81 -23.29
N TRP D 40 -10.13 1.94 -23.32
CA TRP D 40 -10.74 2.44 -24.54
C TRP D 40 -9.69 2.84 -25.57
N ILE D 41 -8.61 3.50 -25.12
CA ILE D 41 -7.52 3.88 -26.01
C ILE D 41 -6.82 2.65 -26.56
N GLY D 42 -6.59 1.65 -25.72
CA GLY D 42 -5.99 0.40 -26.20
C GLY D 42 -6.88 -0.36 -27.16
N SER D 43 -8.20 -0.33 -26.91
CA SER D 43 -9.15 -0.97 -27.81
C SER D 43 -9.17 -0.28 -29.17
N LEU D 44 -9.16 1.06 -29.17
CA LEU D 44 -9.11 1.81 -30.42
C LEU D 44 -7.81 1.56 -31.17
N LEU D 45 -6.70 1.49 -30.44
CA LEU D 45 -5.40 1.21 -31.05
C LEU D 45 -5.37 -0.18 -31.68
N THR D 46 -5.89 -1.18 -30.97
CA THR D 46 -5.87 -2.55 -31.48
C THR D 46 -6.83 -2.70 -32.66
N THR D 47 -7.98 -2.01 -32.62
CA THR D 47 -8.91 -2.04 -33.75
C THR D 47 -8.31 -1.37 -34.98
N CYS D 48 -7.63 -0.23 -34.78
CA CYS D 48 -7.01 0.46 -35.92
C CYS D 48 -5.88 -0.34 -36.52
N ILE D 49 -5.03 -0.95 -35.69
CA ILE D 49 -3.95 -1.75 -36.26
C ILE D 49 -4.46 -3.08 -36.82
N SER D 50 -5.61 -3.58 -36.33
CA SER D 50 -6.19 -4.77 -36.94
C SER D 50 -6.79 -4.44 -38.31
N ILE D 51 -7.39 -3.26 -38.45
CA ILE D 51 -7.86 -2.80 -39.75
C ILE D 51 -6.68 -2.62 -40.71
N ALA D 52 -5.56 -2.08 -40.20
CA ALA D 52 -4.37 -1.93 -41.01
C ALA D 52 -3.78 -3.28 -41.42
N MET D 53 -3.79 -4.25 -40.50
CA MET D 53 -3.30 -5.60 -40.79
C MET D 53 -4.18 -6.31 -41.81
N ALA D 54 -5.50 -6.11 -41.74
CA ALA D 54 -6.40 -6.69 -42.73
C ALA D 54 -6.26 -6.01 -44.09
N SER D 55 -5.98 -4.71 -44.10
CA SER D 55 -5.80 -4.00 -45.36
C SER D 55 -4.48 -4.37 -46.02
N GLY D 56 -3.42 -4.53 -45.23
CA GLY D 56 -2.13 -4.90 -45.78
C GLY D 56 -1.04 -3.90 -45.49
N ALA D 57 -1.23 -3.09 -44.45
CA ALA D 57 -0.22 -2.09 -44.09
C ALA D 57 1.02 -2.77 -43.50
N MET D 58 0.82 -3.68 -42.56
CA MET D 58 1.92 -4.45 -41.99
C MET D 58 1.55 -5.92 -41.92
N PRO D 59 2.53 -6.82 -42.07
CA PRO D 59 2.22 -8.25 -42.03
C PRO D 59 1.81 -8.71 -40.64
N GLY D 60 0.91 -9.70 -40.62
CA GLY D 60 0.43 -10.23 -39.37
C GLY D 60 -0.74 -11.16 -39.58
N ASN D 61 -1.30 -11.59 -38.45
CA ASN D 61 -2.42 -12.55 -38.49
C ASN D 61 -3.70 -11.89 -38.98
N ALA D 62 -4.01 -10.68 -38.48
CA ALA D 62 -5.18 -9.86 -38.79
C ALA D 62 -6.51 -10.52 -38.39
N LEU D 63 -6.48 -11.64 -37.70
CA LEU D 63 -7.67 -12.27 -37.13
C LEU D 63 -7.58 -12.44 -35.63
N PHE D 64 -6.42 -12.87 -35.13
CA PHE D 64 -6.19 -12.88 -33.68
C PHE D 64 -6.23 -11.48 -33.10
N SER D 65 -5.64 -10.51 -33.83
CA SER D 65 -5.69 -9.12 -33.40
C SER D 65 -7.12 -8.58 -33.43
N ALA D 66 -7.90 -8.98 -34.43
CA ALA D 66 -9.30 -8.57 -34.50
C ALA D 66 -10.11 -9.15 -33.36
N ALA D 67 -9.86 -10.42 -33.01
CA ALA D 67 -10.54 -11.04 -31.87
C ALA D 67 -10.13 -10.38 -30.56
N ILE D 68 -8.86 -10.01 -30.42
CA ILE D 68 -8.39 -9.30 -29.22
C ILE D 68 -9.08 -7.95 -29.10
N SER D 69 -9.16 -7.20 -30.21
CA SER D 69 -9.83 -5.90 -30.21
C SER D 69 -11.33 -6.04 -29.90
N GLY D 70 -11.97 -7.07 -30.47
CA GLY D 70 -13.38 -7.29 -30.18
C GLY D 70 -13.64 -7.65 -28.74
N TRP D 71 -12.75 -8.44 -28.14
CA TRP D 71 -12.94 -8.78 -26.73
C TRP D 71 -12.59 -7.61 -25.81
N LEU D 72 -11.69 -6.73 -26.23
CA LEU D 72 -11.46 -5.50 -25.47
C LEU D 72 -12.68 -4.58 -25.51
N TRP D 73 -13.30 -4.46 -26.69
CA TRP D 73 -14.53 -3.67 -26.79
C TRP D 73 -15.65 -4.31 -25.99
N ILE D 74 -15.70 -5.63 -25.94
CA ILE D 74 -16.67 -6.35 -25.13
C ILE D 74 -16.42 -6.10 -23.64
N THR D 75 -15.14 -6.01 -23.24
CA THR D 75 -14.80 -5.66 -21.86
C THR D 75 -15.28 -4.26 -21.50
N VAL D 76 -15.07 -3.29 -22.39
CA VAL D 76 -15.54 -1.92 -22.17
C VAL D 76 -17.07 -1.89 -22.09
N LEU D 77 -17.73 -2.67 -22.94
CA LEU D 77 -19.19 -2.74 -22.94
C LEU D 77 -19.72 -3.37 -21.65
N PHE D 78 -19.03 -4.39 -21.14
CA PHE D 78 -19.45 -4.99 -19.87
C PHE D 78 -19.24 -4.05 -18.70
N ALA D 79 -18.13 -3.30 -18.72
CA ALA D 79 -17.88 -2.30 -17.69
C ALA D 79 -18.93 -1.19 -17.70
N ASN D 80 -19.35 -0.74 -18.88
CA ASN D 80 -20.42 0.23 -18.97
C ASN D 80 -21.76 -0.39 -18.60
N PHE D 81 -21.93 -1.70 -18.85
CA PHE D 81 -23.17 -2.39 -18.55
C PHE D 81 -23.40 -2.51 -17.05
N ALA D 82 -22.33 -2.70 -16.28
CA ALA D 82 -22.47 -2.75 -14.82
C ALA D 82 -22.97 -1.42 -14.27
N GLU D 83 -22.40 -0.31 -14.73
CA GLU D 83 -22.84 1.02 -14.32
C GLU D 83 -24.24 1.32 -14.82
N ALA D 84 -24.58 0.84 -16.02
CA ALA D 84 -25.91 1.02 -16.55
C ALA D 84 -26.95 0.27 -15.73
N LEU D 85 -26.66 -0.97 -15.32
CA LEU D 85 -27.57 -1.71 -14.46
C LEU D 85 -27.74 -1.03 -13.10
N ALA D 86 -26.63 -0.51 -12.54
CA ALA D 86 -26.71 0.19 -11.27
C ALA D 86 -27.57 1.44 -11.37
N GLU D 87 -27.37 2.24 -12.42
CA GLU D 87 -28.15 3.46 -12.58
C GLU D 87 -29.61 3.16 -12.92
N GLY D 88 -29.86 2.10 -13.69
CA GLY D 88 -31.24 1.72 -13.97
C GLY D 88 -31.98 1.22 -12.74
N ARG D 89 -31.31 0.44 -11.90
CA ARG D 89 -31.92 0.00 -10.65
C ARG D 89 -32.09 1.15 -9.68
N SER D 90 -31.23 2.18 -9.77
CA SER D 90 -31.43 3.37 -8.95
C SER D 90 -32.62 4.18 -9.41
N LYS D 91 -32.76 4.37 -10.72
CA LYS D 91 -33.78 5.25 -11.27
C LYS D 91 -35.12 4.56 -11.54
N ALA D 92 -35.19 3.23 -11.35
CA ALA D 92 -36.43 2.51 -11.62
C ALA D 92 -37.56 2.93 -10.69
N GLN D 93 -37.27 3.09 -9.40
CA GLN D 93 -38.32 3.47 -8.45
C GLN D 93 -38.74 4.93 -8.64
N ALA D 94 -37.81 5.80 -9.06
CA ALA D 94 -38.18 7.17 -9.36
C ALA D 94 -38.99 7.27 -10.65
N ASN D 95 -38.70 6.39 -11.62
CA ASN D 95 -39.51 6.36 -12.84
C ASN D 95 -40.91 5.81 -12.52
N SER D 96 -41.00 4.84 -11.61
CA SER D 96 -42.29 4.34 -11.17
C SER D 96 -43.08 5.40 -10.42
N LEU D 97 -42.39 6.24 -9.64
CA LEU D 97 -43.04 7.39 -9.00
C LEU D 97 -43.49 8.40 -10.06
N LYS D 98 -42.68 8.61 -11.09
CA LYS D 98 -43.03 9.51 -12.18
C LYS D 98 -43.96 8.87 -13.20
N GLY D 99 -44.18 7.55 -13.11
CA GLY D 99 -45.14 6.91 -14.00
C GLY D 99 -46.57 7.36 -13.76
N VAL D 100 -46.92 7.57 -12.49
CA VAL D 100 -48.24 8.11 -12.17
C VAL D 100 -48.22 9.63 -12.07
N LYS D 101 -47.04 10.24 -11.89
CA LYS D 101 -46.95 11.70 -11.84
C LYS D 101 -47.11 12.31 -13.23
N LYS D 102 -46.48 11.70 -14.24
CA LYS D 102 -46.62 12.18 -15.60
C LYS D 102 -48.00 11.84 -16.15
N THR D 103 -48.62 12.83 -16.81
CA THR D 103 -49.98 12.77 -17.35
C THR D 103 -50.98 12.38 -16.26
N ALA D 104 -51.13 13.32 -15.32
CA ALA D 104 -52.00 13.15 -14.16
C ALA D 104 -53.06 14.25 -14.15
N PHE D 105 -54.19 13.93 -13.54
CA PHE D 105 -55.31 14.86 -13.44
C PHE D 105 -55.08 15.75 -12.23
N ALA D 106 -54.76 17.02 -12.47
CA ALA D 106 -54.55 18.00 -11.42
C ALA D 106 -55.67 19.04 -11.46
N ARG D 107 -56.34 19.22 -10.32
CA ARG D 107 -57.47 20.12 -10.21
C ARG D 107 -57.11 21.29 -9.31
N LYS D 108 -57.40 22.50 -9.76
CA LYS D 108 -57.07 23.73 -9.05
C LYS D 108 -58.33 24.54 -8.84
N LEU D 109 -58.55 25.00 -7.60
CA LEU D 109 -59.73 25.78 -7.28
C LEU D 109 -59.53 27.25 -7.64
N ARG D 110 -60.56 28.05 -7.40
CA ARG D 110 -60.49 29.49 -7.55
C ARG D 110 -60.57 30.25 -6.23
N GLU D 111 -61.27 29.70 -5.24
CA GLU D 111 -61.35 30.22 -3.90
C GLU D 111 -60.79 29.20 -2.92
N PRO D 112 -60.23 29.63 -1.79
CA PRO D 112 -59.69 28.66 -0.82
C PRO D 112 -60.74 27.80 -0.14
N LYS D 113 -62.01 28.21 -0.15
CA LYS D 113 -63.06 27.45 0.52
C LYS D 113 -63.62 26.36 -0.38
N TYR D 114 -64.37 25.45 0.22
CA TYR D 114 -64.98 24.34 -0.50
C TYR D 114 -66.20 24.80 -1.29
N GLY D 115 -66.48 24.08 -2.38
CA GLY D 115 -67.62 24.39 -3.22
C GLY D 115 -67.36 25.44 -4.28
N ALA D 116 -66.12 25.87 -4.46
CA ALA D 116 -65.79 26.90 -5.44
C ALA D 116 -65.60 26.28 -6.82
N ALA D 117 -65.45 27.15 -7.82
CA ALA D 117 -65.18 26.70 -9.17
C ALA D 117 -63.78 26.11 -9.28
N ALA D 118 -63.65 25.03 -10.03
CA ALA D 118 -62.40 24.30 -10.15
C ALA D 118 -61.89 24.36 -11.57
N ASP D 119 -60.57 24.43 -11.71
CA ASP D 119 -59.91 24.47 -13.01
C ASP D 119 -59.45 23.07 -13.39
N LYS D 120 -59.93 22.57 -14.52
CA LYS D 120 -59.56 21.24 -15.00
C LYS D 120 -58.36 21.29 -15.94
N VAL D 121 -57.28 21.93 -15.49
CA VAL D 121 -56.06 22.08 -16.27
C VAL D 121 -54.91 21.51 -15.45
N PRO D 122 -54.21 20.47 -15.92
CA PRO D 122 -53.07 19.92 -15.16
C PRO D 122 -51.81 20.76 -15.31
N ALA D 123 -51.85 21.97 -14.77
CA ALA D 123 -50.72 22.89 -14.88
C ALA D 123 -49.72 22.59 -13.77
N ASP D 124 -48.45 22.41 -14.15
CA ASP D 124 -47.38 22.14 -13.21
C ASP D 124 -46.59 23.38 -12.82
N GLN D 125 -47.09 24.57 -13.16
CA GLN D 125 -46.45 25.84 -12.82
C GLN D 125 -47.12 26.52 -11.64
N LEU D 126 -47.58 25.73 -10.67
CA LEU D 126 -48.27 26.27 -9.49
C LEU D 126 -47.26 26.94 -8.58
N ARG D 127 -47.45 28.24 -8.32
CA ARG D 127 -46.54 29.02 -7.51
C ARG D 127 -46.99 28.99 -6.05
N LYS D 128 -46.40 29.86 -5.24
CA LYS D 128 -46.73 29.94 -3.82
C LYS D 128 -48.14 30.49 -3.62
N GLY D 129 -48.84 29.93 -2.64
CA GLY D 129 -50.20 30.34 -2.37
C GLY D 129 -51.25 29.75 -3.27
N ASP D 130 -50.87 28.83 -4.16
CA ASP D 130 -51.83 28.23 -5.07
C ASP D 130 -52.73 27.24 -4.34
N ILE D 131 -54.01 27.25 -4.70
CA ILE D 131 -55.03 26.46 -4.02
C ILE D 131 -55.49 25.35 -4.95
N VAL D 132 -55.35 24.10 -4.50
CA VAL D 132 -55.76 22.94 -5.27
C VAL D 132 -56.70 22.09 -4.43
N LEU D 133 -57.46 21.23 -5.11
CA LEU D 133 -58.33 20.27 -4.44
C LEU D 133 -58.23 18.94 -5.18
N VAL D 134 -58.31 17.85 -4.43
CA VAL D 134 -58.27 16.51 -4.97
C VAL D 134 -59.47 15.74 -4.44
N GLU D 135 -59.81 14.66 -5.14
CA GLU D 135 -60.97 13.82 -4.83
C GLU D 135 -60.49 12.42 -4.47
N ALA D 136 -61.46 11.50 -4.34
CA ALA D 136 -61.14 10.11 -4.05
C ALA D 136 -60.49 9.44 -5.25
N GLY D 137 -59.42 8.70 -4.98
CA GLY D 137 -58.67 8.05 -6.04
C GLY D 137 -57.95 9.01 -6.97
N ASP D 138 -57.32 10.04 -6.42
CA ASP D 138 -56.65 11.07 -7.20
C ASP D 138 -55.17 11.14 -6.82
N ILE D 139 -54.46 12.07 -7.44
CA ILE D 139 -53.04 12.29 -7.22
C ILE D 139 -52.85 13.72 -6.77
N ILE D 140 -52.12 13.92 -5.68
CA ILE D 140 -51.74 15.27 -5.23
C ILE D 140 -50.81 15.90 -6.27
N PRO D 141 -50.97 17.18 -6.60
CA PRO D 141 -50.06 17.81 -7.57
C PRO D 141 -48.62 17.93 -7.06
N CYS D 142 -48.43 18.48 -5.87
CA CYS D 142 -47.09 18.70 -5.33
C CYS D 142 -47.19 18.78 -3.81
N ASP D 143 -46.08 19.15 -3.18
CA ASP D 143 -46.04 19.32 -1.74
C ASP D 143 -46.85 20.53 -1.31
N GLY D 144 -47.44 20.46 -0.12
CA GLY D 144 -48.21 21.59 0.38
C GLY D 144 -48.80 21.29 1.73
N GLU D 145 -49.54 22.27 2.24
CA GLU D 145 -50.22 22.18 3.52
C GLU D 145 -51.72 22.16 3.30
N VAL D 146 -52.41 21.25 4.00
CA VAL D 146 -53.85 21.13 3.86
C VAL D 146 -54.52 22.28 4.60
N ILE D 147 -55.35 23.03 3.87
CA ILE D 147 -56.08 24.14 4.49
C ILE D 147 -57.15 23.63 5.42
N GLU D 148 -58.00 22.72 4.94
CA GLU D 148 -59.04 22.11 5.75
C GLU D 148 -59.46 20.79 5.12
N GLY D 149 -60.14 19.97 5.90
CA GLY D 149 -60.64 18.69 5.45
C GLY D 149 -59.96 17.54 6.17
N GLY D 150 -60.34 16.33 5.76
CA GLY D 150 -59.77 15.11 6.32
C GLY D 150 -59.95 13.94 5.38
N ALA D 151 -58.89 13.18 5.15
CA ALA D 151 -58.94 12.08 4.18
C ALA D 151 -57.90 11.03 4.54
N SER D 152 -58.07 9.85 3.97
CA SER D 152 -57.11 8.76 4.10
C SER D 152 -56.17 8.79 2.91
N VAL D 153 -54.89 9.00 3.17
CA VAL D 153 -53.86 9.14 2.15
C VAL D 153 -52.93 7.94 2.23
N ASP D 154 -52.70 7.29 1.10
CA ASP D 154 -51.74 6.18 1.04
C ASP D 154 -50.38 6.74 0.64
N GLU D 155 -49.40 6.58 1.54
CA GLU D 155 -48.06 7.11 1.34
C GLU D 155 -47.13 6.10 0.66
N SER D 156 -47.70 5.22 -0.18
CA SER D 156 -46.93 4.14 -0.79
C SER D 156 -45.90 4.64 -1.77
N ALA D 157 -46.15 5.77 -2.43
CA ALA D 157 -45.26 6.24 -3.49
C ALA D 157 -43.91 6.70 -2.95
N ILE D 158 -43.85 7.13 -1.70
CA ILE D 158 -42.59 7.54 -1.11
C ILE D 158 -42.11 6.59 -0.01
N THR D 159 -43.00 5.79 0.58
CA THR D 159 -42.56 4.84 1.60
C THR D 159 -42.18 3.48 1.00
N GLY D 160 -42.74 3.14 -0.15
CA GLY D 160 -42.50 1.85 -0.77
C GLY D 160 -43.41 0.74 -0.30
N GLU D 161 -44.25 0.99 0.70
CA GLU D 161 -45.26 0.03 1.14
C GLU D 161 -46.59 0.76 1.36
N SEP D 162 -47.68 0.11 1.02
CA SEP D 162 -49.00 0.73 1.11
CB SEP D 162 -50.00 -0.03 0.22
OG SEP D 162 -50.11 -1.38 0.62
C SEP D 162 -49.54 0.80 2.53
O SEP D 162 -49.70 -0.23 3.19
P SEP D 162 -50.24 -2.31 -0.67
O1P SEP D 162 -48.80 -2.45 -1.37
O2P SEP D 162 -50.77 -3.77 -0.24
O3P SEP D 162 -51.28 -1.64 -1.70
N ALA D 163 -49.82 2.02 2.98
CA ALA D 163 -50.34 2.24 4.33
C ALA D 163 -51.08 3.57 4.42
N PRO D 164 -52.31 3.55 4.92
CA PRO D 164 -53.11 4.78 5.00
C PRO D 164 -52.67 5.67 6.15
N VAL D 165 -52.56 6.97 5.87
CA VAL D 165 -52.32 7.97 6.90
C VAL D 165 -53.51 8.93 6.90
N ILE D 166 -53.52 9.83 7.88
CA ILE D 166 -54.57 10.84 8.01
C ILE D 166 -53.92 12.22 7.93
N ARG D 167 -54.36 13.01 6.95
CA ARG D 167 -53.93 14.39 6.81
C ARG D 167 -55.13 15.29 7.06
N GLU D 168 -54.97 16.28 7.92
CA GLU D 168 -56.07 17.16 8.31
C GLU D 168 -55.51 18.50 8.74
N SER D 169 -56.41 19.48 8.82
CA SER D 169 -56.02 20.81 9.27
C SER D 169 -55.70 20.82 10.76
N GLY D 170 -54.68 21.58 11.13
CA GLY D 170 -54.29 21.68 12.52
C GLY D 170 -53.27 20.63 12.92
N GLY D 171 -52.41 21.01 13.86
CA GLY D 171 -51.37 20.11 14.31
C GLY D 171 -50.29 19.91 13.27
N ASP D 172 -49.57 18.80 13.42
CA ASP D 172 -48.52 18.42 12.48
C ASP D 172 -49.02 17.54 11.34
N PHE D 173 -50.32 17.25 11.30
CA PHE D 173 -50.88 16.40 10.26
C PHE D 173 -51.19 17.15 8.97
N ALA D 174 -51.02 18.47 8.94
CA ALA D 174 -51.25 19.26 7.73
C ALA D 174 -49.96 19.34 6.91
N SER D 175 -49.55 18.17 6.41
CA SER D 175 -48.34 18.07 5.60
C SER D 175 -48.51 16.86 4.67
N VAL D 176 -48.85 17.13 3.41
CA VAL D 176 -49.05 16.09 2.41
C VAL D 176 -48.09 16.35 1.25
N THR D 177 -47.51 15.29 0.72
CA THR D 177 -46.57 15.39 -0.39
C THR D 177 -47.27 15.09 -1.71
N GLY D 178 -46.52 15.17 -2.80
CA GLY D 178 -47.09 15.13 -4.13
C GLY D 178 -47.35 13.77 -4.73
N GLY D 179 -46.31 12.93 -4.80
CA GLY D 179 -46.39 11.69 -5.58
C GLY D 179 -47.34 10.65 -5.02
N THR D 180 -47.67 10.72 -3.75
CA THR D 180 -48.57 9.75 -3.15
C THR D 180 -50.02 10.04 -3.50
N ARG D 181 -50.79 8.97 -3.63
CA ARG D 181 -52.20 9.06 -4.01
C ARG D 181 -53.08 9.25 -2.78
N ILE D 182 -54.28 9.76 -3.02
CA ILE D 182 -55.28 9.97 -1.98
C ILE D 182 -56.44 9.01 -2.25
N LEU D 183 -56.88 8.31 -1.20
CA LEU D 183 -57.76 7.15 -1.35
C LEU D 183 -59.24 7.46 -1.14
N SER D 184 -59.57 8.18 -0.07
CA SER D 184 -60.92 8.16 0.47
C SER D 184 -61.71 9.45 0.26
N ASP D 185 -61.19 10.59 0.71
CA ASP D 185 -62.03 11.78 0.78
C ASP D 185 -61.36 12.96 0.09
N TRP D 186 -61.90 14.17 0.29
CA TRP D 186 -61.39 15.36 -0.37
C TRP D 186 -60.60 16.22 0.60
N LEU D 187 -59.54 16.83 0.08
CA LEU D 187 -58.77 17.84 0.80
C LEU D 187 -58.51 19.03 -0.09
N VAL D 188 -58.33 20.19 0.52
CA VAL D 188 -57.87 21.40 -0.15
C VAL D 188 -56.48 21.74 0.38
N ILE D 189 -55.56 22.00 -0.54
CA ILE D 189 -54.14 22.11 -0.22
C ILE D 189 -53.62 23.46 -0.69
N GLU D 190 -53.02 24.21 0.22
CA GLU D 190 -52.27 25.40 -0.15
C GLU D 190 -50.87 25.00 -0.58
N CYS D 191 -50.42 25.52 -1.73
CA CYS D 191 -49.09 25.21 -2.23
C CYS D 191 -48.03 25.86 -1.33
N SER D 192 -47.00 25.09 -0.99
CA SER D 192 -45.98 25.54 -0.06
C SER D 192 -44.60 25.69 -0.67
N VAL D 193 -44.29 24.98 -1.76
CA VAL D 193 -42.99 25.08 -2.42
C VAL D 193 -43.20 25.22 -3.92
N ASN D 194 -42.21 25.83 -4.57
CA ASN D 194 -42.19 25.93 -6.02
C ASN D 194 -41.73 24.61 -6.63
N PRO D 195 -42.19 24.28 -7.84
CA PRO D 195 -41.65 23.12 -8.55
C PRO D 195 -40.19 23.34 -8.91
N GLY D 196 -39.32 22.47 -8.40
CA GLY D 196 -37.89 22.61 -8.57
C GLY D 196 -37.16 22.30 -7.29
N GLU D 197 -37.82 22.56 -6.16
CA GLU D 197 -37.30 22.20 -4.84
C GLU D 197 -38.23 21.24 -4.10
N THR D 198 -39.20 20.65 -4.80
CA THR D 198 -40.13 19.72 -4.16
C THR D 198 -39.46 18.38 -3.90
N PHE D 199 -40.16 17.52 -3.15
CA PHE D 199 -39.61 16.24 -2.72
C PHE D 199 -39.39 15.30 -3.90
N LEU D 200 -40.32 15.25 -4.84
CA LEU D 200 -40.17 14.37 -6.00
C LEU D 200 -39.02 14.81 -6.89
N ASP D 201 -38.85 16.12 -7.08
CA ASP D 201 -37.73 16.62 -7.86
C ASP D 201 -36.42 16.40 -7.14
N ARG D 202 -36.41 16.49 -5.81
CA ARG D 202 -35.19 16.24 -5.06
C ARG D 202 -34.81 14.76 -5.10
N MET D 203 -35.79 13.86 -5.05
CA MET D 203 -35.48 12.44 -5.20
C MET D 203 -35.03 12.10 -6.62
N ILE D 204 -35.61 12.77 -7.62
CA ILE D 204 -35.17 12.60 -9.00
C ILE D 204 -33.73 13.07 -9.16
N ALA D 205 -33.39 14.22 -8.56
CA ALA D 205 -32.01 14.71 -8.60
C ALA D 205 -31.08 13.83 -7.78
N MET D 206 -31.61 13.12 -6.77
CA MET D 206 -30.83 12.13 -6.05
C MET D 206 -30.48 10.95 -6.95
N VAL D 207 -31.47 10.44 -7.69
CA VAL D 207 -31.21 9.24 -8.49
C VAL D 207 -30.52 9.55 -9.83
N GLU D 208 -30.51 10.81 -10.28
CA GLU D 208 -29.75 11.16 -11.47
C GLU D 208 -28.47 11.91 -11.15
N GLY D 209 -28.29 12.36 -9.91
CA GLY D 209 -27.07 13.03 -9.52
C GLY D 209 -26.05 12.08 -8.93
N ALA D 210 -25.99 10.87 -9.47
CA ALA D 210 -25.02 9.88 -9.01
C ALA D 210 -23.61 10.28 -9.44
N GLN D 211 -22.65 10.03 -8.54
CA GLN D 211 -21.21 10.34 -8.67
C GLN D 211 -20.92 11.77 -9.18
N ARG D 212 -21.80 12.72 -8.88
CA ARG D 212 -21.49 14.12 -9.16
C ARG D 212 -20.46 14.64 -8.17
N ARG D 213 -20.63 14.33 -6.89
CA ARG D 213 -19.67 14.63 -5.84
C ARG D 213 -19.07 13.31 -5.39
N LYS D 214 -17.87 13.02 -5.87
CA LYS D 214 -17.23 11.74 -5.57
C LYS D 214 -16.78 11.69 -4.12
N THR D 215 -17.05 10.56 -3.48
CA THR D 215 -16.69 10.37 -2.08
C THR D 215 -15.17 10.25 -1.93
N PRO D 216 -14.61 10.65 -0.78
CA PRO D 216 -13.14 10.54 -0.60
C PRO D 216 -12.60 9.13 -0.67
N ASN D 217 -13.37 8.12 -0.25
CA ASN D 217 -12.95 6.74 -0.39
C ASN D 217 -12.83 6.36 -1.87
N GLU D 218 -13.82 6.77 -2.68
CA GLU D 218 -13.75 6.50 -4.11
C GLU D 218 -12.62 7.27 -4.77
N ILE D 219 -12.33 8.49 -4.29
CA ILE D 219 -11.21 9.26 -4.82
C ILE D 219 -9.88 8.57 -4.51
N ALA D 220 -9.70 8.10 -3.27
CA ALA D 220 -8.44 7.44 -2.91
C ALA D 220 -8.29 6.09 -3.59
N LEU D 221 -9.39 5.35 -3.75
CA LEU D 221 -9.34 4.09 -4.50
C LEU D 221 -9.02 4.35 -5.97
N THR D 222 -9.56 5.44 -6.53
CA THR D 222 -9.21 5.85 -7.89
C THR D 222 -7.73 6.22 -8.00
N ILE D 223 -7.18 6.82 -6.95
CA ILE D 223 -5.75 7.13 -6.91
C ILE D 223 -4.92 5.85 -6.94
N LEU D 224 -5.33 4.84 -6.17
CA LEU D 224 -4.65 3.54 -6.21
C LEU D 224 -4.75 2.89 -7.58
N LEU D 225 -5.94 2.95 -8.20
CA LEU D 225 -6.12 2.32 -9.50
C LEU D 225 -5.30 3.05 -10.58
N ILE D 226 -5.17 4.37 -10.45
CA ILE D 226 -4.36 5.14 -11.38
C ILE D 226 -2.87 4.79 -11.21
N ALA D 227 -2.41 4.64 -9.97
CA ALA D 227 -1.02 4.26 -9.73
C ALA D 227 -0.71 2.86 -10.25
N LEU D 228 -1.64 1.92 -10.05
CA LEU D 228 -1.48 0.57 -10.58
C LEU D 228 -1.49 0.58 -12.11
N THR D 229 -2.37 1.38 -12.72
CA THR D 229 -2.38 1.52 -14.16
C THR D 229 -1.08 2.14 -14.68
N ILE D 230 -0.49 3.05 -13.90
CA ILE D 230 0.75 3.69 -14.32
C ILE D 230 1.92 2.70 -14.30
N VAL D 231 2.04 1.91 -13.23
CA VAL D 231 3.14 0.95 -13.20
C VAL D 231 2.94 -0.16 -14.23
N PHE D 232 1.69 -0.59 -14.45
CA PHE D 232 1.43 -1.61 -15.46
C PHE D 232 1.67 -1.07 -16.87
N LEU D 233 1.30 0.19 -17.12
CA LEU D 233 1.56 0.80 -18.42
C LEU D 233 3.05 1.00 -18.65
N LEU D 234 3.80 1.36 -17.61
CA LEU D 234 5.24 1.50 -17.73
C LEU D 234 5.91 0.17 -18.03
N ALA D 235 5.51 -0.89 -17.31
CA ALA D 235 6.08 -2.21 -17.55
C ALA D 235 5.75 -2.72 -18.94
N THR D 236 4.49 -2.55 -19.36
CA THR D 236 4.07 -3.03 -20.68
C THR D 236 4.72 -2.24 -21.81
N ALA D 237 4.82 -0.92 -21.67
CA ALA D 237 5.44 -0.09 -22.71
C ALA D 237 6.93 -0.35 -22.80
N THR D 238 7.63 -0.48 -21.66
CA THR D 238 9.05 -0.75 -21.68
C THR D 238 9.36 -2.21 -22.00
N LEU D 239 8.34 -3.07 -22.03
CA LEU D 239 8.57 -4.46 -22.43
C LEU D 239 8.95 -4.59 -23.90
N TRP D 240 8.48 -3.67 -24.75
CA TRP D 240 8.87 -3.73 -26.17
C TRP D 240 10.36 -3.48 -26.40
N PRO D 241 11.01 -2.44 -25.84
CA PRO D 241 12.47 -2.34 -26.02
C PRO D 241 13.24 -3.43 -25.32
N PHE D 242 12.68 -4.01 -24.25
CA PHE D 242 13.38 -5.10 -23.56
C PHE D 242 13.40 -6.36 -24.42
N SER D 243 12.29 -6.63 -25.11
CA SER D 243 12.17 -7.80 -25.97
C SER D 243 12.73 -7.58 -27.37
N ALA D 244 13.00 -6.33 -27.75
CA ALA D 244 13.64 -6.08 -29.04
C ALA D 244 15.09 -6.57 -29.07
N TRP D 245 15.71 -6.75 -27.90
CA TRP D 245 17.08 -7.24 -27.82
C TRP D 245 17.18 -8.73 -28.10
N GLY D 246 16.08 -9.47 -27.94
CA GLY D 246 16.10 -10.91 -28.16
C GLY D 246 16.14 -11.35 -29.60
N GLY D 247 15.97 -10.42 -30.54
CA GLY D 247 16.01 -10.75 -31.95
C GLY D 247 14.75 -10.36 -32.69
N ASN D 248 13.61 -10.58 -32.06
CA ASN D 248 12.33 -10.13 -32.59
C ASN D 248 11.52 -9.53 -31.45
N ALA D 249 10.71 -8.53 -31.79
CA ALA D 249 9.98 -7.78 -30.78
C ALA D 249 8.64 -8.44 -30.48
N VAL D 250 8.12 -8.14 -29.30
CA VAL D 250 6.79 -8.58 -28.90
C VAL D 250 5.76 -7.76 -29.67
N SER D 251 4.78 -8.46 -30.26
CA SER D 251 3.74 -7.79 -31.03
C SER D 251 2.91 -6.88 -30.12
N VAL D 252 2.52 -5.72 -30.67
CA VAL D 252 1.84 -4.71 -29.85
C VAL D 252 0.41 -5.10 -29.51
N THR D 253 -0.21 -6.00 -30.28
CA THR D 253 -1.51 -6.52 -29.89
C THR D 253 -1.41 -7.35 -28.61
N VAL D 254 -0.36 -8.15 -28.50
CA VAL D 254 -0.07 -8.89 -27.28
C VAL D 254 0.19 -7.92 -26.13
N LEU D 255 0.88 -6.81 -26.41
CA LEU D 255 1.18 -5.82 -25.39
C LEU D 255 -0.10 -5.15 -24.87
N VAL D 256 -1.00 -4.76 -25.77
CA VAL D 256 -2.23 -4.11 -25.35
C VAL D 256 -3.14 -5.09 -24.61
N ALA D 257 -3.18 -6.36 -25.07
CA ALA D 257 -3.94 -7.39 -24.37
C ALA D 257 -3.40 -7.65 -22.97
N LEU D 258 -2.08 -7.71 -22.83
CA LEU D 258 -1.46 -7.90 -21.51
C LEU D 258 -1.68 -6.69 -20.63
N LEU D 259 -1.67 -5.49 -21.21
CA LEU D 259 -1.95 -4.27 -20.46
C LEU D 259 -3.37 -4.24 -19.90
N VAL D 260 -4.34 -4.63 -20.73
CA VAL D 260 -5.73 -4.65 -20.26
C VAL D 260 -5.92 -5.76 -19.23
N CYS D 261 -5.26 -6.90 -19.44
CA CYS D 261 -5.37 -8.01 -18.48
C CYS D 261 -4.69 -7.68 -17.16
N LEU D 262 -3.69 -6.80 -17.17
CA LEU D 262 -2.95 -6.51 -15.93
C LEU D 262 -3.66 -5.47 -15.08
N ILE D 263 -4.16 -4.39 -15.68
CA ILE D 263 -4.73 -3.27 -14.93
C ILE D 263 -6.05 -3.70 -14.28
N PRO D 264 -6.39 -3.15 -13.11
CA PRO D 264 -7.60 -3.60 -12.42
C PRO D 264 -8.89 -3.17 -13.11
N THR D 265 -9.28 -3.90 -14.15
CA THR D 265 -10.51 -3.59 -14.86
C THR D 265 -11.75 -4.02 -14.09
N THR D 266 -11.62 -4.95 -13.15
CA THR D 266 -12.79 -5.40 -12.39
C THR D 266 -13.30 -4.29 -11.47
N ILE D 267 -12.48 -3.85 -10.52
CA ILE D 267 -12.87 -2.75 -9.65
C ILE D 267 -12.93 -1.43 -10.45
N GLY D 268 -12.11 -1.29 -11.49
CA GLY D 268 -12.16 -0.11 -12.32
C GLY D 268 -13.43 0.05 -13.13
N GLY D 269 -14.12 -1.06 -13.40
CA GLY D 269 -15.42 -0.98 -14.05
C GLY D 269 -16.57 -1.06 -13.08
N LEU D 270 -16.33 -1.58 -11.88
CA LEU D 270 -17.41 -1.79 -10.91
C LEU D 270 -17.44 -0.76 -9.80
N LEU D 271 -16.54 0.24 -9.80
CA LEU D 271 -16.53 1.24 -8.72
C LEU D 271 -17.79 2.10 -8.72
N SER D 272 -18.17 2.62 -9.90
CA SER D 272 -19.40 3.40 -10.00
C SER D 272 -20.62 2.53 -9.74
N ALA D 273 -20.59 1.26 -10.14
CA ALA D 273 -21.68 0.34 -9.84
C ALA D 273 -21.82 0.13 -8.34
N ILE D 274 -20.70 0.01 -7.63
CA ILE D 274 -20.72 -0.15 -6.18
C ILE D 274 -21.33 1.09 -5.52
N GLY D 275 -20.91 2.28 -5.97
CA GLY D 275 -21.43 3.51 -5.37
C GLY D 275 -22.91 3.71 -5.61
N VAL D 276 -23.36 3.50 -6.85
CA VAL D 276 -24.76 3.70 -7.18
C VAL D 276 -25.63 2.62 -6.54
N ALA D 277 -25.14 1.38 -6.47
CA ALA D 277 -25.90 0.32 -5.82
C ALA D 277 -25.99 0.53 -4.31
N GLY D 278 -24.93 1.08 -3.70
CA GLY D 278 -25.01 1.42 -2.30
C GLY D 278 -25.99 2.55 -2.01
N MET D 279 -26.03 3.55 -2.89
CA MET D 279 -27.03 4.61 -2.75
C MET D 279 -28.45 4.07 -2.98
N SER D 280 -28.60 3.10 -3.87
CA SER D 280 -29.90 2.48 -4.07
C SER D 280 -30.32 1.66 -2.86
N ARG D 281 -29.36 0.99 -2.20
CA ARG D 281 -29.66 0.28 -0.96
C ARG D 281 -29.98 1.23 0.18
N MET D 282 -29.35 2.40 0.20
CA MET D 282 -29.72 3.44 1.16
C MET D 282 -31.14 3.95 0.93
N LEU D 283 -31.49 4.23 -0.33
CA LEU D 283 -32.79 4.83 -0.62
C LEU D 283 -33.90 3.78 -0.51
N GLY D 284 -33.58 2.50 -0.76
CA GLY D 284 -34.55 1.44 -0.57
C GLY D 284 -34.87 1.15 0.88
N ALA D 285 -33.99 1.56 1.80
CA ALA D 285 -34.26 1.49 3.24
C ALA D 285 -34.95 2.74 3.75
N ASN D 286 -35.46 3.58 2.85
CA ASN D 286 -36.18 4.82 3.15
C ASN D 286 -35.33 5.79 3.97
N VAL D 287 -34.03 5.83 3.68
CA VAL D 287 -33.12 6.81 4.25
C VAL D 287 -32.54 7.61 3.09
N ILE D 288 -32.69 8.93 3.15
CA ILE D 288 -32.35 9.81 2.04
C ILE D 288 -31.20 10.70 2.46
N ALA D 289 -30.10 10.61 1.72
CA ALA D 289 -28.92 11.44 1.96
C ALA D 289 -28.58 12.22 0.71
N THR D 290 -27.98 13.40 0.89
CA THR D 290 -27.59 14.23 -0.24
C THR D 290 -26.50 13.57 -1.07
N SER D 291 -25.52 12.94 -0.41
CA SER D 291 -24.45 12.26 -1.12
C SER D 291 -24.01 11.07 -0.29
N GLY D 292 -23.09 10.28 -0.85
CA GLY D 292 -22.59 9.11 -0.18
C GLY D 292 -21.51 9.36 0.84
N ARG D 293 -21.11 10.62 1.03
CA ARG D 293 -20.09 10.96 2.02
C ARG D 293 -20.56 10.64 3.44
N ALA D 294 -21.81 10.99 3.76
CA ALA D 294 -22.34 10.70 5.08
C ALA D 294 -22.58 9.21 5.28
N VAL D 295 -22.97 8.51 4.21
CA VAL D 295 -23.15 7.06 4.27
C VAL D 295 -21.82 6.37 4.54
N GLU D 296 -20.74 6.83 3.90
CA GLU D 296 -19.42 6.26 4.14
C GLU D 296 -18.90 6.65 5.52
N ALA D 297 -19.20 7.86 5.98
CA ALA D 297 -18.79 8.28 7.32
C ALA D 297 -19.56 7.55 8.40
N ALA D 298 -20.74 7.01 8.08
CA ALA D 298 -21.47 6.17 9.04
C ALA D 298 -20.72 4.88 9.34
N GLY D 299 -19.90 4.39 8.41
CA GLY D 299 -19.07 3.24 8.69
C GLY D 299 -17.87 3.50 9.55
N ASP D 300 -17.52 4.77 9.77
CA ASP D 300 -16.38 5.15 10.59
C ASP D 300 -16.74 5.40 12.05
N VAL D 301 -18.02 5.33 12.41
CA VAL D 301 -18.44 5.73 13.74
C VAL D 301 -18.04 4.69 14.76
N ASP D 302 -17.80 5.15 16.00
CA ASP D 302 -17.45 4.28 17.11
C ASP D 302 -18.54 4.18 18.16
N VAL D 303 -19.55 5.05 18.11
CA VAL D 303 -20.65 5.02 19.07
C VAL D 303 -21.92 5.44 18.35
N LEU D 304 -23.03 4.79 18.68
CA LEU D 304 -24.34 5.08 18.12
C LEU D 304 -25.23 5.66 19.21
N LEU D 305 -25.81 6.82 18.95
CA LEU D 305 -26.70 7.50 19.88
C LEU D 305 -28.12 7.37 19.34
N LEU D 306 -28.95 6.59 20.03
CA LEU D 306 -30.31 6.36 19.60
C LEU D 306 -31.24 7.44 20.16
N ASP D 307 -32.54 7.30 19.88
CA ASP D 307 -33.50 8.35 20.17
C ASP D 307 -34.89 7.75 20.25
N LYS D 308 -35.46 7.70 21.45
CA LYS D 308 -36.82 7.16 21.57
C LYS D 308 -37.72 8.04 22.44
N THR D 309 -37.46 9.34 22.51
CA THR D 309 -38.47 10.26 23.00
C THR D 309 -39.56 10.43 21.93
N GLY D 310 -40.81 10.40 22.38
CA GLY D 310 -41.93 10.47 21.47
C GLY D 310 -42.29 9.16 20.82
N THR D 311 -41.61 8.06 21.14
CA THR D 311 -41.93 6.74 20.61
C THR D 311 -41.92 5.74 21.76
N ILE D 312 -42.60 4.63 21.54
CA ILE D 312 -42.60 3.49 22.46
C ILE D 312 -41.53 2.51 21.97
N THR D 313 -40.67 2.07 22.89
CA THR D 313 -39.52 1.19 22.64
C THR D 313 -38.57 1.77 21.60
N LEU D 314 -37.72 0.92 21.03
CA LEU D 314 -36.71 1.36 20.07
C LEU D 314 -37.16 1.23 18.63
N GLY D 315 -38.40 0.78 18.39
CA GLY D 315 -38.88 0.55 17.05
C GLY D 315 -38.59 -0.83 16.50
N ASN D 316 -37.82 -1.65 17.22
CA ASN D 316 -37.57 -3.02 16.79
C ASN D 316 -38.76 -3.92 17.02
N ARG D 317 -39.63 -3.59 17.98
CA ARG D 317 -40.82 -4.36 18.25
C ARG D 317 -42.00 -3.80 17.48
N GLN D 318 -42.68 -4.66 16.73
CA GLN D 318 -43.82 -4.26 15.92
C GLN D 318 -44.91 -5.31 16.01
N ALA D 319 -46.13 -4.90 15.64
CA ALA D 319 -47.31 -5.71 15.86
C ALA D 319 -47.30 -6.97 15.00
N SER D 320 -47.72 -8.09 15.59
CA SER D 320 -47.72 -9.37 14.90
C SER D 320 -49.03 -10.13 15.06
N GLU D 321 -49.77 -9.87 16.15
CA GLU D 321 -50.95 -10.67 16.44
C GLU D 321 -51.97 -9.80 17.17
N PHE D 322 -53.24 -10.13 16.97
CA PHE D 322 -54.36 -9.47 17.63
C PHE D 322 -55.03 -10.45 18.59
N ILE D 323 -55.26 -10.02 19.82
CA ILE D 323 -55.82 -10.90 20.84
C ILE D 323 -57.12 -10.30 21.39
N PRO D 324 -58.28 -10.83 21.02
CA PRO D 324 -59.52 -10.47 21.70
C PRO D 324 -59.46 -10.80 23.19
N ALA D 325 -60.17 -9.99 23.98
CA ALA D 325 -60.21 -10.24 25.43
C ALA D 325 -61.24 -11.32 25.76
N GLN D 326 -62.53 -11.01 25.56
CA GLN D 326 -63.63 -11.95 25.73
C GLN D 326 -64.90 -11.40 25.09
N GLY D 327 -65.55 -12.21 24.25
CA GLY D 327 -66.77 -11.80 23.58
C GLY D 327 -66.60 -10.66 22.60
N VAL D 328 -65.38 -10.40 22.15
CA VAL D 328 -65.07 -9.28 21.28
C VAL D 328 -64.57 -9.84 19.95
N ASP D 329 -65.18 -9.39 18.87
CA ASP D 329 -64.76 -9.83 17.54
C ASP D 329 -63.37 -9.29 17.21
N GLU D 330 -62.55 -10.15 16.60
CA GLU D 330 -61.20 -9.76 16.21
C GLU D 330 -61.22 -8.68 15.13
N LYS D 331 -62.22 -8.70 14.26
CA LYS D 331 -62.37 -7.65 13.26
C LYS D 331 -62.67 -6.30 13.91
N THR D 332 -63.54 -6.30 14.92
CA THR D 332 -63.84 -5.06 15.64
C THR D 332 -62.64 -4.55 16.42
N LEU D 333 -61.89 -5.47 17.05
CA LEU D 333 -60.70 -5.06 17.78
C LEU D 333 -59.62 -4.51 16.85
N ALA D 334 -59.43 -5.14 15.69
CA ALA D 334 -58.47 -4.65 14.71
C ALA D 334 -58.90 -3.31 14.13
N ASP D 335 -60.20 -3.13 13.90
CA ASP D 335 -60.71 -1.85 13.41
C ASP D 335 -60.49 -0.74 14.43
N ALA D 336 -60.76 -1.03 15.71
CA ALA D 336 -60.55 -0.04 16.77
C ALA D 336 -59.07 0.29 16.94
N ALA D 337 -58.19 -0.72 16.87
CA ALA D 337 -56.76 -0.48 16.97
C ALA D 337 -56.22 0.31 15.79
N GLN D 338 -56.69 0.01 14.58
CA GLN D 338 -56.28 0.75 13.39
C GLN D 338 -56.77 2.20 13.45
N LEU D 339 -58.02 2.41 13.87
CA LEU D 339 -58.57 3.75 14.01
C LEU D 339 -57.87 4.56 15.10
N ALA D 340 -57.45 3.92 16.18
CA ALA D 340 -56.65 4.59 17.19
C ALA D 340 -55.22 4.84 16.74
N SER D 341 -54.68 4.00 15.85
CA SER D 341 -53.31 4.14 15.39
C SER D 341 -53.19 4.96 14.11
N LEU D 342 -54.31 5.50 13.59
CA LEU D 342 -54.21 6.48 12.52
C LEU D 342 -53.49 7.74 12.96
N ALA D 343 -53.74 8.19 14.20
CA ALA D 343 -53.07 9.38 14.71
C ALA D 343 -51.66 9.10 15.21
N ASP D 344 -51.24 7.84 15.28
CA ASP D 344 -49.92 7.46 15.75
C ASP D 344 -48.98 7.39 14.54
N GLU D 345 -48.03 8.32 14.48
CA GLU D 345 -47.06 8.38 13.39
C GLU D 345 -45.81 7.56 13.71
N THR D 346 -45.69 7.09 14.96
CA THR D 346 -44.55 6.28 15.39
C THR D 346 -44.58 4.93 14.68
N PRO D 347 -43.41 4.29 14.49
CA PRO D 347 -43.37 3.02 13.73
C PRO D 347 -44.22 1.90 14.31
N GLU D 348 -44.38 1.85 15.63
CA GLU D 348 -45.33 0.91 16.22
C GLU D 348 -46.76 1.22 15.79
N GLY D 349 -47.12 2.51 15.81
CA GLY D 349 -48.45 2.91 15.38
C GLY D 349 -48.70 2.68 13.91
N ARG D 350 -47.65 2.75 13.08
CA ARG D 350 -47.80 2.36 11.69
C ARG D 350 -47.95 0.85 11.56
N SER D 351 -47.20 0.08 12.37
CA SER D 351 -47.24 -1.37 12.27
C SER D 351 -48.56 -1.95 12.71
N ILE D 352 -49.29 -1.24 13.59
CA ILE D 352 -50.67 -1.64 13.88
C ILE D 352 -51.52 -1.58 12.62
N VAL D 353 -51.35 -0.53 11.81
CA VAL D 353 -52.10 -0.39 10.57
C VAL D 353 -51.66 -1.45 9.55
N ILE D 354 -50.36 -1.77 9.52
CA ILE D 354 -49.87 -2.84 8.64
C ILE D 354 -50.47 -4.18 9.03
N LEU D 355 -50.53 -4.48 10.33
CA LEU D 355 -51.14 -5.73 10.78
C LEU D 355 -52.63 -5.77 10.49
N ALA D 356 -53.32 -4.64 10.67
CA ALA D 356 -54.75 -4.58 10.38
C ALA D 356 -55.04 -4.80 8.91
N LYS D 357 -54.25 -4.17 8.02
CA LYS D 357 -54.49 -4.36 6.59
C LYS D 357 -54.05 -5.74 6.12
N GLN D 358 -52.99 -6.30 6.69
CA GLN D 358 -52.56 -7.64 6.31
C GLN D 358 -53.47 -8.72 6.87
N ARG D 359 -54.28 -8.41 7.88
CA ARG D 359 -55.22 -9.39 8.41
C ARG D 359 -56.62 -9.26 7.83
N PHE D 360 -57.11 -8.04 7.57
CA PHE D 360 -58.48 -7.86 7.11
C PHE D 360 -58.63 -6.92 5.92
N ASN D 361 -57.58 -6.19 5.54
CA ASN D 361 -57.57 -5.23 4.43
C ASN D 361 -58.61 -4.12 4.63
N LEU D 362 -58.41 -3.36 5.71
CA LEU D 362 -59.29 -2.22 6.00
C LEU D 362 -59.11 -1.12 4.97
N ARG D 363 -57.85 -0.72 4.73
CA ARG D 363 -57.44 0.31 3.77
C ARG D 363 -58.16 1.65 3.98
N GLU D 364 -59.16 1.92 3.15
CA GLU D 364 -59.82 3.22 3.17
C GLU D 364 -60.72 3.36 4.39
N ARG D 365 -60.76 4.57 4.94
CA ARG D 365 -61.63 4.94 6.05
C ARG D 365 -62.48 6.14 5.63
N ASP D 366 -63.19 6.73 6.59
CA ASP D 366 -64.00 7.91 6.33
C ASP D 366 -63.82 8.89 7.49
N VAL D 367 -63.67 10.17 7.17
CA VAL D 367 -63.29 11.18 8.14
C VAL D 367 -64.44 12.15 8.42
N GLN D 368 -65.10 12.66 7.38
CA GLN D 368 -66.15 13.65 7.58
C GLN D 368 -67.41 13.04 8.17
N SER D 369 -67.73 11.80 7.79
CA SER D 369 -68.91 11.15 8.36
C SER D 369 -68.65 10.73 9.82
N LEU D 370 -67.40 10.46 10.17
CA LEU D 370 -67.08 10.11 11.55
C LEU D 370 -67.07 11.33 12.46
N HIS D 371 -66.72 12.51 11.93
CA HIS D 371 -66.53 13.75 12.70
C HIS D 371 -65.53 13.54 13.83
N ALA D 372 -64.43 12.86 13.53
CA ALA D 372 -63.48 12.40 14.54
C ALA D 372 -62.38 13.43 14.76
N THR D 373 -61.98 13.58 16.02
CA THR D 373 -60.87 14.44 16.41
C THR D 373 -59.67 13.56 16.76
N PHE D 374 -58.53 13.87 16.16
CA PHE D 374 -57.33 13.05 16.30
C PHE D 374 -56.42 13.63 17.37
N VAL D 375 -55.96 12.78 18.28
CA VAL D 375 -55.01 13.15 19.33
C VAL D 375 -53.66 12.55 18.95
N PRO D 376 -52.65 13.36 18.63
CA PRO D 376 -51.36 12.82 18.21
C PRO D 376 -50.60 12.21 19.38
N PHE D 377 -49.63 11.36 19.03
CA PHE D 377 -48.83 10.67 20.04
C PHE D 377 -47.87 11.64 20.70
N THR D 378 -47.80 11.60 22.03
CA THR D 378 -46.93 12.46 22.81
C THR D 378 -46.07 11.60 23.73
N ALA D 379 -44.88 12.12 24.05
CA ALA D 379 -43.95 11.40 24.91
C ALA D 379 -44.41 11.38 26.37
N GLN D 380 -44.98 12.49 26.85
CA GLN D 380 -45.35 12.59 28.26
C GLN D 380 -46.58 11.76 28.61
N SER D 381 -47.42 11.42 27.63
CA SER D 381 -48.63 10.65 27.89
C SER D 381 -48.54 9.20 27.44
N ARG D 382 -47.70 8.92 26.43
CA ARG D 382 -47.57 7.60 25.80
C ARG D 382 -48.91 7.07 25.31
N MET D 383 -49.70 7.95 24.71
CA MET D 383 -51.04 7.61 24.24
C MET D 383 -51.26 8.16 22.84
N SER D 384 -52.15 7.51 22.10
CA SER D 384 -52.58 7.98 20.80
C SER D 384 -54.06 7.61 20.65
N GLY D 385 -54.94 8.60 20.77
CA GLY D 385 -56.36 8.36 20.81
C GLY D 385 -57.12 9.15 19.77
N ILE D 386 -58.43 8.93 19.75
CA ILE D 386 -59.32 9.55 18.77
C ILE D 386 -60.73 9.55 19.35
N ASN D 387 -61.41 10.69 19.24
CA ASN D 387 -62.79 10.85 19.71
C ASN D 387 -63.68 10.95 18.48
N ILE D 388 -64.37 9.86 18.14
CA ILE D 388 -65.15 9.84 16.92
C ILE D 388 -66.49 10.59 17.10
N ASP D 389 -67.36 10.14 18.00
CA ASP D 389 -68.53 10.91 18.38
C ASP D 389 -68.54 11.24 19.87
N ASN D 390 -68.54 10.22 20.72
CA ASN D 390 -68.42 10.38 22.17
C ASN D 390 -67.51 9.34 22.81
N ARG D 391 -67.14 8.28 22.10
CA ARG D 391 -66.37 7.21 22.70
C ARG D 391 -64.91 7.63 22.86
N MET D 392 -64.38 7.45 24.08
CA MET D 392 -63.01 7.84 24.40
C MET D 392 -62.06 6.71 24.00
N ILE D 393 -61.88 6.57 22.69
CA ILE D 393 -60.98 5.56 22.15
C ILE D 393 -59.54 6.01 22.37
N ARG D 394 -58.75 5.18 23.04
CA ARG D 394 -57.36 5.49 23.33
C ARG D 394 -56.53 4.22 23.21
N LYS D 395 -55.22 4.42 22.99
CA LYS D 395 -54.29 3.32 22.83
C LYS D 395 -52.97 3.70 23.45
N GLY D 396 -52.39 2.82 24.24
CA GLY D 396 -51.14 3.11 24.88
C GLY D 396 -50.61 1.93 25.67
N SER D 397 -49.62 2.22 26.52
CA SER D 397 -49.04 1.19 27.36
C SER D 397 -50.00 0.79 28.49
N VAL D 398 -49.71 -0.35 29.11
CA VAL D 398 -50.63 -0.95 30.08
C VAL D 398 -50.76 -0.08 31.33
N ASP D 399 -49.63 0.43 31.84
CA ASP D 399 -49.69 1.33 32.99
C ASP D 399 -50.35 2.67 32.65
N ALA D 400 -50.19 3.13 31.41
CA ALA D 400 -50.88 4.35 30.98
C ALA D 400 -52.40 4.15 30.95
N ILE D 401 -52.85 3.00 30.45
CA ILE D 401 -54.29 2.71 30.45
C ILE D 401 -54.78 2.48 31.89
N ARG D 402 -53.93 1.95 32.76
CA ARG D 402 -54.30 1.80 34.16
C ARG D 402 -54.48 3.17 34.84
N ARG D 403 -53.60 4.13 34.54
CA ARG D 403 -53.81 5.48 35.05
C ARG D 403 -55.03 6.14 34.42
N HIS D 404 -55.31 5.83 33.15
CA HIS D 404 -56.49 6.39 32.49
C HIS D 404 -57.78 5.88 33.12
N VAL D 405 -57.84 4.58 33.45
CA VAL D 405 -59.04 4.05 34.08
C VAL D 405 -59.08 4.36 35.57
N GLU D 406 -57.94 4.70 36.19
CA GLU D 406 -57.99 5.27 37.53
C GLU D 406 -58.50 6.70 37.50
N ALA D 407 -58.24 7.42 36.41
CA ALA D 407 -58.75 8.79 36.27
C ALA D 407 -60.25 8.79 35.99
N ASN D 408 -60.71 7.93 35.09
CA ASN D 408 -62.14 7.86 34.80
C ASN D 408 -62.83 6.91 35.79
N GLY D 409 -64.13 6.72 35.60
CA GLY D 409 -64.93 5.93 36.51
C GLY D 409 -64.93 4.44 36.23
N GLY D 410 -64.57 4.06 35.00
CA GLY D 410 -64.52 2.65 34.65
C GLY D 410 -63.29 1.97 35.24
N HIS D 411 -63.49 0.74 35.72
CA HIS D 411 -62.43 0.00 36.36
C HIS D 411 -61.74 -0.93 35.35
N PHE D 412 -60.47 -1.21 35.62
CA PHE D 412 -59.70 -2.12 34.76
C PHE D 412 -60.15 -3.55 35.01
N PRO D 413 -60.63 -4.27 34.00
CA PRO D 413 -61.07 -5.65 34.21
C PRO D 413 -59.91 -6.59 34.45
N THR D 414 -60.18 -7.66 35.20
CA THR D 414 -59.17 -8.61 35.60
C THR D 414 -59.04 -9.79 34.65
N ASP D 415 -59.78 -9.79 33.55
CA ASP D 415 -59.73 -10.90 32.60
C ASP D 415 -58.46 -10.89 31.76
N VAL D 416 -57.88 -9.71 31.53
CA VAL D 416 -56.72 -9.59 30.64
C VAL D 416 -55.39 -9.66 31.37
N ASP D 417 -55.40 -9.90 32.68
CA ASP D 417 -54.14 -10.05 33.42
C ASP D 417 -53.36 -11.29 32.97
N GLN D 418 -54.07 -12.39 32.73
CA GLN D 418 -53.43 -13.59 32.21
C GLN D 418 -52.86 -13.35 30.81
N LYS D 419 -53.57 -12.59 29.98
CA LYS D 419 -53.11 -12.31 28.63
C LYS D 419 -51.88 -11.41 28.64
N VAL D 420 -51.87 -10.36 29.47
CA VAL D 420 -50.72 -9.47 29.52
C VAL D 420 -49.52 -10.17 30.15
N ASP D 421 -49.74 -11.07 31.12
CA ASP D 421 -48.65 -11.86 31.67
C ASP D 421 -48.10 -12.85 30.65
N GLN D 422 -48.97 -13.42 29.82
CA GLN D 422 -48.53 -14.34 28.78
C GLN D 422 -47.72 -13.62 27.71
N VAL D 423 -48.18 -12.42 27.31
CA VAL D 423 -47.45 -11.61 26.33
C VAL D 423 -46.09 -11.19 26.88
N ALA D 424 -46.03 -10.82 28.17
CA ALA D 424 -44.74 -10.56 28.80
C ALA D 424 -43.90 -11.83 28.92
N ARG D 425 -44.54 -13.00 28.99
CA ARG D 425 -43.79 -14.25 29.07
C ARG D 425 -43.08 -14.57 27.76
N GLN D 426 -43.73 -14.37 26.62
CA GLN D 426 -42.95 -14.43 25.38
C GLN D 426 -42.11 -13.17 25.15
N GLY D 427 -42.31 -12.11 25.93
CA GLY D 427 -41.38 -11.00 25.95
C GLY D 427 -41.75 -9.82 25.08
N ALA D 428 -42.80 -9.94 24.28
CA ALA D 428 -43.28 -8.80 23.50
C ALA D 428 -43.86 -7.75 24.43
N THR D 429 -43.63 -6.48 24.12
CA THR D 429 -44.20 -5.46 24.99
C THR D 429 -45.70 -5.31 24.71
N PRO D 430 -46.51 -5.22 25.76
CA PRO D 430 -47.97 -5.16 25.57
C PRO D 430 -48.51 -3.75 25.49
N LEU D 431 -49.49 -3.58 24.62
CA LEU D 431 -50.24 -2.34 24.49
C LEU D 431 -51.72 -2.64 24.66
N VAL D 432 -52.44 -1.70 25.27
CA VAL D 432 -53.84 -1.89 25.64
C VAL D 432 -54.66 -0.79 24.99
N VAL D 433 -55.74 -1.18 24.31
CA VAL D 433 -56.69 -0.24 23.73
C VAL D 433 -57.90 -0.13 24.66
N VAL D 434 -58.34 1.10 24.90
CA VAL D 434 -59.50 1.36 25.75
C VAL D 434 -60.45 2.28 24.99
N GLU D 435 -61.74 1.97 25.06
CA GLU D 435 -62.79 2.71 24.36
C GLU D 435 -63.80 3.20 25.39
N GLY D 436 -63.52 4.36 25.96
CA GLY D 436 -64.39 4.95 26.97
C GLY D 436 -64.18 4.39 28.36
N SER D 437 -64.69 3.18 28.60
CA SER D 437 -64.56 2.56 29.91
C SER D 437 -64.30 1.05 29.84
N ARG D 438 -64.05 0.49 28.66
CA ARG D 438 -63.86 -0.94 28.51
C ARG D 438 -62.63 -1.21 27.65
N VAL D 439 -62.06 -2.40 27.85
CA VAL D 439 -60.88 -2.86 27.13
C VAL D 439 -61.27 -4.06 26.29
N LEU D 440 -61.07 -3.97 24.97
CA LEU D 440 -61.43 -5.04 24.05
C LEU D 440 -60.29 -5.98 23.72
N GLY D 441 -59.07 -5.68 24.12
CA GLY D 441 -57.98 -6.61 23.88
C GLY D 441 -56.64 -5.99 24.19
N VAL D 442 -55.65 -6.86 24.33
CA VAL D 442 -54.26 -6.49 24.56
C VAL D 442 -53.43 -7.05 23.41
N ILE D 443 -52.64 -6.19 22.78
CA ILE D 443 -51.90 -6.54 21.58
C ILE D 443 -50.44 -6.71 21.91
N ALA D 444 -49.77 -7.54 21.12
CA ALA D 444 -48.37 -7.90 21.34
C ALA D 444 -47.52 -7.32 20.22
N LEU D 445 -46.29 -6.95 20.57
CA LEU D 445 -45.35 -6.32 19.64
C LEU D 445 -44.11 -7.21 19.52
N LYS D 446 -44.14 -8.13 18.56
CA LYS D 446 -43.04 -9.05 18.37
C LYS D 446 -41.84 -8.37 17.73
N ASP D 447 -40.67 -8.95 17.93
CA ASP D 447 -39.43 -8.41 17.36
C ASP D 447 -39.34 -8.74 15.88
N ILE D 448 -38.83 -7.77 15.11
CA ILE D 448 -38.70 -7.96 13.67
C ILE D 448 -37.37 -8.63 13.29
N VAL D 449 -36.29 -8.32 14.02
CA VAL D 449 -34.98 -8.90 13.71
C VAL D 449 -35.00 -10.39 14.03
N LYS D 450 -34.59 -11.20 13.05
CA LYS D 450 -34.66 -12.65 13.20
C LYS D 450 -33.65 -13.15 14.23
N GLY D 451 -32.43 -12.61 14.21
CA GLY D 451 -31.44 -13.00 15.20
C GLY D 451 -31.70 -12.41 16.57
N GLY D 452 -32.44 -11.32 16.65
CA GLY D 452 -32.71 -10.65 17.91
C GLY D 452 -31.99 -9.32 17.97
N ILE D 453 -32.63 -8.32 18.59
CA ILE D 453 -32.03 -7.00 18.69
C ILE D 453 -30.85 -7.03 19.66
N LYS D 454 -30.90 -7.88 20.68
CA LYS D 454 -29.74 -8.08 21.56
C LYS D 454 -28.57 -8.68 20.81
N GLU D 455 -28.85 -9.64 19.92
CA GLU D 455 -27.80 -10.22 19.10
C GLU D 455 -27.22 -9.20 18.11
N ARG D 456 -28.08 -8.33 17.56
CA ARG D 456 -27.60 -7.28 16.66
C ARG D 456 -26.71 -6.28 17.38
N PHE D 457 -27.10 -5.87 18.59
CA PHE D 457 -26.27 -4.95 19.35
C PHE D 457 -25.00 -5.61 19.85
N ALA D 458 -25.04 -6.91 20.15
CA ALA D 458 -23.82 -7.63 20.52
C ALA D 458 -22.88 -7.74 19.33
N GLN D 459 -23.42 -7.95 18.12
CA GLN D 459 -22.60 -7.96 16.91
C GLN D 459 -21.96 -6.60 16.66
N LEU D 460 -22.73 -5.53 16.88
CA LEU D 460 -22.18 -4.18 16.70
C LEU D 460 -21.14 -3.85 17.76
N ARG D 461 -21.30 -4.38 18.98
CA ARG D 461 -20.27 -4.22 20.01
C ARG D 461 -19.01 -5.00 19.65
N LYS D 462 -19.18 -6.17 19.02
CA LYS D 462 -18.04 -6.94 18.55
C LYS D 462 -17.32 -6.22 17.43
N MET D 463 -18.06 -5.53 16.56
CA MET D 463 -17.44 -4.78 15.47
C MET D 463 -16.79 -3.48 15.93
N GLY D 464 -16.96 -3.10 17.20
CA GLY D 464 -16.30 -1.94 17.75
C GLY D 464 -17.13 -0.69 17.84
N ILE D 465 -18.44 -0.78 17.65
CA ILE D 465 -19.33 0.38 17.71
C ILE D 465 -20.18 0.26 18.96
N LYS D 466 -20.02 1.22 19.87
CA LYS D 466 -20.85 1.27 21.06
C LYS D 466 -22.26 1.72 20.71
N THR D 467 -23.20 1.40 21.60
CA THR D 467 -24.59 1.79 21.44
C THR D 467 -25.04 2.54 22.68
N VAL D 468 -25.59 3.74 22.48
CA VAL D 468 -26.12 4.55 23.56
C VAL D 468 -27.58 4.84 23.24
N MET D 469 -28.47 4.50 24.18
CA MET D 469 -29.91 4.65 24.02
C MET D 469 -30.37 5.79 24.91
N ILE D 470 -30.94 6.82 24.30
CA ILE D 470 -31.45 7.98 25.03
C ILE D 470 -32.97 7.91 24.99
N THR D 471 -33.61 7.92 26.17
CA THR D 471 -35.03 7.69 26.26
C THR D 471 -35.84 8.84 26.85
N GLY D 472 -35.24 9.71 27.67
CA GLY D 472 -35.99 10.79 28.29
C GLY D 472 -37.09 10.33 29.22
N ASP D 473 -36.91 9.20 29.89
CA ASP D 473 -37.95 8.64 30.74
C ASP D 473 -37.43 8.38 32.15
N ASN D 474 -38.23 7.72 32.98
CA ASN D 474 -37.80 7.36 34.32
C ASN D 474 -36.74 6.26 34.26
N ARG D 475 -35.92 6.21 35.31
CA ARG D 475 -34.85 5.22 35.36
C ARG D 475 -35.36 3.80 35.57
N LEU D 476 -36.57 3.65 36.13
CA LEU D 476 -37.16 2.33 36.25
C LEU D 476 -37.54 1.76 34.88
N THR D 477 -38.09 2.62 34.01
CA THR D 477 -38.46 2.17 32.67
C THR D 477 -37.23 2.05 31.77
N ALA D 478 -36.26 2.95 31.93
CA ALA D 478 -35.09 2.98 31.06
C ALA D 478 -34.22 1.74 31.25
N ALA D 479 -34.07 1.28 32.49
CA ALA D 479 -33.29 0.07 32.75
C ALA D 479 -33.95 -1.16 32.13
N ALA D 480 -35.27 -1.25 32.22
CA ALA D 480 -35.99 -2.37 31.62
C ALA D 480 -35.89 -2.33 30.10
N ILE D 481 -36.00 -1.15 29.50
CA ILE D 481 -35.90 -1.02 28.04
C ILE D 481 -34.50 -1.37 27.57
N ALA D 482 -33.47 -0.92 28.29
CA ALA D 482 -32.09 -1.23 27.92
C ALA D 482 -31.80 -2.73 28.10
N ALA D 483 -32.35 -3.35 29.15
CA ALA D 483 -32.15 -4.78 29.35
C ALA D 483 -32.85 -5.61 28.29
N GLU D 484 -34.05 -5.17 27.85
CA GLU D 484 -34.74 -5.90 26.81
C GLU D 484 -34.13 -5.66 25.43
N ALA D 485 -33.49 -4.51 25.21
CA ALA D 485 -32.93 -4.19 23.91
C ALA D 485 -31.50 -4.69 23.73
N GLY D 486 -30.73 -4.79 24.80
CA GLY D 486 -29.34 -5.18 24.69
C GLY D 486 -28.37 -4.04 24.47
N VAL D 487 -28.76 -2.81 24.77
CA VAL D 487 -27.89 -1.66 24.59
C VAL D 487 -26.85 -1.64 25.71
N ASP D 488 -25.64 -1.20 25.36
CA ASP D 488 -24.53 -1.18 26.33
C ASP D 488 -24.79 -0.22 27.49
N ASP D 489 -25.32 0.97 27.20
CA ASP D 489 -25.62 1.93 28.25
C ASP D 489 -26.78 2.81 27.82
N PHE D 490 -27.45 3.40 28.81
CA PHE D 490 -28.66 4.17 28.57
C PHE D 490 -28.57 5.52 29.26
N LEU D 491 -29.25 6.50 28.69
CA LEU D 491 -29.34 7.85 29.24
C LEU D 491 -30.81 8.21 29.41
N ALA D 492 -31.17 8.72 30.58
CA ALA D 492 -32.54 9.05 30.90
C ALA D 492 -32.62 10.47 31.45
N GLU D 493 -33.83 11.05 31.35
CA GLU D 493 -34.11 12.45 31.70
C GLU D 493 -33.17 13.40 30.97
N ALA D 494 -33.26 13.39 29.65
CA ALA D 494 -32.29 14.08 28.80
C ALA D 494 -32.84 15.43 28.34
N THR D 495 -32.01 16.44 28.43
CA THR D 495 -32.06 17.80 27.93
C THR D 495 -31.12 17.96 26.74
N PRO D 496 -31.41 18.90 25.83
CA PRO D 496 -30.48 19.12 24.70
C PRO D 496 -29.08 19.54 25.11
N GLU D 497 -28.94 20.27 26.23
CA GLU D 497 -27.60 20.64 26.71
C GLU D 497 -26.83 19.42 27.18
N ALA D 498 -27.47 18.52 27.92
CA ALA D 498 -26.82 17.28 28.33
C ALA D 498 -26.54 16.37 27.14
N LYS D 499 -27.40 16.39 26.13
CA LYS D 499 -27.17 15.64 24.90
C LYS D 499 -25.94 16.16 24.17
N LEU D 500 -25.80 17.48 24.07
CA LEU D 500 -24.64 18.09 23.45
C LEU D 500 -23.37 17.81 24.25
N ALA D 501 -23.48 17.81 25.58
CA ALA D 501 -22.34 17.47 26.43
C ALA D 501 -21.92 16.00 26.25
N LEU D 502 -22.90 15.10 26.12
CA LEU D 502 -22.60 13.70 25.88
C LEU D 502 -21.94 13.50 24.51
N ILE D 503 -22.41 14.22 23.49
CA ILE D 503 -21.80 14.18 22.17
C ILE D 503 -20.37 14.68 22.22
N ARG D 504 -20.13 15.78 22.94
CA ARG D 504 -18.79 16.34 23.01
C ARG D 504 -17.83 15.45 23.80
N GLN D 505 -18.30 14.84 24.89
CA GLN D 505 -17.39 13.99 25.66
C GLN D 505 -17.15 12.65 24.98
N TYR D 506 -18.08 12.19 24.14
CA TYR D 506 -17.78 11.01 23.33
C TYR D 506 -16.89 11.35 22.15
N GLN D 507 -17.01 12.55 21.60
CA GLN D 507 -16.16 12.98 20.50
C GLN D 507 -14.75 13.32 20.97
N ALA D 508 -14.58 13.66 22.24
CA ALA D 508 -13.26 14.04 22.74
C ALA D 508 -12.34 12.82 22.88
N GLU D 509 -12.89 11.68 23.26
CA GLU D 509 -12.07 10.49 23.53
C GLU D 509 -11.88 9.61 22.28
N GLY D 510 -11.53 10.25 21.16
CA GLY D 510 -11.17 9.53 19.95
C GLY D 510 -12.27 8.70 19.33
N ARG D 511 -13.52 9.14 19.41
CA ARG D 511 -14.64 8.42 18.82
C ARG D 511 -15.42 9.33 17.89
N LEU D 512 -16.11 8.72 16.93
CA LEU D 512 -17.02 9.42 16.03
C LEU D 512 -18.45 9.05 16.43
N VAL D 513 -19.30 10.06 16.56
CA VAL D 513 -20.65 9.90 17.10
C VAL D 513 -21.65 9.97 15.97
N ALA D 514 -22.52 8.95 15.89
CA ALA D 514 -23.65 8.95 14.98
C ALA D 514 -24.93 8.99 15.80
N MET D 515 -25.80 9.95 15.50
CA MET D 515 -27.00 10.18 16.30
C MET D 515 -28.21 10.31 15.40
N THR D 516 -29.29 9.64 15.76
CA THR D 516 -30.61 9.89 15.19
C THR D 516 -31.40 10.81 16.11
N GLY D 517 -32.36 11.53 15.53
CA GLY D 517 -33.10 12.49 16.32
C GLY D 517 -34.30 13.01 15.57
N ASP D 518 -34.95 14.01 16.18
CA ASP D 518 -36.14 14.60 15.59
C ASP D 518 -35.82 15.54 14.43
N GLY D 519 -34.64 16.15 14.44
CA GLY D 519 -34.24 17.09 13.40
C GLY D 519 -34.57 18.53 13.71
N THR D 520 -35.73 18.77 14.33
CA THR D 520 -36.11 20.10 14.78
C THR D 520 -35.92 20.28 16.28
N ASN D 521 -36.36 19.29 17.07
CA ASN D 521 -36.13 19.32 18.51
C ASN D 521 -34.69 18.98 18.87
N ASP D 522 -33.96 18.32 17.96
CA ASP D 522 -32.60 17.88 18.22
C ASP D 522 -31.63 18.49 17.22
N ALA D 523 -31.92 19.69 16.73
CA ALA D 523 -31.13 20.32 15.68
C ALA D 523 -29.68 20.63 16.07
N PRO D 524 -29.37 21.24 17.24
CA PRO D 524 -27.94 21.43 17.56
C PRO D 524 -27.18 20.12 17.78
N ALA D 525 -27.82 19.12 18.38
CA ALA D 525 -27.17 17.83 18.58
C ALA D 525 -26.89 17.15 17.24
N LEU D 526 -27.84 17.23 16.30
CA LEU D 526 -27.62 16.64 14.98
C LEU D 526 -26.60 17.43 14.17
N ALA D 527 -26.51 18.74 14.39
CA ALA D 527 -25.48 19.52 13.73
C ALA D 527 -24.09 19.20 14.29
N GLN D 528 -24.01 18.93 15.59
CA GLN D 528 -22.73 18.58 16.19
C GLN D 528 -22.30 17.17 15.83
N ALA D 529 -23.25 16.24 15.69
CA ALA D 529 -22.91 14.87 15.34
C ALA D 529 -22.42 14.78 13.91
N ASP D 530 -21.47 13.85 13.68
CA ASP D 530 -20.90 13.68 12.35
C ASP D 530 -21.91 13.05 11.39
N VAL D 531 -22.64 12.04 11.84
CA VAL D 531 -23.70 11.41 11.07
C VAL D 531 -25.01 11.69 11.78
N ALA D 532 -25.95 12.29 11.08
CA ALA D 532 -27.22 12.71 11.67
C ALA D 532 -28.38 12.18 10.85
N VAL D 533 -29.37 11.63 11.54
CA VAL D 533 -30.58 11.10 10.93
C VAL D 533 -31.78 11.77 11.58
N ALA D 534 -32.69 12.33 10.77
CA ALA D 534 -33.86 13.02 11.28
C ALA D 534 -35.09 12.13 11.20
N MET D 535 -35.92 12.19 12.24
CA MET D 535 -37.16 11.42 12.32
C MET D 535 -38.33 12.37 12.55
N ASN D 536 -39.43 12.11 11.83
CA ASN D 536 -40.65 12.92 11.88
C ASN D 536 -40.38 14.39 11.58
N SER D 537 -39.53 14.64 10.59
CA SER D 537 -39.13 16.00 10.22
C SER D 537 -39.68 16.35 8.85
N GLY D 538 -40.05 17.63 8.69
CA GLY D 538 -40.47 18.15 7.41
C GLY D 538 -39.38 18.09 6.38
N THR D 539 -39.69 17.53 5.20
CA THR D 539 -38.66 17.27 4.20
C THR D 539 -38.11 18.56 3.60
N GLN D 540 -38.98 19.53 3.31
CA GLN D 540 -38.55 20.77 2.68
C GLN D 540 -37.67 21.60 3.62
N ALA D 541 -37.98 21.59 4.91
CA ALA D 541 -37.20 22.32 5.90
C ALA D 541 -36.10 21.48 6.52
N ALA D 542 -35.95 20.22 6.12
CA ALA D 542 -34.93 19.34 6.66
C ALA D 542 -33.82 19.01 5.69
N LYS D 543 -34.16 18.65 4.44
CA LYS D 543 -33.15 18.15 3.50
C LYS D 543 -32.19 19.24 3.06
N GLU D 544 -32.62 20.50 3.06
CA GLU D 544 -31.70 21.60 2.76
C GLU D 544 -30.66 21.76 3.86
N ALA D 545 -31.07 21.60 5.12
CA ALA D 545 -30.13 21.73 6.23
C ALA D 545 -29.22 20.51 6.36
N GLY D 546 -29.72 19.33 5.97
CA GLY D 546 -28.97 18.10 6.09
C GLY D 546 -29.68 17.12 7.02
N ASN D 547 -28.86 16.34 7.75
CA ASN D 547 -29.33 15.42 8.79
C ASN D 547 -30.34 14.40 8.23
N MET D 548 -29.78 13.48 7.42
CA MET D 548 -30.44 12.59 6.46
C MET D 548 -31.82 12.07 6.87
N VAL D 549 -32.79 12.21 5.97
CA VAL D 549 -34.19 12.03 6.32
C VAL D 549 -34.52 10.54 6.40
N ASP D 550 -35.11 10.13 7.52
CA ASP D 550 -35.64 8.79 7.69
C ASP D 550 -37.16 8.85 7.50
N LEU D 551 -37.65 8.11 6.50
CA LEU D 551 -39.07 8.18 6.17
C LEU D 551 -39.93 7.39 7.14
N ASP D 552 -39.44 6.27 7.67
CA ASP D 552 -40.20 5.50 8.64
C ASP D 552 -40.14 6.08 10.05
N SER D 553 -39.20 7.01 10.30
CA SER D 553 -38.90 7.56 11.63
C SER D 553 -38.57 6.43 12.62
N ASN D 554 -37.83 5.44 12.15
CA ASN D 554 -37.44 4.30 12.97
C ASN D 554 -36.10 4.60 13.64
N PRO D 555 -36.00 4.55 14.98
CA PRO D 555 -34.71 4.81 15.63
C PRO D 555 -33.62 3.80 15.32
N THR D 556 -33.97 2.60 14.85
CA THR D 556 -33.00 1.56 14.52
C THR D 556 -32.53 1.61 13.08
N LYS D 557 -32.90 2.66 12.34
CA LYS D 557 -32.43 2.79 10.95
C LYS D 557 -30.94 3.11 10.87
N LEU D 558 -30.35 3.64 11.95
CA LEU D 558 -28.92 3.88 11.98
C LEU D 558 -28.13 2.59 11.88
N ILE D 559 -28.68 1.49 12.39
CA ILE D 559 -28.03 0.18 12.28
C ILE D 559 -27.91 -0.22 10.82
N GLU D 560 -28.99 -0.04 10.06
CA GLU D 560 -28.98 -0.37 8.63
C GLU D 560 -28.09 0.59 7.85
N VAL D 561 -28.07 1.87 8.25
CA VAL D 561 -27.22 2.84 7.57
C VAL D 561 -25.74 2.49 7.76
N VAL D 562 -25.36 2.13 8.99
CA VAL D 562 -23.98 1.72 9.29
C VAL D 562 -23.64 0.44 8.54
N HIS D 563 -24.57 -0.52 8.51
CA HIS D 563 -24.32 -1.78 7.81
C HIS D 563 -24.16 -1.58 6.31
N ILE D 564 -24.97 -0.70 5.70
CA ILE D 564 -24.87 -0.47 4.26
C ILE D 564 -23.59 0.28 3.91
N GLY D 565 -23.21 1.27 4.73
CA GLY D 565 -21.95 1.97 4.48
C GLY D 565 -20.73 1.08 4.63
N LYS D 566 -20.72 0.24 5.68
CA LYS D 566 -19.63 -0.72 5.85
C LYS D 566 -19.63 -1.77 4.75
N GLN D 567 -20.82 -2.16 4.26
CA GLN D 567 -20.90 -3.13 3.17
C GLN D 567 -20.35 -2.53 1.88
N MET D 568 -20.61 -1.25 1.63
CA MET D 568 -20.01 -0.54 0.50
C MET D 568 -18.49 -0.52 0.59
N LEU D 569 -17.97 -0.19 1.77
CA LEU D 569 -16.52 -0.13 1.98
C LEU D 569 -15.88 -1.49 1.80
N MET D 570 -16.50 -2.54 2.35
CA MET D 570 -15.95 -3.89 2.23
C MET D 570 -16.07 -4.44 0.82
N THR D 571 -17.11 -4.06 0.09
CA THR D 571 -17.22 -4.44 -1.32
C THR D 571 -16.11 -3.81 -2.14
N ARG D 572 -15.83 -2.53 -1.90
CA ARG D 572 -14.74 -1.85 -2.61
C ARG D 572 -13.39 -2.48 -2.31
N GLY D 573 -13.13 -2.74 -1.02
CA GLY D 573 -11.85 -3.34 -0.64
C GLY D 573 -11.68 -4.76 -1.14
N SER D 574 -12.76 -5.57 -1.09
CA SER D 574 -12.69 -6.95 -1.53
C SER D 574 -12.49 -7.04 -3.04
N LEU D 575 -13.19 -6.20 -3.82
CA LEU D 575 -12.98 -6.25 -5.26
C LEU D 575 -11.63 -5.66 -5.66
N THR D 576 -11.11 -4.70 -4.89
CA THR D 576 -9.75 -4.23 -5.13
C THR D 576 -8.73 -5.33 -4.89
N THR D 577 -8.90 -6.10 -3.81
CA THR D 577 -8.00 -7.22 -3.52
C THR D 577 -8.11 -8.31 -4.59
N PHE D 578 -9.32 -8.60 -5.07
CA PHE D 578 -9.51 -9.56 -6.14
C PHE D 578 -8.84 -9.09 -7.44
N SER D 579 -9.00 -7.81 -7.77
CA SER D 579 -8.41 -7.27 -8.99
C SER D 579 -6.90 -7.27 -8.95
N ILE D 580 -6.31 -6.98 -7.79
CA ILE D 580 -4.87 -7.02 -7.67
C ILE D 580 -4.36 -8.46 -7.71
N ALA D 581 -5.08 -9.38 -7.07
CA ALA D 581 -4.62 -10.76 -6.98
C ALA D 581 -4.78 -11.53 -8.29
N ASN D 582 -5.66 -11.08 -9.20
CA ASN D 582 -5.83 -11.79 -10.47
C ASN D 582 -4.58 -11.71 -11.36
N ASP D 583 -3.75 -10.68 -11.18
CA ASP D 583 -2.66 -10.43 -12.11
C ASP D 583 -1.54 -11.45 -12.01
N VAL D 584 -1.46 -12.23 -10.93
CA VAL D 584 -0.47 -13.30 -10.85
C VAL D 584 -0.76 -14.39 -11.88
N ALA D 585 -2.01 -14.85 -11.93
CA ALA D 585 -2.40 -15.83 -12.93
C ALA D 585 -2.46 -15.21 -14.31
N LYS D 586 -2.73 -13.90 -14.41
CA LYS D 586 -2.60 -13.22 -15.70
C LYS D 586 -1.16 -13.29 -16.22
N TYR D 587 -0.19 -13.05 -15.35
CA TYR D 587 1.22 -13.19 -15.72
C TYR D 587 1.56 -14.62 -16.13
N PHE D 588 1.11 -15.59 -15.32
CA PHE D 588 1.38 -17.00 -15.62
C PHE D 588 0.72 -17.47 -16.91
N ALA D 589 -0.34 -16.80 -17.35
CA ALA D 589 -0.97 -17.14 -18.62
C ALA D 589 -0.35 -16.42 -19.82
N ILE D 590 0.08 -15.17 -19.64
CA ILE D 590 0.47 -14.34 -20.77
C ILE D 590 1.98 -14.37 -21.02
N ILE D 591 2.80 -14.40 -19.97
CA ILE D 591 4.25 -14.23 -20.13
C ILE D 591 4.92 -15.31 -20.97
N PRO D 592 4.67 -16.63 -20.75
CA PRO D 592 5.18 -17.61 -21.72
C PRO D 592 4.51 -17.50 -23.08
N ALA D 593 3.27 -17.05 -23.14
CA ALA D 593 2.61 -16.81 -24.41
C ALA D 593 3.20 -15.60 -25.12
N ALA D 594 3.55 -14.56 -24.37
CA ALA D 594 4.09 -13.35 -24.98
C ALA D 594 5.52 -13.57 -25.48
N PHE D 595 6.32 -14.30 -24.72
CA PHE D 595 7.73 -14.51 -25.09
C PHE D 595 7.96 -15.92 -25.64
N ALA D 596 7.02 -16.46 -26.40
CA ALA D 596 7.19 -17.80 -26.95
C ALA D 596 8.20 -17.85 -28.09
N ALA D 597 8.42 -16.74 -28.78
CA ALA D 597 9.37 -16.69 -29.88
C ALA D 597 10.64 -15.94 -29.57
N THR D 598 10.58 -14.91 -28.73
CA THR D 598 11.78 -14.15 -28.38
C THR D 598 12.71 -14.97 -27.49
N TYR D 599 12.17 -15.58 -26.44
CA TYR D 599 12.91 -16.48 -25.56
C TYR D 599 12.13 -17.78 -25.46
N PRO D 600 12.40 -18.74 -26.36
CA PRO D 600 11.61 -19.99 -26.38
C PRO D 600 11.83 -20.89 -25.17
N GLN D 601 12.83 -20.61 -24.33
CA GLN D 601 13.04 -21.36 -23.10
C GLN D 601 12.02 -21.00 -22.01
N LEU D 602 11.23 -19.94 -22.20
CA LEU D 602 10.30 -19.47 -21.20
C LEU D 602 8.99 -20.25 -21.17
N ASN D 603 8.90 -21.36 -21.91
CA ASN D 603 7.72 -22.22 -21.84
C ASN D 603 7.64 -23.02 -20.55
N ALA D 604 8.72 -23.07 -19.77
CA ALA D 604 8.69 -23.78 -18.49
C ALA D 604 7.84 -23.08 -17.45
N LEU D 605 7.60 -21.77 -17.62
CA LEU D 605 6.73 -21.03 -16.71
C LEU D 605 5.26 -21.30 -16.95
N ASN D 606 4.91 -22.01 -18.03
CA ASN D 606 3.53 -22.36 -18.33
C ASN D 606 3.11 -23.50 -17.41
N ILE D 607 2.71 -23.12 -16.19
CA ILE D 607 2.25 -24.12 -15.22
C ILE D 607 0.91 -24.70 -15.66
N MET D 608 0.04 -23.86 -16.22
CA MET D 608 -1.17 -24.36 -16.87
C MET D 608 -0.80 -24.85 -18.27
N CYS D 609 -1.23 -26.05 -18.62
CA CYS D 609 -0.90 -26.64 -19.91
C CYS D 609 -1.82 -26.03 -20.96
N LEU D 610 -1.50 -24.80 -21.36
CA LEU D 610 -2.28 -24.10 -22.36
C LEU D 610 -1.85 -24.53 -23.76
N HIS D 611 -2.77 -24.39 -24.71
CA HIS D 611 -2.59 -25.00 -26.03
C HIS D 611 -1.58 -24.23 -26.86
N SER D 612 -1.87 -22.98 -27.17
CA SER D 612 -1.04 -22.16 -28.02
C SER D 612 -0.90 -20.79 -27.37
N PRO D 613 0.15 -20.02 -27.72
CA PRO D 613 0.26 -18.65 -27.17
C PRO D 613 -0.91 -17.74 -27.49
N ASP D 614 -1.45 -17.84 -28.72
CA ASP D 614 -2.62 -17.07 -29.09
C ASP D 614 -3.84 -17.49 -28.26
N SER D 615 -3.99 -18.80 -28.02
CA SER D 615 -5.07 -19.28 -27.17
C SER D 615 -4.91 -18.82 -25.74
N ALA D 616 -3.68 -18.76 -25.23
CA ALA D 616 -3.44 -18.32 -23.86
C ALA D 616 -3.77 -16.83 -23.68
N ILE D 617 -3.32 -16.00 -24.63
CA ILE D 617 -3.61 -14.57 -24.57
C ILE D 617 -5.11 -14.32 -24.72
N LEU D 618 -5.75 -15.02 -25.67
CA LEU D 618 -7.19 -14.87 -25.87
C LEU D 618 -7.97 -15.35 -24.65
N SER D 619 -7.51 -16.42 -23.99
CA SER D 619 -8.18 -16.91 -22.78
C SER D 619 -8.05 -15.91 -21.64
N ALA D 620 -6.88 -15.28 -21.50
CA ALA D 620 -6.71 -14.25 -20.48
C ALA D 620 -7.63 -13.06 -20.73
N VAL D 621 -7.75 -12.62 -21.99
CA VAL D 621 -8.62 -11.48 -22.30
C VAL D 621 -10.09 -11.85 -22.12
N ILE D 622 -10.46 -13.09 -22.47
CA ILE D 622 -11.84 -13.55 -22.28
C ILE D 622 -12.18 -13.62 -20.80
N PHE D 623 -11.25 -14.10 -19.97
CA PHE D 623 -11.50 -14.12 -18.53
C PHE D 623 -11.61 -12.72 -17.95
N ASN D 624 -10.77 -11.79 -18.43
CA ASN D 624 -10.87 -10.40 -17.98
C ASN D 624 -12.21 -9.79 -18.35
N ALA D 625 -12.73 -10.11 -19.54
CA ALA D 625 -14.06 -9.63 -19.91
C ALA D 625 -15.16 -10.26 -19.07
N LEU D 626 -15.06 -11.58 -18.82
CA LEU D 626 -16.17 -12.30 -18.19
C LEU D 626 -16.21 -12.15 -16.67
N ILE D 627 -15.08 -11.80 -16.03
CA ILE D 627 -15.08 -11.65 -14.58
C ILE D 627 -15.90 -10.45 -14.14
N ILE D 628 -16.02 -9.43 -15.01
CA ILE D 628 -16.85 -8.28 -14.70
C ILE D 628 -18.32 -8.67 -14.64
N VAL D 629 -18.79 -9.45 -15.62
CA VAL D 629 -20.17 -9.93 -15.60
C VAL D 629 -20.39 -10.88 -14.43
N PHE D 630 -19.40 -11.73 -14.14
CA PHE D 630 -19.54 -12.65 -13.01
C PHE D 630 -19.51 -11.94 -11.67
N LEU D 631 -19.03 -10.69 -11.61
CA LEU D 631 -19.02 -9.94 -10.36
C LEU D 631 -19.99 -8.74 -10.36
N ILE D 632 -20.81 -8.57 -11.41
CA ILE D 632 -21.95 -7.65 -11.32
C ILE D 632 -22.91 -7.96 -10.16
N PRO D 633 -23.37 -9.22 -9.96
CA PRO D 633 -24.27 -9.46 -8.81
C PRO D 633 -23.63 -9.19 -7.45
N LEU D 634 -22.33 -9.44 -7.30
CA LEU D 634 -21.66 -9.14 -6.05
C LEU D 634 -21.58 -7.64 -5.82
N ALA D 635 -21.35 -6.86 -6.88
CA ALA D 635 -21.28 -5.41 -6.72
C ALA D 635 -22.66 -4.81 -6.46
N LEU D 636 -23.71 -5.39 -7.06
CA LEU D 636 -25.06 -4.87 -6.84
C LEU D 636 -25.60 -5.24 -5.47
N LYS D 637 -25.36 -6.48 -5.01
CA LYS D 637 -25.89 -6.92 -3.73
C LYS D 637 -24.91 -6.71 -2.58
N GLY D 638 -23.72 -6.17 -2.85
CA GLY D 638 -22.73 -6.03 -1.81
C GLY D 638 -22.10 -7.36 -1.46
N VAL D 639 -21.32 -7.35 -0.39
CA VAL D 639 -20.68 -8.55 0.13
C VAL D 639 -21.48 -9.09 1.30
N SER D 640 -21.61 -10.41 1.37
CA SER D 640 -22.31 -11.07 2.47
C SER D 640 -21.36 -11.17 3.65
N TYR D 641 -21.20 -10.06 4.36
CA TYR D 641 -20.20 -9.96 5.42
C TYR D 641 -20.78 -10.39 6.75
N LYS D 642 -19.95 -11.08 7.54
CA LYS D 642 -20.36 -11.57 8.84
C LYS D 642 -19.89 -10.62 9.92
N PRO D 643 -20.76 -10.14 10.80
CA PRO D 643 -20.32 -9.22 11.86
C PRO D 643 -19.45 -9.91 12.90
N LEU D 644 -18.15 -9.58 12.89
CA LEU D 644 -17.17 -10.16 13.80
C LEU D 644 -16.25 -9.04 14.25
N THR D 645 -15.11 -9.41 14.84
CA THR D 645 -14.10 -8.43 15.18
C THR D 645 -13.38 -7.97 13.91
N ALA D 646 -12.53 -6.96 14.07
CA ALA D 646 -11.82 -6.38 12.92
C ALA D 646 -10.82 -7.38 12.33
N SER D 647 -10.03 -8.03 13.19
CA SER D 647 -9.04 -8.99 12.71
C SER D 647 -9.69 -10.22 12.11
N ALA D 648 -10.76 -10.71 12.73
CA ALA D 648 -11.47 -11.88 12.20
C ALA D 648 -12.16 -11.55 10.89
N MET D 649 -12.71 -10.34 10.76
CA MET D 649 -13.30 -9.90 9.51
C MET D 649 -12.24 -9.79 8.41
N LEU D 650 -11.06 -9.26 8.75
CA LEU D 650 -9.97 -9.19 7.79
C LEU D 650 -9.50 -10.57 7.36
N ARG D 651 -9.40 -11.51 8.30
CA ARG D 651 -8.99 -12.87 7.97
C ARG D 651 -10.01 -13.56 7.07
N ARG D 652 -11.30 -13.45 7.40
CA ARG D 652 -12.34 -14.09 6.60
C ARG D 652 -12.42 -13.48 5.21
N ASN D 653 -12.33 -12.16 5.11
CA ASN D 653 -12.38 -11.52 3.80
C ASN D 653 -11.13 -11.81 2.99
N LEU D 654 -9.96 -11.92 3.63
CA LEU D 654 -8.75 -12.31 2.91
C LEU D 654 -8.87 -13.74 2.38
N TRP D 655 -9.36 -14.66 3.21
CA TRP D 655 -9.56 -16.05 2.79
C TRP D 655 -10.54 -16.14 1.62
N ILE D 656 -11.62 -15.37 1.66
CA ILE D 656 -12.62 -15.44 0.59
C ILE D 656 -12.09 -14.79 -0.69
N TYR D 657 -11.49 -13.60 -0.58
CA TYR D 657 -11.24 -12.78 -1.77
C TYR D 657 -9.79 -12.78 -2.24
N GLY D 658 -8.80 -12.64 -1.35
CA GLY D 658 -7.43 -12.64 -1.79
C GLY D 658 -6.98 -13.98 -2.32
N LEU D 659 -7.26 -15.05 -1.58
CA LEU D 659 -6.97 -16.40 -2.06
C LEU D 659 -7.84 -16.76 -3.25
N GLY D 660 -9.08 -16.27 -3.28
CA GLY D 660 -9.94 -16.51 -4.43
C GLY D 660 -9.41 -15.86 -5.69
N GLY D 661 -8.99 -14.60 -5.60
CA GLY D 661 -8.38 -13.93 -6.73
C GLY D 661 -7.00 -14.44 -7.07
N LEU D 662 -6.35 -15.13 -6.13
CA LEU D 662 -5.12 -15.83 -6.45
C LEU D 662 -5.39 -17.13 -7.21
N LEU D 663 -6.47 -17.83 -6.86
CA LEU D 663 -6.69 -19.19 -7.35
C LEU D 663 -7.58 -19.25 -8.59
N VAL D 664 -8.82 -18.74 -8.50
CA VAL D 664 -9.82 -18.95 -9.56
C VAL D 664 -9.49 -18.34 -10.93
N PRO D 665 -8.63 -17.32 -11.11
CA PRO D 665 -8.21 -17.02 -12.49
C PRO D 665 -7.46 -18.15 -13.18
N PHE D 666 -6.71 -18.97 -12.44
CA PHE D 666 -6.06 -20.14 -13.03
C PHE D 666 -7.10 -21.11 -13.60
N ILE D 667 -8.12 -21.42 -12.80
CA ILE D 667 -9.18 -22.33 -13.22
C ILE D 667 -10.00 -21.72 -14.35
N GLY D 668 -10.26 -20.41 -14.28
CA GLY D 668 -11.03 -19.76 -15.33
C GLY D 668 -10.31 -19.72 -16.66
N ILE D 669 -9.02 -19.38 -16.65
CA ILE D 669 -8.22 -19.38 -17.87
C ILE D 669 -8.09 -20.80 -18.43
N LYS D 670 -7.92 -21.79 -17.55
CA LYS D 670 -7.82 -23.17 -18.00
C LYS D 670 -9.12 -23.67 -18.64
N VAL D 671 -10.27 -23.37 -18.04
CA VAL D 671 -11.52 -23.86 -18.63
C VAL D 671 -11.88 -23.07 -19.88
N ILE D 672 -11.47 -21.79 -19.97
CA ILE D 672 -11.72 -21.03 -21.19
C ILE D 672 -10.86 -21.55 -22.33
N ASP D 673 -9.60 -21.89 -22.05
CA ASP D 673 -8.77 -22.51 -23.08
C ASP D 673 -9.26 -23.91 -23.45
N LEU D 674 -9.82 -24.65 -22.49
CA LEU D 674 -10.42 -25.94 -22.80
C LEU D 674 -11.63 -25.78 -23.72
N LEU D 675 -12.45 -24.76 -23.48
CA LEU D 675 -13.57 -24.46 -24.37
C LEU D 675 -13.08 -24.06 -25.76
N LEU D 676 -11.99 -23.28 -25.82
CA LEU D 676 -11.44 -22.88 -27.11
C LEU D 676 -10.90 -24.10 -27.88
N THR D 677 -10.26 -25.03 -27.18
CA THR D 677 -9.73 -26.22 -27.86
C THR D 677 -10.85 -27.15 -28.33
N VAL D 678 -11.90 -27.33 -27.52
CA VAL D 678 -12.98 -28.19 -27.96
C VAL D 678 -13.89 -27.51 -28.98
N CYS D 679 -13.84 -26.19 -29.08
CA CYS D 679 -14.55 -25.49 -30.16
C CYS D 679 -13.72 -25.36 -31.42
N GLY D 680 -12.40 -25.54 -31.33
CA GLY D 680 -11.55 -25.46 -32.50
C GLY D 680 -11.33 -24.07 -33.04
N LEU D 681 -11.51 -23.04 -32.20
CA LEU D 681 -11.28 -21.67 -32.64
C LEU D 681 -9.80 -21.40 -32.81
N VAL D 682 -8.96 -22.01 -31.98
CA VAL D 682 -7.51 -21.82 -32.06
C VAL D 682 -6.86 -23.04 -32.69
K K E . 7.07 -0.64 -6.23
K K F . 9.24 2.06 -2.72
K K G . 13.36 4.09 -2.68
K K H . 15.39 6.58 -1.78
K K I . 3.32 0.29 -7.59
K K J . 23.75 3.21 -1.37
K K K . 29.60 0.80 -5.71
C1 CDL L . 9.92 -6.09 25.56
O1 CDL L . 9.63 -5.33 26.73
CA2 CDL L . 10.29 -5.15 24.43
OA2 CDL L . 11.68 -5.34 24.08
PA1 CDL L . 12.06 -5.96 22.65
OA3 CDL L . 10.86 -6.52 21.97
OA4 CDL L . 12.92 -4.94 21.93
OA5 CDL L . 13.05 -7.17 23.03
CA3 CDL L . 12.51 -8.29 23.77
CA4 CDL L . 13.61 -8.93 24.58
OA6 CDL L . 13.16 -10.23 25.05
CA5 CDL L . 13.70 -11.32 24.51
OA7 CDL L . 14.75 -11.79 24.89
C11 CDL L . 12.87 -11.89 23.39
C12 CDL L . 12.42 -13.29 23.62
C13 CDL L . 12.24 -14.05 22.32
C14 CDL L . 13.47 -14.10 21.46
C15 CDL L . 14.19 -15.42 21.49
C16 CDL L . 15.67 -15.33 21.24
C17 CDL L . 16.11 -15.90 19.91
C18 CDL L . 15.88 -17.38 19.78
C19 CDL L . 15.30 -17.80 18.45
C20 CDL L . 14.41 -19.02 18.52
C21 CDL L . 13.11 -18.78 19.26
C22 CDL L . 11.94 -19.56 18.71
C23 CDL L . 10.64 -19.32 19.44
C24 CDL L . 9.41 -19.62 18.62
C25 CDL L . 9.52 -19.26 17.16
C26 CDL L . 8.34 -18.48 16.64
C27 CDL L . 8.36 -18.29 15.15
CA6 CDL L . 14.06 -8.09 25.75
OA8 CDL L . 15.38 -7.58 25.47
CA7 CDL L . 16.41 -8.33 25.86
OA9 CDL L . 16.42 -8.96 26.89
C31 CDL L . 17.55 -8.27 24.87
C32 CDL L . 17.54 -9.40 23.90
C33 CDL L . 17.34 -8.93 22.47
C34 CDL L . 16.19 -9.58 21.76
C35 CDL L . 16.30 -11.07 21.63
C36 CDL L . 17.03 -11.51 20.39
C37 CDL L . 16.12 -11.83 19.23
C38 CDL L . 16.80 -12.50 18.08
C39 CDL L . 15.88 -13.04 17.03
C40 CDL L . 16.57 -13.68 15.86
C41 CDL L . 17.47 -14.83 16.23
C42 CDL L . 17.19 -16.11 15.49
C43 CDL L . 16.53 -15.93 14.15
C44 CDL L . 16.56 -17.15 13.27
C45 CDL L . 16.77 -16.84 11.81
C46 CDL L . 16.83 -18.05 10.92
C47 CDL L . 15.47 -18.63 10.59
CB2 CDL L . 8.75 -7.00 25.25
OB2 CDL L . 9.03 -7.79 24.07
PB2 CDL L . 8.75 -9.37 24.10
OB3 CDL L . 7.27 -9.59 24.12
OB4 CDL L . 9.62 -9.99 25.17
OB5 CDL L . 9.30 -9.89 22.69
CB3 CDL L . 9.15 -11.28 22.33
CB4 CDL L . 9.20 -11.50 20.83
OB6 CDL L . 10.04 -10.51 20.19
CB5 CDL L . 11.01 -10.94 19.37
OB7 CDL L . 10.80 -11.55 18.36
C51 CDL L . 12.37 -10.54 19.85
C52 CDL L . 12.49 -9.06 20.09
C53 CDL L . 13.57 -8.41 19.25
C54 CDL L . 13.52 -8.74 17.78
C55 CDL L . 12.44 -8.02 17.03
C56 CDL L . 11.71 -8.88 16.03
C57 CDL L . 12.57 -9.33 14.88
C58 CDL L . 12.10 -10.60 14.24
C59 CDL L . 12.65 -11.85 14.86
C60 CDL L . 13.46 -12.70 13.91
C61 CDL L . 12.63 -13.56 13.00
C62 CDL L . 13.43 -14.36 12.02
C63 CDL L . 12.72 -14.59 10.71
C64 CDL L . 11.67 -15.66 10.76
C65 CDL L . 11.93 -16.84 9.85
C66 CDL L . 10.76 -17.21 8.98
C67 CDL L . 11.03 -17.10 7.51
CB6 CDL L . 7.84 -11.48 20.15
OB8 CDL L . 6.94 -10.62 20.88
CB7 CDL L . 5.66 -10.70 20.55
OB9 CDL L . 5.24 -10.41 19.46
C71 CDL L . 4.82 -11.20 21.70
C72 CDL L . 4.31 -12.60 21.49
C73 CDL L . 5.20 -13.65 22.13
C74 CDL L . 5.45 -14.86 21.26
C75 CDL L . 6.91 -15.12 20.99
C76 CDL L . 7.17 -15.83 19.67
C77 CDL L . 8.16 -15.13 18.78
C78 CDL L . 9.55 -15.01 19.36
C79 CDL L . 10.62 -15.64 18.52
C80 CDL L . 11.77 -14.73 18.15
C81 CDL L . 12.66 -15.26 17.07
C82 CDL L . 11.98 -16.22 16.13
C83 CDL L . 12.90 -16.94 15.18
C84 CDL L . 12.19 -17.69 14.10
C85 CDL L . 12.91 -18.93 13.63
C86 CDL L . 13.30 -19.89 14.74
C87 CDL L . 14.67 -20.49 14.56
C1 CDL M . -2.41 -9.36 18.32
O1 CDL M . -3.12 -8.58 19.28
CA2 CDL M . -0.92 -9.28 18.62
OA2 CDL M . -0.29 -10.54 18.29
PA1 CDL M . 1.18 -10.84 18.84
OA3 CDL M . 2.16 -9.97 18.10
OA4 CDL M . 1.15 -10.78 20.35
OA5 CDL M . 1.42 -12.36 18.39
CA3 CDL M . 1.14 -13.43 19.33
CA4 CDL M . 0.91 -14.74 18.59
OA6 CDL M . 1.88 -14.90 17.51
CA5 CDL M . 3.05 -15.48 17.78
OA7 CDL M . 3.16 -16.41 18.54
C11 CDL M . 4.21 -14.83 17.06
C12 CDL M . 4.64 -13.54 17.67
C13 CDL M . 5.31 -12.63 16.67
C14 CDL M . 4.37 -11.72 15.92
C15 CDL M . 4.58 -11.71 14.42
C16 CDL M . 4.88 -13.06 13.83
C17 CDL M . 4.91 -13.10 12.33
C18 CDL M . 4.49 -14.42 11.74
C19 CDL M . 5.33 -14.87 10.58
C20 CDL M . 5.02 -14.15 9.29
C21 CDL M . 3.56 -14.15 8.90
C22 CDL M . 3.27 -14.86 7.60
C23 CDL M . 4.31 -14.66 6.53
C24 CDL M . 3.87 -15.08 5.16
C25 CDL M . 3.31 -13.95 4.32
C26 CDL M . 2.11 -14.30 3.49
C27 CDL M . 2.19 -13.76 2.08
CA6 CDL M . -0.50 -14.85 18.02
OA8 CDL M . -0.71 -16.21 17.59
CA7 CDL M . -0.97 -17.11 18.54
OA9 CDL M . -1.75 -16.93 19.43
C31 CDL M . -0.17 -18.37 18.33
C32 CDL M . -1.02 -19.59 18.09
C33 CDL M . -1.68 -19.58 16.72
C34 CDL M . -0.72 -19.48 15.57
C35 CDL M . -1.14 -18.53 14.49
C36 CDL M . -0.17 -17.39 14.25
C37 CDL M . 1.27 -17.69 14.60
C38 CDL M . 2.27 -17.29 13.56
C39 CDL M . 1.77 -17.37 12.13
C40 CDL M . 2.57 -18.29 11.25
C41 CDL M . 2.49 -17.95 9.78
C42 CDL M . 2.55 -19.14 8.86
C43 CDL M . 1.41 -19.21 7.87
C44 CDL M . 0.32 -20.17 8.29
C45 CDL M . -1.08 -19.59 8.23
C46 CDL M . -1.98 -20.07 9.33
C47 CDL M . -1.58 -19.61 10.70
CB2 CDL M . -2.77 -8.89 16.93
OB2 CDL M . -2.65 -10.01 16.02
PB2 CDL M . -3.74 -10.21 14.86
OB3 CDL M . -3.58 -9.09 13.87
OB4 CDL M . -5.07 -10.44 15.53
OB5 CDL M . -3.25 -11.58 14.17
CB3 CDL M . -4.18 -12.69 14.04
CB4 CDL M . -3.37 -13.95 13.84
OB6 CDL M . -4.13 -14.85 12.98
CB5 CDL M . -3.45 -15.68 12.17
OB7 CDL M . -3.41 -16.87 12.35
C51 CDL M . -2.77 -14.96 11.06
C52 CDL M . -1.57 -15.66 10.52
C53 CDL M . -0.94 -14.92 9.36
C54 CDL M . -0.40 -15.83 8.28
C55 CDL M . -0.82 -15.46 6.88
C56 CDL M . -1.10 -13.99 6.67
C57 CDL M . -1.37 -13.62 5.23
C58 CDL M . -2.13 -12.34 5.06
C59 CDL M . -2.46 -12.01 3.63
C60 CDL M . -1.26 -11.94 2.71
C61 CDL M . -1.56 -11.40 1.34
C62 CDL M . -1.68 -9.90 1.28
C63 CDL M . -2.80 -9.41 0.39
C64 CDL M . -2.52 -8.09 -0.29
C65 CDL M . -3.35 -7.86 -1.52
C66 CDL M . -3.70 -6.42 -1.79
C67 CDL M . -2.51 -5.56 -2.11
CB6 CDL M . -3.03 -14.66 15.12
OB8 CDL M . -4.22 -14.77 15.94
CB7 CDL M . -4.28 -15.81 16.74
OB9 CDL M . -4.21 -15.73 17.94
C71 CDL M . -4.47 -17.10 15.98
C72 CDL M . -5.91 -17.45 15.77
C73 CDL M . -6.33 -17.28 14.32
C74 CDL M . -7.17 -18.40 13.78
C75 CDL M . -7.15 -18.52 12.27
C76 CDL M . -5.94 -19.25 11.73
C77 CDL M . -5.82 -19.21 10.23
C78 CDL M . -5.93 -17.82 9.65
C79 CDL M . -4.79 -17.43 8.74
C80 CDL M . -4.94 -16.07 8.12
C81 CDL M . -4.67 -16.03 6.64
C82 CDL M . -5.62 -15.16 5.88
C83 CDL M . -5.18 -14.89 4.46
C84 CDL M . -5.04 -16.12 3.61
C85 CDL M . -5.39 -15.90 2.15
C86 CDL M . -5.01 -14.54 1.61
C87 CDL M . -4.03 -14.61 0.47
K K N . 0.37 1.28 -5.89
K K O . -7.39 -7.59 -13.08
V VO4 P . -33.85 12.18 22.72
O1 VO4 P . -33.89 12.69 24.55
O2 VO4 P . -34.71 13.58 21.73
O3 VO4 P . -32.04 11.94 22.14
O4 VO4 P . -34.75 10.52 22.44
#